data_6PFD
#
_entry.id   6PFD
#
_cell.length_a   213.033
_cell.length_b   115.887
_cell.length_c   220.808
_cell.angle_alpha   90.00
_cell.angle_beta   95.05
_cell.angle_gamma   90.00
#
_symmetry.space_group_name_H-M   'C 1 2 1'
#
loop_
_entity.id
_entity.type
_entity.pdbx_description
1 polymer 'Bifunctional dihydrofolate reductase-thymidylate synthase'
2 non-polymer 'NADPH DIHYDRO-NICOTINAMIDE-ADENINE-DINUCLEOTIDE PHOSPHATE'
3 non-polymer "5-FLUORO-2'-DEOXYURIDINE-5'-MONOPHOSPHATE"
4 non-polymer '2-({4-[(2-amino-4-oxo-4,7-dihydro-3H-pyrrolo[2,3-d]pyrimidin-5-yl)methyl]benzene-1-carbonyl}amino)benzene-1,4-dicarboxylic acid'
5 non-polymer METHOTREXATE
#
_entity_poly.entity_id   1
_entity_poly.type   'polypeptide(L)'
_entity_poly.pdbx_seq_one_letter_code
;MSEKNVSIVVAASVLSSGIGINGQLPWSISEDLKFFSKITNNKCDSNKKNALIMGRKTWDSIGRRPLKNRIIVVISSSLP
QDEADPNVVVFRNLEDSIENLMNDDSIENIFVCGGESIYRDALKDNFVDRIYLTRVALEDIEFDTYFPEIPETFLPVYMS
QTFCTKNISYDFMIFEKQEKKTLQNCDPARGQLKSIDDTVDLLGEIFGIRKMGNRHKFPKEEIYNTPSIRFGREHYEFQY
LDLLSRVLENGAYRENRTGISTYSIFGQMMRFDMRESFPLLTTKKVAIRSIFEELIWFIKGDTNGNHLIEKKVYIWSGNG
SKEYLERIGLGHREENDLGPIYGFQWRHYNGEYKTMHDDYTGVGVDQLAKLIETLKNNPKDRRHILTAWNPSALSQMALP
PCHVLSQYYVTNDNCLSCNLYQRSCDLGLGSPFNIASYAILTMMLAQVCGYEPGELAIFIGDAHIYENHLTQLKEQLSRT
PRPFPQLKFKRKVENIEDFKWEDIELIGYYPYPTIKMDMAV
;
_entity_poly.pdbx_strand_id   A,B,C,D,E
#
# COMPACT_ATOMS: atom_id res chain seq x y z
N GLU A 3 -35.40 17.69 -19.61
CA GLU A 3 -35.19 16.65 -20.62
C GLU A 3 -33.71 16.52 -20.95
N LYS A 4 -33.03 15.59 -20.27
CA LYS A 4 -31.61 15.33 -20.47
C LYS A 4 -31.41 13.88 -20.90
N ASN A 5 -30.15 13.51 -21.11
CA ASN A 5 -29.80 12.25 -21.74
C ASN A 5 -29.71 11.12 -20.73
N VAL A 6 -30.11 9.93 -21.18
CA VAL A 6 -30.10 8.72 -20.37
C VAL A 6 -29.39 7.62 -21.14
N SER A 7 -28.40 6.99 -20.50
CA SER A 7 -27.57 5.99 -21.17
C SER A 7 -27.43 4.77 -20.26
N ILE A 8 -27.68 3.59 -20.82
CA ILE A 8 -27.45 2.33 -20.13
C ILE A 8 -25.99 1.95 -20.32
N VAL A 9 -25.25 1.84 -19.22
CA VAL A 9 -23.86 1.39 -19.27
C VAL A 9 -23.83 -0.04 -18.79
N VAL A 10 -23.36 -0.96 -19.63
CA VAL A 10 -23.39 -2.38 -19.27
C VAL A 10 -22.19 -3.08 -19.88
N ALA A 11 -21.73 -4.13 -19.20
CA ALA A 11 -20.70 -5.04 -19.70
C ALA A 11 -21.26 -6.45 -19.68
N ALA A 12 -21.49 -7.02 -20.86
CA ALA A 12 -22.14 -8.33 -20.97
C ALA A 12 -21.31 -9.26 -21.85
N SER A 13 -21.60 -10.54 -21.74
CA SER A 13 -20.92 -11.52 -22.58
C SER A 13 -21.42 -11.42 -24.02
N VAL A 14 -20.63 -11.96 -24.95
CA VAL A 14 -20.88 -11.71 -26.36
C VAL A 14 -22.13 -12.45 -26.84
N LEU A 15 -22.35 -13.68 -26.35
CA LEU A 15 -23.44 -14.49 -26.87
C LEU A 15 -24.65 -14.50 -25.94
N SER A 16 -24.49 -15.07 -24.74
CA SER A 16 -25.60 -15.19 -23.81
C SER A 16 -25.94 -13.89 -23.10
N SER A 17 -25.10 -12.85 -23.25
CA SER A 17 -25.35 -11.54 -22.65
C SER A 17 -25.39 -11.60 -21.13
N GLY A 18 -24.58 -12.48 -20.53
CA GLY A 18 -24.51 -12.54 -19.08
C GLY A 18 -23.70 -11.41 -18.50
N ILE A 19 -24.11 -10.95 -17.31
CA ILE A 19 -23.47 -9.79 -16.69
C ILE A 19 -23.00 -10.05 -15.26
N GLY A 20 -23.43 -11.11 -14.60
CA GLY A 20 -23.05 -11.33 -13.22
C GLY A 20 -23.23 -12.77 -12.83
N ILE A 21 -22.67 -13.12 -11.67
CA ILE A 21 -22.79 -14.47 -11.13
C ILE A 21 -22.59 -14.43 -9.62
N ASN A 22 -23.61 -14.88 -8.87
CA ASN A 22 -23.56 -14.93 -7.41
C ASN A 22 -23.20 -13.58 -6.81
N GLY A 23 -23.79 -12.52 -7.36
CA GLY A 23 -23.62 -11.18 -6.82
C GLY A 23 -22.30 -10.51 -7.14
N GLN A 24 -21.54 -11.04 -8.09
CA GLN A 24 -20.28 -10.41 -8.51
C GLN A 24 -20.15 -10.54 -10.02
N LEU A 25 -19.11 -9.90 -10.56
CA LEU A 25 -18.86 -9.93 -11.99
C LEU A 25 -18.21 -11.24 -12.41
N PRO A 26 -18.57 -11.77 -13.58
CA PRO A 26 -17.93 -13.01 -14.07
C PRO A 26 -16.57 -12.80 -14.71
N TRP A 27 -15.95 -11.64 -14.51
CA TRP A 27 -14.64 -11.35 -15.06
C TRP A 27 -14.06 -10.17 -14.30
N SER A 28 -12.73 -10.03 -14.38
CA SER A 28 -12.02 -8.92 -13.75
C SER A 28 -11.20 -8.24 -14.84
N ILE A 29 -11.77 -7.21 -15.46
CA ILE A 29 -11.12 -6.46 -16.53
C ILE A 29 -11.01 -5.02 -16.04
N SER A 30 -9.79 -4.62 -15.65
CA SER A 30 -9.59 -3.29 -15.08
C SER A 30 -9.89 -2.19 -16.08
N GLU A 31 -9.54 -2.41 -17.34
CA GLU A 31 -9.78 -1.39 -18.37
C GLU A 31 -11.26 -1.10 -18.52
N ASP A 32 -12.12 -2.09 -18.31
CA ASP A 32 -13.56 -1.85 -18.40
C ASP A 32 -14.05 -1.01 -17.23
N LEU A 33 -13.52 -1.24 -16.03
CA LEU A 33 -13.86 -0.37 -14.91
C LEU A 33 -13.40 1.05 -15.16
N LYS A 34 -12.22 1.22 -15.76
CA LYS A 34 -11.77 2.56 -16.11
C LYS A 34 -12.70 3.19 -17.15
N PHE A 35 -13.17 2.40 -18.11
CA PHE A 35 -14.13 2.92 -19.09
C PHE A 35 -15.42 3.35 -18.42
N PHE A 36 -15.91 2.55 -17.48
CA PHE A 36 -17.10 2.93 -16.71
C PHE A 36 -16.88 4.27 -16.02
N SER A 37 -15.74 4.39 -15.32
CA SER A 37 -15.45 5.60 -14.56
C SER A 37 -15.35 6.82 -15.47
N LYS A 38 -14.73 6.66 -16.64
CA LYS A 38 -14.56 7.80 -17.54
C LYS A 38 -15.87 8.18 -18.23
N ILE A 39 -16.72 7.20 -18.54
CA ILE A 39 -17.94 7.53 -19.26
C ILE A 39 -19.01 8.07 -18.33
N THR A 40 -19.01 7.66 -17.06
CA THR A 40 -20.01 8.19 -16.14
C THR A 40 -19.62 9.53 -15.54
N ASN A 41 -18.34 9.90 -15.60
CA ASN A 41 -17.89 11.22 -15.16
C ASN A 41 -17.85 12.23 -16.30
N ASN A 42 -18.18 11.81 -17.52
CA ASN A 42 -18.17 12.72 -18.66
C ASN A 42 -19.28 13.75 -18.51
N LYS A 43 -18.90 15.04 -18.49
CA LYS A 43 -19.88 16.10 -18.27
C LYS A 43 -19.38 17.38 -18.90
N CYS A 44 -20.31 18.19 -19.39
CA CYS A 44 -20.01 19.47 -20.02
C CYS A 44 -20.03 20.64 -19.03
N ASP A 45 -20.68 20.47 -17.88
CA ASP A 45 -20.77 21.50 -16.85
C ASP A 45 -20.04 21.02 -15.60
N SER A 46 -19.14 21.85 -15.08
CA SER A 46 -18.42 21.48 -13.86
C SER A 46 -19.27 21.66 -12.61
N ASN A 47 -20.32 22.47 -12.66
CA ASN A 47 -21.21 22.69 -11.53
C ASN A 47 -22.37 21.72 -11.52
N LYS A 48 -22.27 20.62 -12.25
CA LYS A 48 -23.31 19.60 -12.30
C LYS A 48 -22.68 18.22 -12.11
N LYS A 49 -23.44 17.32 -11.51
CA LYS A 49 -23.01 15.94 -11.30
C LYS A 49 -23.85 15.01 -12.18
N ASN A 50 -23.34 13.80 -12.37
CA ASN A 50 -24.05 12.78 -13.12
C ASN A 50 -24.70 11.79 -12.17
N ALA A 51 -25.90 11.35 -12.51
CA ALA A 51 -26.66 10.41 -11.70
C ALA A 51 -26.47 9.00 -12.23
N LEU A 52 -26.15 8.08 -11.33
CA LEU A 52 -25.97 6.67 -11.67
C LEU A 52 -27.05 5.87 -10.95
N ILE A 53 -28.02 5.38 -11.71
CA ILE A 53 -29.11 4.58 -11.16
C ILE A 53 -28.69 3.13 -11.12
N MET A 54 -28.94 2.47 -9.99
CA MET A 54 -28.59 1.06 -9.85
C MET A 54 -29.55 0.39 -8.87
N GLY A 55 -29.70 -0.92 -9.04
CA GLY A 55 -30.53 -1.70 -8.14
C GLY A 55 -29.86 -1.94 -6.80
N ARG A 56 -30.63 -2.54 -5.88
CA ARG A 56 -30.10 -2.74 -4.54
C ARG A 56 -28.96 -3.75 -4.53
N LYS A 57 -29.08 -4.82 -5.31
CA LYS A 57 -28.03 -5.83 -5.32
C LYS A 57 -26.77 -5.27 -5.96
N THR A 58 -26.91 -4.46 -7.00
CA THR A 58 -25.75 -3.78 -7.56
C THR A 58 -25.15 -2.80 -6.56
N TRP A 59 -26.02 -2.10 -5.82
CA TRP A 59 -25.54 -1.22 -4.75
C TRP A 59 -24.76 -1.98 -3.70
N ASP A 60 -25.15 -3.23 -3.43
CA ASP A 60 -24.36 -4.08 -2.55
C ASP A 60 -23.05 -4.50 -3.21
N SER A 61 -23.06 -4.69 -4.54
CA SER A 61 -21.88 -5.17 -5.25
C SER A 61 -20.74 -4.16 -5.23
N ILE A 62 -21.04 -2.87 -5.12
CA ILE A 62 -19.99 -1.86 -5.10
C ILE A 62 -19.63 -1.52 -3.66
N GLY A 63 -20.06 -2.37 -2.72
CA GLY A 63 -19.69 -2.17 -1.32
C GLY A 63 -20.47 -1.12 -0.57
N ARG A 64 -21.60 -0.65 -1.12
CA ARG A 64 -22.42 0.36 -0.47
C ARG A 64 -21.62 1.61 -0.12
N ARG A 65 -20.73 2.00 -1.04
CA ARG A 65 -19.93 3.20 -0.88
C ARG A 65 -20.11 4.11 -2.08
N PRO A 66 -20.11 5.43 -1.89
CA PRO A 66 -20.36 6.34 -3.00
C PRO A 66 -19.23 6.35 -4.01
N LEU A 67 -19.57 6.78 -5.22
CA LEU A 67 -18.61 6.99 -6.30
C LEU A 67 -18.28 8.47 -6.43
N LYS A 68 -17.01 8.78 -6.64
CA LYS A 68 -16.55 10.16 -6.62
C LYS A 68 -17.18 10.96 -7.75
N ASN A 69 -17.57 12.20 -7.43
CA ASN A 69 -18.10 13.18 -8.38
C ASN A 69 -19.40 12.71 -9.04
N ARG A 70 -20.11 11.78 -8.43
CA ARG A 70 -21.34 11.24 -9.01
C ARG A 70 -22.35 11.00 -7.90
N ILE A 71 -23.63 11.11 -8.25
CA ILE A 71 -24.73 10.88 -7.32
C ILE A 71 -25.34 9.52 -7.63
N ILE A 72 -25.27 8.61 -6.68
CA ILE A 72 -25.78 7.26 -6.85
C ILE A 72 -27.23 7.22 -6.41
N VAL A 73 -28.09 6.67 -7.27
CA VAL A 73 -29.52 6.55 -7.03
C VAL A 73 -29.83 5.06 -6.95
N VAL A 74 -30.15 4.60 -5.74
CA VAL A 74 -30.44 3.19 -5.50
C VAL A 74 -31.94 2.99 -5.57
N ILE A 75 -32.37 2.10 -6.45
CA ILE A 75 -33.78 1.71 -6.54
C ILE A 75 -33.96 0.52 -5.60
N SER A 76 -34.75 0.71 -4.54
CA SER A 76 -34.97 -0.33 -3.56
C SER A 76 -36.28 -0.05 -2.83
N SER A 77 -37.04 -1.11 -2.57
CA SER A 77 -38.29 -1.02 -1.83
C SER A 77 -38.10 -1.27 -0.34
N SER A 78 -36.87 -1.52 0.12
CA SER A 78 -36.61 -1.79 1.52
C SER A 78 -35.58 -0.85 2.15
N LEU A 79 -34.65 -0.33 1.37
CA LEU A 79 -33.61 0.53 1.95
C LEU A 79 -34.21 1.83 2.49
N PRO A 80 -33.87 2.23 3.71
CA PRO A 80 -34.40 3.49 4.25
C PRO A 80 -33.83 4.67 3.49
N GLN A 81 -34.71 5.60 3.10
CA GLN A 81 -34.33 6.79 2.34
C GLN A 81 -33.47 7.69 3.24
N ASP A 82 -32.20 7.33 3.33
CA ASP A 82 -31.25 8.05 4.19
C ASP A 82 -30.80 9.34 3.52
N GLU A 83 -30.79 10.42 4.29
CA GLU A 83 -30.33 11.72 3.82
C GLU A 83 -28.97 12.10 4.36
N ALA A 84 -28.34 11.24 5.17
CA ALA A 84 -27.02 11.55 5.71
C ALA A 84 -25.98 11.66 4.60
N ASP A 85 -25.89 10.66 3.75
CA ASP A 85 -24.94 10.70 2.64
C ASP A 85 -25.54 11.52 1.50
N PRO A 86 -24.94 12.66 1.13
CA PRO A 86 -25.47 13.45 0.03
C PRO A 86 -25.18 12.88 -1.35
N ASN A 87 -24.26 11.92 -1.45
CA ASN A 87 -23.91 11.30 -2.72
C ASN A 87 -24.74 10.07 -3.04
N VAL A 88 -25.66 9.67 -2.14
CA VAL A 88 -26.49 8.49 -2.34
C VAL A 88 -27.92 8.83 -1.96
N VAL A 89 -28.87 8.50 -2.83
CA VAL A 89 -30.30 8.74 -2.59
C VAL A 89 -31.06 7.48 -3.00
N VAL A 90 -32.14 7.20 -2.26
CA VAL A 90 -32.93 5.97 -2.45
C VAL A 90 -34.30 6.33 -3.01
N PHE A 91 -34.74 5.56 -4.01
CA PHE A 91 -36.07 5.72 -4.59
C PHE A 91 -36.78 4.38 -4.61
N ARG A 92 -38.11 4.43 -4.45
CA ARG A 92 -38.89 3.21 -4.30
C ARG A 92 -39.17 2.53 -5.63
N ASN A 93 -39.25 3.29 -6.72
CA ASN A 93 -39.47 2.73 -8.04
C ASN A 93 -38.62 3.50 -9.05
N LEU A 94 -38.54 2.96 -10.26
CA LEU A 94 -37.69 3.56 -11.28
C LEU A 94 -38.31 4.83 -11.85
N GLU A 95 -39.64 4.88 -11.98
CA GLU A 95 -40.28 6.04 -12.57
C GLU A 95 -40.11 7.28 -11.69
N ASP A 96 -40.24 7.12 -10.37
CA ASP A 96 -40.05 8.26 -9.48
C ASP A 96 -38.61 8.77 -9.54
N SER A 97 -37.66 7.87 -9.76
CA SER A 97 -36.27 8.29 -9.89
C SER A 97 -36.03 9.11 -11.15
N ILE A 98 -36.88 8.96 -12.17
CA ILE A 98 -36.78 9.80 -13.35
C ILE A 98 -37.49 11.11 -13.06
N GLU A 99 -37.01 11.82 -12.05
CA GLU A 99 -37.44 13.18 -11.76
C GLU A 99 -36.35 14.20 -12.06
N ASN A 100 -35.13 13.73 -12.31
CA ASN A 100 -34.04 14.63 -12.69
C ASN A 100 -34.31 15.30 -14.03
N LEU A 101 -35.17 14.71 -14.87
CA LEU A 101 -35.57 15.37 -16.10
C LEU A 101 -36.41 16.61 -15.81
N MET A 102 -37.40 16.48 -14.92
CA MET A 102 -38.29 17.59 -14.59
C MET A 102 -37.56 18.63 -13.75
N ASN A 103 -37.35 18.32 -12.47
CA ASN A 103 -36.64 19.22 -11.58
C ASN A 103 -35.19 18.76 -11.45
N ASP A 104 -34.49 19.28 -10.44
CA ASP A 104 -33.10 18.96 -10.17
C ASP A 104 -32.24 19.20 -11.41
N ASP A 105 -32.03 20.50 -11.68
CA ASP A 105 -31.23 20.92 -12.83
C ASP A 105 -29.74 20.75 -12.59
N SER A 106 -29.33 20.35 -11.39
CA SER A 106 -27.94 20.09 -11.07
C SER A 106 -27.44 18.76 -11.63
N ILE A 107 -28.31 17.98 -12.25
CA ILE A 107 -27.92 16.72 -12.89
C ILE A 107 -27.86 16.95 -14.39
N GLU A 108 -26.74 16.57 -15.01
CA GLU A 108 -26.56 16.78 -16.44
C GLU A 108 -26.93 15.55 -17.25
N ASN A 109 -26.33 14.40 -16.93
CA ASN A 109 -26.62 13.15 -17.62
C ASN A 109 -27.04 12.09 -16.61
N ILE A 110 -27.79 11.10 -17.09
CA ILE A 110 -28.29 10.01 -16.27
C ILE A 110 -27.76 8.71 -16.84
N PHE A 111 -27.24 7.85 -15.98
CA PHE A 111 -26.68 6.58 -16.38
C PHE A 111 -27.41 5.46 -15.66
N VAL A 112 -28.04 4.58 -16.43
CA VAL A 112 -28.64 3.36 -15.91
C VAL A 112 -27.55 2.31 -15.84
N CYS A 113 -27.24 1.86 -14.62
CA CYS A 113 -26.15 0.93 -14.41
C CYS A 113 -26.54 -0.19 -13.45
N GLY A 114 -27.83 -0.46 -13.28
CA GLY A 114 -28.30 -1.44 -12.33
C GLY A 114 -28.13 -2.85 -12.83
N GLY A 115 -28.96 -3.75 -12.28
CA GLY A 115 -28.95 -5.14 -12.66
C GLY A 115 -29.91 -5.42 -13.80
N GLU A 116 -30.14 -6.72 -14.03
CA GLU A 116 -31.11 -7.12 -15.03
C GLU A 116 -32.49 -6.53 -14.73
N SER A 117 -32.90 -6.55 -13.46
CA SER A 117 -34.20 -6.02 -13.07
C SER A 117 -34.32 -4.53 -13.31
N ILE A 118 -33.21 -3.81 -13.42
CA ILE A 118 -33.25 -2.39 -13.72
C ILE A 118 -33.17 -2.14 -15.22
N TYR A 119 -32.26 -2.83 -15.91
CA TYR A 119 -32.15 -2.68 -17.36
C TYR A 119 -33.46 -3.04 -18.05
N ARG A 120 -34.10 -4.13 -17.63
CA ARG A 120 -35.26 -4.65 -18.36
C ARG A 120 -36.40 -3.65 -18.38
N ASP A 121 -36.76 -3.10 -17.21
CA ASP A 121 -37.85 -2.13 -17.14
C ASP A 121 -37.36 -0.70 -17.28
N ALA A 122 -36.07 -0.48 -17.53
CA ALA A 122 -35.63 0.80 -18.07
C ALA A 122 -35.77 0.84 -19.57
N LEU A 123 -35.58 -0.31 -20.23
CA LEU A 123 -35.87 -0.40 -21.66
C LEU A 123 -37.36 -0.60 -21.91
N LYS A 124 -38.04 -1.36 -21.05
CA LYS A 124 -39.47 -1.59 -21.23
C LYS A 124 -40.26 -0.29 -21.11
N ASP A 125 -39.93 0.52 -20.11
CA ASP A 125 -40.57 1.82 -19.93
C ASP A 125 -40.03 2.87 -20.91
N ASN A 126 -39.06 2.49 -21.74
CA ASN A 126 -38.54 3.36 -22.80
C ASN A 126 -38.02 4.68 -22.26
N PHE A 127 -37.14 4.58 -21.26
CA PHE A 127 -36.47 5.74 -20.70
C PHE A 127 -35.05 5.93 -21.22
N VAL A 128 -34.55 4.99 -22.02
CA VAL A 128 -33.13 4.93 -22.36
C VAL A 128 -32.93 5.53 -23.75
N ASP A 129 -31.96 6.44 -23.85
CA ASP A 129 -31.58 7.04 -25.12
C ASP A 129 -30.36 6.38 -25.75
N ARG A 130 -29.35 6.04 -24.95
CA ARG A 130 -28.12 5.47 -25.49
C ARG A 130 -27.73 4.21 -24.71
N ILE A 131 -26.88 3.40 -25.32
CA ILE A 131 -26.43 2.15 -24.71
C ILE A 131 -24.93 2.02 -24.97
N TYR A 132 -24.13 2.05 -23.89
CA TYR A 132 -22.69 1.77 -23.96
C TYR A 132 -22.49 0.33 -23.51
N LEU A 133 -22.32 -0.57 -24.47
CA LEU A 133 -22.21 -2.01 -24.22
C LEU A 133 -20.76 -2.45 -24.39
N THR A 134 -20.26 -3.18 -23.40
CA THR A 134 -18.93 -3.77 -23.46
C THR A 134 -19.10 -5.28 -23.67
N ARG A 135 -18.83 -5.74 -24.88
CA ARG A 135 -18.96 -7.16 -25.19
C ARG A 135 -17.71 -7.89 -24.75
N VAL A 136 -17.89 -8.96 -23.97
CA VAL A 136 -16.77 -9.76 -23.46
C VAL A 136 -16.89 -11.17 -24.05
N ALA A 137 -15.76 -11.73 -24.46
CA ALA A 137 -15.73 -13.02 -25.14
C ALA A 137 -15.57 -14.18 -24.16
N LEU A 138 -16.46 -14.27 -23.18
CA LEU A 138 -16.51 -15.39 -22.25
C LEU A 138 -17.90 -16.00 -22.31
N GLU A 139 -17.96 -17.31 -22.57
CA GLU A 139 -19.26 -17.96 -22.72
C GLU A 139 -19.34 -19.36 -22.13
N ASP A 140 -18.23 -20.04 -21.87
CA ASP A 140 -18.26 -21.36 -21.28
C ASP A 140 -18.23 -21.32 -19.76
N ILE A 141 -18.69 -20.22 -19.16
CA ILE A 141 -18.73 -20.08 -17.71
C ILE A 141 -20.17 -20.00 -17.26
N GLU A 142 -20.39 -19.83 -15.97
CA GLU A 142 -21.73 -19.82 -15.41
C GLU A 142 -22.20 -18.39 -15.14
N PHE A 143 -23.44 -18.10 -15.53
CA PHE A 143 -24.08 -16.82 -15.28
C PHE A 143 -25.37 -17.04 -14.50
N ASP A 144 -25.82 -15.99 -13.83
CA ASP A 144 -27.15 -15.99 -13.23
C ASP A 144 -27.91 -14.70 -13.44
N THR A 145 -27.29 -13.67 -14.02
CA THR A 145 -27.93 -12.40 -14.31
C THR A 145 -27.55 -11.99 -15.72
N TYR A 146 -28.54 -11.72 -16.56
CA TYR A 146 -28.32 -11.47 -17.98
C TYR A 146 -28.81 -10.07 -18.35
N PHE A 147 -28.25 -9.55 -19.46
CA PHE A 147 -28.67 -8.27 -20.03
C PHE A 147 -29.75 -8.52 -21.08
N PRO A 148 -30.90 -7.84 -21.00
CA PRO A 148 -31.99 -8.13 -21.94
C PRO A 148 -31.59 -7.83 -23.37
N GLU A 149 -32.21 -8.54 -24.30
CA GLU A 149 -31.93 -8.34 -25.71
C GLU A 149 -32.28 -6.91 -26.12
N ILE A 150 -31.35 -6.24 -26.80
CA ILE A 150 -31.55 -4.84 -27.17
C ILE A 150 -32.72 -4.73 -28.14
N PRO A 151 -33.72 -3.90 -27.85
CA PRO A 151 -34.88 -3.81 -28.75
C PRO A 151 -34.52 -3.22 -30.09
N GLU A 152 -35.40 -3.47 -31.06
CA GLU A 152 -35.16 -3.03 -32.44
C GLU A 152 -35.18 -1.51 -32.59
N THR A 153 -35.68 -0.78 -31.60
CA THR A 153 -35.67 0.68 -31.67
C THR A 153 -34.25 1.24 -31.62
N PHE A 154 -33.29 0.46 -31.12
CA PHE A 154 -31.90 0.87 -31.06
C PHE A 154 -31.14 0.38 -32.28
N LEU A 155 -30.14 1.16 -32.67
CA LEU A 155 -29.25 0.80 -33.77
C LEU A 155 -27.81 1.05 -33.35
N PRO A 156 -26.89 0.17 -33.72
CA PRO A 156 -25.47 0.38 -33.38
C PRO A 156 -24.88 1.47 -34.26
N VAL A 157 -24.12 2.38 -33.63
CA VAL A 157 -23.46 3.46 -34.35
C VAL A 157 -21.95 3.38 -34.23
N TYR A 158 -21.40 2.50 -33.39
CA TYR A 158 -19.97 2.43 -33.17
C TYR A 158 -19.60 1.05 -32.65
N MET A 159 -18.47 0.53 -33.12
CA MET A 159 -17.92 -0.74 -32.65
C MET A 159 -16.40 -0.60 -32.64
N SER A 160 -15.81 -0.61 -31.45
CA SER A 160 -14.38 -0.39 -31.30
C SER A 160 -13.60 -1.62 -31.78
N GLN A 161 -12.28 -1.49 -31.78
CA GLN A 161 -11.43 -2.63 -32.05
C GLN A 161 -11.45 -3.60 -30.88
N THR A 162 -10.92 -4.80 -31.12
CA THR A 162 -10.87 -5.81 -30.08
C THR A 162 -9.68 -5.54 -29.14
N PHE A 163 -9.95 -5.57 -27.84
CA PHE A 163 -8.92 -5.39 -26.82
C PHE A 163 -8.75 -6.67 -26.04
N CYS A 164 -7.58 -6.81 -25.40
CA CYS A 164 -7.19 -8.00 -24.67
C CYS A 164 -6.84 -7.64 -23.23
N THR A 165 -7.31 -8.47 -22.30
CA THR A 165 -6.91 -8.37 -20.90
C THR A 165 -6.98 -9.77 -20.29
N LYS A 166 -5.83 -10.24 -19.78
CA LYS A 166 -5.71 -11.58 -19.23
C LYS A 166 -6.21 -12.62 -20.23
N ASN A 167 -5.77 -12.47 -21.48
CA ASN A 167 -6.11 -13.35 -22.59
C ASN A 167 -7.62 -13.37 -22.87
N ILE A 168 -8.35 -12.34 -22.41
CA ILE A 168 -9.78 -12.22 -22.63
C ILE A 168 -10.00 -11.09 -23.62
N SER A 169 -10.75 -11.37 -24.68
CA SER A 169 -11.04 -10.36 -25.69
C SER A 169 -12.35 -9.66 -25.37
N TYR A 170 -12.39 -8.35 -25.65
CA TYR A 170 -13.60 -7.58 -25.39
C TYR A 170 -13.68 -6.39 -26.33
N ASP A 171 -14.92 -5.95 -26.56
CA ASP A 171 -15.27 -4.86 -27.48
C ASP A 171 -15.94 -3.72 -26.74
N PHE A 172 -16.15 -2.62 -27.46
CA PHE A 172 -16.94 -1.48 -26.99
C PHE A 172 -17.87 -1.06 -28.11
N MET A 173 -19.16 -0.92 -27.80
CA MET A 173 -20.15 -0.56 -28.79
C MET A 173 -21.10 0.49 -28.22
N ILE A 174 -21.62 1.33 -29.10
CA ILE A 174 -22.63 2.33 -28.75
C ILE A 174 -23.87 2.07 -29.58
N PHE A 175 -25.03 2.09 -28.92
CA PHE A 175 -26.32 1.96 -29.58
C PHE A 175 -27.13 3.22 -29.30
N GLU A 176 -27.77 3.74 -30.32
CA GLU A 176 -28.62 4.92 -30.18
C GLU A 176 -30.04 4.59 -30.62
N LYS A 177 -31.00 5.18 -29.92
CA LYS A 177 -32.41 4.95 -30.20
C LYS A 177 -32.83 5.81 -31.38
N GLN A 178 -33.03 5.20 -32.55
CA GLN A 178 -33.38 5.98 -33.73
C GLN A 178 -34.83 6.44 -33.63
N GLU A 179 -35.06 7.72 -33.91
CA GLU A 179 -36.40 8.29 -33.85
C GLU A 179 -36.92 8.69 -35.23
N LEU A 193 -21.99 19.60 -44.43
CA LEU A 193 -22.17 20.52 -45.56
C LEU A 193 -22.70 19.79 -46.78
N LYS A 194 -23.95 20.06 -47.14
CA LYS A 194 -24.57 19.36 -48.26
C LYS A 194 -24.02 19.85 -49.60
N SER A 195 -23.43 21.05 -49.63
CA SER A 195 -22.95 21.62 -50.88
C SER A 195 -21.85 20.77 -51.49
N ILE A 196 -20.93 20.25 -50.66
CA ILE A 196 -19.85 19.41 -51.16
C ILE A 196 -20.41 18.14 -51.80
N ASP A 197 -21.37 17.51 -51.11
CA ASP A 197 -21.97 16.29 -51.64
C ASP A 197 -22.69 16.56 -52.96
N ASP A 198 -23.43 17.67 -53.03
CA ASP A 198 -24.15 18.00 -54.26
C ASP A 198 -23.19 18.28 -55.41
N THR A 199 -22.09 18.98 -55.12
CA THR A 199 -21.11 19.27 -56.16
C THR A 199 -20.46 17.98 -56.67
N VAL A 200 -20.14 17.06 -55.75
CA VAL A 200 -19.55 15.79 -56.19
C VAL A 200 -20.55 14.98 -57.00
N ASP A 201 -21.83 14.99 -56.60
CA ASP A 201 -22.84 14.28 -57.37
C ASP A 201 -22.98 14.85 -58.77
N LEU A 202 -22.95 16.18 -58.90
CA LEU A 202 -23.03 16.78 -60.22
C LEU A 202 -21.81 16.45 -61.07
N LEU A 203 -20.62 16.55 -60.48
CA LEU A 203 -19.40 16.21 -61.21
C LEU A 203 -19.42 14.75 -61.65
N GLY A 204 -20.05 13.87 -60.85
CA GLY A 204 -20.21 12.49 -61.27
C GLY A 204 -21.24 12.32 -62.37
N GLU A 205 -22.28 13.14 -62.37
CA GLU A 205 -23.26 13.10 -63.46
C GLU A 205 -22.63 13.52 -64.77
N ILE A 206 -21.74 14.51 -64.73
CA ILE A 206 -21.09 14.99 -65.95
C ILE A 206 -20.12 13.94 -66.48
N PHE A 207 -19.02 13.72 -65.76
CA PHE A 207 -18.02 12.73 -66.18
C PHE A 207 -18.47 11.34 -65.73
N GLY A 208 -18.70 10.45 -66.68
CA GLY A 208 -19.33 9.19 -66.34
C GLY A 208 -18.46 8.28 -65.52
N ILE A 209 -17.36 7.80 -66.12
CA ILE A 209 -16.42 6.97 -65.39
C ILE A 209 -15.06 7.65 -65.55
N ARG A 210 -15.10 8.91 -66.00
CA ARG A 210 -13.89 9.70 -66.09
C ARG A 210 -13.48 10.24 -64.73
N LYS A 211 -14.46 10.54 -63.88
CA LYS A 211 -14.19 10.86 -62.49
C LYS A 211 -13.86 9.56 -61.76
N MET A 212 -12.66 9.48 -61.20
CA MET A 212 -12.22 8.24 -60.58
C MET A 212 -13.15 7.81 -59.46
N GLY A 213 -13.84 8.76 -58.82
CA GLY A 213 -14.78 8.41 -57.77
C GLY A 213 -15.88 7.47 -58.22
N ASN A 214 -16.33 7.61 -59.47
CA ASN A 214 -17.39 6.74 -59.96
C ASN A 214 -16.92 5.31 -60.14
N ARG A 215 -15.62 5.10 -60.38
CA ARG A 215 -15.09 3.75 -60.46
C ARG A 215 -15.00 3.09 -59.10
N HIS A 216 -15.01 3.89 -58.03
CA HIS A 216 -15.01 3.37 -56.67
C HIS A 216 -16.20 3.91 -55.89
N LYS A 217 -17.41 3.58 -56.34
CA LYS A 217 -18.61 4.08 -55.68
C LYS A 217 -18.74 3.50 -54.27
N PHE A 218 -19.30 4.30 -53.38
CA PHE A 218 -19.56 3.83 -52.03
C PHE A 218 -20.63 2.73 -52.08
N PRO A 219 -20.45 1.65 -51.32
CA PRO A 219 -21.40 0.54 -51.39
C PRO A 219 -22.81 0.95 -50.96
N LYS A 220 -23.80 0.39 -51.64
CA LYS A 220 -25.18 0.63 -51.29
C LYS A 220 -25.51 0.02 -49.94
N GLU A 221 -26.53 0.57 -49.28
CA GLU A 221 -26.89 0.09 -47.95
C GLU A 221 -27.30 -1.38 -47.96
N GLU A 222 -27.81 -1.87 -49.08
CA GLU A 222 -28.27 -3.25 -49.15
C GLU A 222 -27.12 -4.26 -49.16
N ILE A 223 -25.88 -3.81 -49.32
CA ILE A 223 -24.74 -4.73 -49.33
C ILE A 223 -23.65 -4.24 -48.38
N TYR A 224 -24.01 -3.36 -47.45
CA TYR A 224 -23.08 -2.79 -46.48
C TYR A 224 -23.32 -3.44 -45.12
N ASN A 225 -22.31 -4.14 -44.61
CA ASN A 225 -22.49 -4.88 -43.37
C ASN A 225 -22.71 -3.92 -42.20
N THR A 226 -23.81 -4.14 -41.47
CA THR A 226 -24.22 -3.28 -40.35
C THR A 226 -24.22 -1.83 -40.81
N PRO A 227 -25.15 -1.43 -41.68
CA PRO A 227 -25.08 -0.10 -42.27
C PRO A 227 -25.24 1.02 -41.27
N SER A 228 -25.85 0.77 -40.12
CA SER A 228 -26.07 1.82 -39.14
C SER A 228 -24.77 2.35 -38.56
N ILE A 229 -23.72 1.53 -38.54
CA ILE A 229 -22.41 1.97 -38.08
C ILE A 229 -21.71 2.68 -39.22
N ARG A 230 -21.85 4.00 -39.28
CA ARG A 230 -21.27 4.79 -40.36
C ARG A 230 -19.88 5.31 -40.00
N PHE A 231 -19.78 6.06 -38.92
CA PHE A 231 -18.53 6.71 -38.54
C PHE A 231 -17.74 5.93 -37.49
N GLY A 232 -18.22 4.77 -37.06
CA GLY A 232 -17.54 4.01 -36.03
C GLY A 232 -17.17 2.60 -36.42
N ARG A 233 -16.67 2.40 -37.63
CA ARG A 233 -16.27 1.06 -38.08
C ARG A 233 -14.83 0.77 -37.67
N GLU A 234 -14.59 0.85 -36.35
CA GLU A 234 -13.24 0.69 -35.83
C GLU A 234 -12.81 -0.77 -35.81
N HIS A 235 -13.72 -1.69 -35.54
CA HIS A 235 -13.39 -3.11 -35.50
C HIS A 235 -12.81 -3.55 -36.83
N TYR A 236 -11.61 -4.13 -36.79
CA TYR A 236 -10.86 -4.36 -38.01
C TYR A 236 -11.35 -5.56 -38.81
N GLU A 237 -12.38 -6.26 -38.36
CA GLU A 237 -13.04 -7.19 -39.27
C GLU A 237 -13.81 -6.45 -40.34
N PHE A 238 -14.16 -5.18 -40.10
CA PHE A 238 -14.75 -4.35 -41.13
C PHE A 238 -13.79 -4.07 -42.29
N GLN A 239 -12.47 -4.16 -42.04
CA GLN A 239 -11.51 -4.01 -43.12
C GLN A 239 -11.68 -5.07 -44.20
N TYR A 240 -12.30 -6.19 -43.86
CA TYR A 240 -12.61 -7.28 -44.78
C TYR A 240 -14.03 -7.19 -45.33
N LEU A 241 -15.00 -6.88 -44.46
CA LEU A 241 -16.39 -6.82 -44.90
C LEU A 241 -16.63 -5.63 -45.83
N ASP A 242 -15.97 -4.50 -45.56
CA ASP A 242 -16.11 -3.36 -46.45
C ASP A 242 -15.46 -3.63 -47.81
N LEU A 243 -14.37 -4.38 -47.84
CA LEU A 243 -13.80 -4.82 -49.11
C LEU A 243 -14.75 -5.73 -49.86
N LEU A 244 -15.39 -6.65 -49.14
CA LEU A 244 -16.42 -7.50 -49.72
C LEU A 244 -17.51 -6.66 -50.38
N SER A 245 -17.99 -5.65 -49.66
CA SER A 245 -19.04 -4.78 -50.17
C SER A 245 -18.57 -3.98 -51.38
N ARG A 246 -17.32 -3.49 -51.34
CA ARG A 246 -16.79 -2.72 -52.46
C ARG A 246 -16.65 -3.59 -53.71
N VAL A 247 -16.29 -4.86 -53.54
CA VAL A 247 -16.25 -5.74 -54.71
C VAL A 247 -17.66 -6.00 -55.23
N LEU A 248 -18.63 -6.20 -54.33
CA LEU A 248 -20.00 -6.39 -54.79
C LEU A 248 -20.52 -5.16 -55.51
N GLU A 249 -20.04 -3.98 -55.14
CA GLU A 249 -20.54 -2.74 -55.74
C GLU A 249 -19.85 -2.44 -57.07
N ASN A 250 -18.53 -2.53 -57.12
CA ASN A 250 -17.74 -2.08 -58.26
C ASN A 250 -17.13 -3.24 -59.04
N GLY A 251 -17.47 -4.48 -58.72
CA GLY A 251 -16.80 -5.62 -59.33
C GLY A 251 -17.18 -5.77 -60.80
N ALA A 252 -16.18 -5.74 -61.68
CA ALA A 252 -16.42 -5.98 -63.10
C ALA A 252 -16.51 -7.48 -63.33
N TYR A 253 -17.50 -7.90 -64.12
CA TYR A 253 -17.70 -9.31 -64.42
C TYR A 253 -16.65 -9.75 -65.43
N ARG A 254 -15.74 -10.62 -65.01
CA ARG A 254 -14.62 -11.04 -65.84
C ARG A 254 -14.49 -12.55 -65.81
N GLU A 255 -13.98 -13.10 -66.91
CA GLU A 255 -13.65 -14.50 -66.99
C GLU A 255 -12.20 -14.74 -66.54
N ASN A 256 -11.85 -16.01 -66.37
CA ASN A 256 -10.51 -16.37 -65.90
C ASN A 256 -10.20 -17.78 -66.38
N ARG A 257 -9.11 -18.35 -65.84
CA ARG A 257 -8.68 -19.68 -66.26
C ARG A 257 -9.71 -20.75 -65.95
N THR A 258 -10.53 -20.54 -64.92
CA THR A 258 -11.57 -21.49 -64.57
C THR A 258 -12.88 -21.09 -65.24
N GLY A 259 -13.79 -22.07 -65.40
CA GLY A 259 -15.08 -21.78 -65.96
C GLY A 259 -15.94 -20.88 -65.12
N ILE A 260 -15.59 -20.71 -63.84
CA ILE A 260 -16.36 -19.87 -62.93
C ILE A 260 -15.84 -18.45 -63.06
N SER A 261 -16.67 -17.57 -63.63
CA SER A 261 -16.32 -16.16 -63.76
C SER A 261 -16.41 -15.47 -62.40
N THR A 262 -15.80 -14.29 -62.31
CA THR A 262 -15.72 -13.56 -61.06
C THR A 262 -16.19 -12.12 -61.26
N TYR A 263 -16.37 -11.42 -60.15
CA TYR A 263 -16.49 -9.97 -60.12
C TYR A 263 -15.21 -9.43 -59.47
N SER A 264 -14.46 -8.64 -60.22
CA SER A 264 -13.10 -8.28 -59.85
C SER A 264 -12.92 -6.77 -59.79
N ILE A 265 -12.12 -6.32 -58.82
CA ILE A 265 -11.60 -4.96 -58.78
C ILE A 265 -10.09 -5.03 -58.50
N PHE A 266 -9.43 -3.89 -58.66
CA PHE A 266 -7.97 -3.83 -58.61
C PHE A 266 -7.50 -2.77 -57.63
N GLY A 267 -6.49 -3.10 -56.84
CA GLY A 267 -5.86 -2.18 -55.91
C GLY A 267 -6.64 -1.93 -54.64
N GLN A 268 -6.47 -2.78 -53.63
CA GLN A 268 -7.16 -2.63 -52.35
C GLN A 268 -6.19 -2.95 -51.22
N MET A 269 -6.59 -2.64 -49.99
CA MET A 269 -5.75 -2.95 -48.84
C MET A 269 -6.62 -3.22 -47.62
N MET A 270 -6.03 -3.90 -46.63
CA MET A 270 -6.65 -4.21 -45.36
C MET A 270 -5.61 -4.10 -44.26
N ARG A 271 -6.01 -3.55 -43.11
CA ARG A 271 -5.14 -3.48 -41.95
C ARG A 271 -5.76 -4.28 -40.81
N PHE A 272 -4.89 -4.89 -40.00
CA PHE A 272 -5.34 -5.70 -38.88
C PHE A 272 -4.38 -5.48 -37.71
N ASP A 273 -4.95 -5.43 -36.51
CA ASP A 273 -4.15 -5.32 -35.30
C ASP A 273 -3.87 -6.72 -34.76
N MET A 274 -2.65 -6.93 -34.29
CA MET A 274 -2.26 -8.19 -33.67
C MET A 274 -1.70 -8.02 -32.27
N ARG A 275 -1.64 -6.78 -31.75
CA ARG A 275 -1.17 -6.58 -30.39
C ARG A 275 -2.20 -7.01 -29.36
N GLU A 276 -3.48 -6.69 -29.61
CA GLU A 276 -4.54 -6.93 -28.64
C GLU A 276 -5.57 -7.95 -29.11
N SER A 277 -5.38 -8.57 -30.26
CA SER A 277 -6.37 -9.51 -30.78
C SER A 277 -5.68 -10.41 -31.79
N PHE A 278 -6.48 -11.17 -32.53
CA PHE A 278 -6.01 -12.03 -33.59
C PHE A 278 -7.00 -11.98 -34.75
N PRO A 279 -6.60 -11.48 -35.91
CA PRO A 279 -7.55 -11.29 -37.02
C PRO A 279 -8.07 -12.60 -37.61
N LEU A 280 -8.89 -13.31 -36.86
CA LEU A 280 -9.62 -14.47 -37.35
C LEU A 280 -11.09 -14.09 -37.46
N LEU A 281 -11.66 -14.22 -38.65
CA LEU A 281 -13.01 -13.72 -38.88
C LEU A 281 -14.01 -14.41 -37.97
N THR A 282 -14.95 -13.61 -37.46
CA THR A 282 -16.01 -14.12 -36.60
C THR A 282 -17.34 -14.23 -37.33
N THR A 283 -17.50 -13.56 -38.47
CA THR A 283 -18.73 -13.66 -39.27
C THR A 283 -18.86 -15.01 -39.96
N LYS A 284 -17.91 -15.92 -39.77
CA LYS A 284 -17.92 -17.24 -40.37
C LYS A 284 -16.91 -18.09 -39.63
N LYS A 285 -17.31 -19.32 -39.28
CA LYS A 285 -16.39 -20.22 -38.60
C LYS A 285 -15.29 -20.62 -39.58
N VAL A 286 -14.04 -20.29 -39.24
CA VAL A 286 -12.89 -20.51 -40.11
C VAL A 286 -12.12 -21.72 -39.60
N ALA A 287 -11.78 -22.64 -40.50
CA ALA A 287 -10.99 -23.80 -40.14
C ALA A 287 -9.56 -23.40 -39.82
N ILE A 288 -9.29 -23.07 -38.56
CA ILE A 288 -7.98 -22.54 -38.19
C ILE A 288 -6.91 -23.63 -38.28
N ARG A 289 -7.28 -24.89 -38.00
CA ARG A 289 -6.29 -25.96 -38.02
C ARG A 289 -5.71 -26.16 -39.41
N SER A 290 -6.58 -26.13 -40.43
CA SER A 290 -6.09 -26.28 -41.80
C SER A 290 -5.16 -25.14 -42.20
N ILE A 291 -5.49 -23.92 -41.75
CA ILE A 291 -4.62 -22.77 -41.99
C ILE A 291 -3.26 -23.00 -41.38
N PHE A 292 -3.23 -23.41 -40.11
CA PHE A 292 -1.95 -23.65 -39.44
C PHE A 292 -1.16 -24.75 -40.11
N GLU A 293 -1.84 -25.83 -40.52
CA GLU A 293 -1.14 -26.94 -41.14
C GLU A 293 -0.54 -26.52 -42.48
N GLU A 294 -1.28 -25.75 -43.27
CA GLU A 294 -0.72 -25.20 -44.50
C GLU A 294 0.49 -24.32 -44.22
N LEU A 295 0.41 -23.49 -43.17
CA LEU A 295 1.50 -22.58 -42.88
C LEU A 295 2.76 -23.34 -42.45
N ILE A 296 2.62 -24.31 -41.55
CA ILE A 296 3.79 -25.06 -41.10
C ILE A 296 4.31 -25.94 -42.23
N TRP A 297 3.43 -26.34 -43.15
CA TRP A 297 3.84 -27.04 -44.36
C TRP A 297 4.72 -26.13 -45.22
N PHE A 298 4.35 -24.86 -45.33
CA PHE A 298 5.20 -23.88 -46.01
C PHE A 298 6.54 -23.75 -45.31
N ILE A 299 6.52 -23.57 -43.99
CA ILE A 299 7.73 -23.27 -43.25
C ILE A 299 8.73 -24.42 -43.38
N LYS A 300 8.24 -25.66 -43.29
CA LYS A 300 9.11 -26.83 -43.40
C LYS A 300 9.72 -26.99 -44.78
N GLY A 301 9.30 -26.20 -45.77
CA GLY A 301 9.86 -26.31 -47.09
C GLY A 301 9.24 -27.39 -47.95
N ASP A 302 8.05 -27.87 -47.59
CA ASP A 302 7.46 -29.03 -48.23
C ASP A 302 6.62 -28.62 -49.44
N THR A 303 6.61 -29.50 -50.45
CA THR A 303 5.76 -29.35 -51.62
C THR A 303 4.93 -30.60 -51.87
N ASN A 304 4.90 -31.54 -50.92
CA ASN A 304 4.15 -32.79 -51.04
C ASN A 304 2.74 -32.56 -50.51
N GLY A 305 1.75 -32.56 -51.40
CA GLY A 305 0.37 -32.38 -50.98
C GLY A 305 -0.16 -33.54 -50.17
N ASN A 306 0.42 -34.73 -50.32
CA ASN A 306 -0.01 -35.88 -49.53
C ASN A 306 0.30 -35.70 -48.06
N HIS A 307 1.32 -34.92 -47.71
CA HIS A 307 1.57 -34.64 -46.29
C HIS A 307 0.44 -33.81 -45.68
N LEU A 308 -0.16 -32.92 -46.47
CA LEU A 308 -1.34 -32.19 -46.01
C LEU A 308 -2.58 -33.09 -46.00
N ILE A 309 -2.73 -33.95 -47.01
CA ILE A 309 -3.90 -34.82 -47.08
C ILE A 309 -3.88 -35.83 -45.94
N GLU A 310 -2.70 -36.30 -45.52
CA GLU A 310 -2.61 -37.25 -44.42
C GLU A 310 -3.06 -36.64 -43.10
N LYS A 311 -2.87 -35.33 -42.93
CA LYS A 311 -3.32 -34.64 -41.72
C LYS A 311 -4.76 -34.14 -41.86
N LYS A 312 -5.52 -34.72 -42.79
CA LYS A 312 -6.94 -34.37 -43.01
C LYS A 312 -7.11 -32.90 -43.37
N VAL A 313 -6.27 -32.42 -44.28
CA VAL A 313 -6.36 -31.08 -44.83
C VAL A 313 -6.42 -31.20 -46.35
N TYR A 314 -7.53 -30.76 -46.94
CA TYR A 314 -7.81 -31.00 -48.36
C TYR A 314 -7.92 -29.71 -49.15
N ILE A 315 -7.22 -28.65 -48.73
CA ILE A 315 -7.30 -27.38 -49.45
C ILE A 315 -6.48 -27.39 -50.74
N TRP A 316 -5.44 -28.22 -50.82
CA TRP A 316 -4.62 -28.34 -52.02
C TRP A 316 -4.91 -29.60 -52.82
N SER A 317 -6.12 -30.15 -52.69
CA SER A 317 -6.47 -31.35 -53.44
C SER A 317 -6.91 -31.01 -54.86
N GLY A 318 -7.63 -29.90 -55.02
CA GLY A 318 -8.08 -29.51 -56.34
C GLY A 318 -6.94 -29.24 -57.31
N ASN A 319 -5.91 -28.55 -56.83
CA ASN A 319 -4.74 -28.25 -57.64
C ASN A 319 -3.72 -29.37 -57.64
N GLY A 320 -4.04 -30.50 -57.03
CA GLY A 320 -3.12 -31.62 -56.96
C GLY A 320 -3.70 -32.90 -57.49
N SER A 321 -4.80 -32.81 -58.25
CA SER A 321 -5.37 -33.99 -58.86
C SER A 321 -4.61 -34.34 -60.14
N LYS A 322 -4.68 -35.61 -60.51
CA LYS A 322 -4.04 -36.05 -61.74
C LYS A 322 -4.66 -35.38 -62.96
N GLU A 323 -5.98 -35.19 -62.94
CA GLU A 323 -6.65 -34.56 -64.07
C GLU A 323 -6.25 -33.10 -64.21
N TYR A 324 -6.15 -32.37 -63.09
CA TYR A 324 -5.75 -30.97 -63.15
C TYR A 324 -4.32 -30.81 -63.62
N LEU A 325 -3.44 -31.74 -63.24
CA LEU A 325 -2.05 -31.66 -63.68
C LEU A 325 -1.92 -32.02 -65.15
N GLU A 326 -2.63 -33.04 -65.61
CA GLU A 326 -2.61 -33.36 -67.03
C GLU A 326 -3.25 -32.26 -67.87
N ARG A 327 -4.17 -31.49 -67.27
CA ARG A 327 -4.81 -30.41 -68.00
C ARG A 327 -3.91 -29.17 -68.11
N ILE A 328 -3.10 -28.89 -67.10
CA ILE A 328 -2.25 -27.71 -67.12
C ILE A 328 -0.90 -28.05 -67.74
N GLY A 329 -0.77 -29.26 -68.27
CA GLY A 329 0.45 -29.66 -68.92
C GLY A 329 1.52 -30.21 -68.01
N LEU A 330 1.14 -30.83 -66.90
CA LEU A 330 2.07 -31.45 -65.97
C LEU A 330 1.70 -32.91 -65.74
N GLY A 331 1.29 -33.61 -66.80
CA GLY A 331 0.91 -35.01 -66.69
C GLY A 331 2.05 -35.91 -66.28
N HIS A 332 3.29 -35.46 -66.50
CA HIS A 332 4.46 -36.22 -66.06
C HIS A 332 4.57 -36.24 -64.55
N ARG A 333 4.02 -35.22 -63.89
CA ARG A 333 4.22 -35.05 -62.46
C ARG A 333 3.44 -36.10 -61.68
N GLU A 334 3.91 -36.35 -60.45
CA GLU A 334 3.26 -37.33 -59.59
C GLU A 334 1.93 -36.78 -59.09
N GLU A 335 1.17 -37.63 -58.39
CA GLU A 335 -0.19 -37.34 -58.00
C GLU A 335 -0.36 -35.95 -57.38
N ASN A 336 0.20 -35.75 -56.18
CA ASN A 336 0.05 -34.47 -55.48
C ASN A 336 1.37 -33.71 -55.41
N ASP A 337 2.25 -33.92 -56.39
CA ASP A 337 3.53 -33.21 -56.46
C ASP A 337 3.27 -31.83 -57.05
N LEU A 338 3.05 -30.85 -56.17
CA LEU A 338 2.65 -29.52 -56.62
C LEU A 338 3.79 -28.74 -57.27
N GLY A 339 5.03 -29.17 -57.10
CA GLY A 339 6.15 -28.48 -57.68
C GLY A 339 6.68 -27.38 -56.79
N PRO A 340 7.66 -26.63 -57.29
CA PRO A 340 8.29 -25.58 -56.47
C PRO A 340 7.36 -24.40 -56.22
N ILE A 341 6.69 -24.38 -55.07
CA ILE A 341 5.69 -23.36 -54.79
C ILE A 341 6.04 -22.66 -53.48
N TYR A 342 5.04 -22.14 -52.77
CA TYR A 342 5.27 -21.61 -51.44
C TYR A 342 6.06 -22.61 -50.60
N GLY A 343 7.03 -22.09 -49.83
CA GLY A 343 7.86 -22.90 -49.00
C GLY A 343 9.01 -23.58 -49.70
N PHE A 344 8.94 -23.77 -51.01
CA PHE A 344 10.14 -24.18 -51.71
C PHE A 344 10.94 -22.97 -52.13
N GLN A 345 10.26 -21.90 -52.57
CA GLN A 345 10.94 -20.64 -52.78
C GLN A 345 11.31 -19.97 -51.46
N TRP A 346 10.62 -20.32 -50.38
CA TRP A 346 10.98 -19.76 -49.07
C TRP A 346 12.30 -20.33 -48.58
N ARG A 347 12.52 -21.63 -48.80
CA ARG A 347 13.67 -22.33 -48.24
C ARG A 347 14.73 -22.69 -49.28
N HIS A 348 14.35 -22.84 -50.55
CA HIS A 348 15.29 -23.22 -51.60
C HIS A 348 15.01 -22.40 -52.86
N TYR A 349 15.17 -21.08 -52.76
CA TYR A 349 14.90 -20.22 -53.89
C TYR A 349 15.92 -20.45 -55.00
N ASN A 350 15.43 -20.49 -56.24
CA ASN A 350 16.25 -20.80 -57.42
C ASN A 350 16.84 -22.19 -57.37
N GLY A 351 16.25 -23.10 -56.59
CA GLY A 351 16.76 -24.45 -56.47
C GLY A 351 16.18 -25.34 -57.55
N GLU A 352 17.06 -26.09 -58.21
CA GLU A 352 16.63 -27.01 -59.27
C GLU A 352 15.68 -28.06 -58.72
N TYR A 353 14.39 -27.91 -59.04
CA TYR A 353 13.38 -28.82 -58.54
C TYR A 353 13.29 -30.06 -59.41
N LYS A 354 13.23 -31.23 -58.78
CA LYS A 354 13.05 -32.49 -59.50
C LYS A 354 11.67 -33.07 -59.21
N THR A 355 11.52 -33.73 -58.05
CA THR A 355 10.23 -34.22 -57.61
C THR A 355 10.07 -33.88 -56.13
N MET A 356 8.90 -34.21 -55.58
CA MET A 356 8.63 -33.94 -54.17
C MET A 356 9.29 -34.93 -53.23
N HIS A 357 10.03 -35.91 -53.75
CA HIS A 357 10.66 -36.93 -52.94
C HIS A 357 12.15 -36.68 -52.72
N ASP A 358 12.76 -35.78 -53.48
CA ASP A 358 14.19 -35.53 -53.37
C ASP A 358 14.52 -34.71 -52.12
N ASP A 359 15.81 -34.70 -51.78
CA ASP A 359 16.31 -33.98 -50.61
C ASP A 359 16.97 -32.69 -51.10
N TYR A 360 16.25 -31.58 -50.94
CA TYR A 360 16.74 -30.28 -51.40
C TYR A 360 17.47 -29.50 -50.31
N THR A 361 17.81 -30.14 -49.20
CA THR A 361 18.49 -29.47 -48.10
C THR A 361 19.89 -29.05 -48.55
N GLY A 362 20.10 -27.74 -48.67
CA GLY A 362 21.39 -27.22 -49.10
C GLY A 362 21.30 -26.39 -50.36
N VAL A 363 20.45 -26.81 -51.30
CA VAL A 363 20.29 -26.11 -52.55
C VAL A 363 19.31 -24.95 -52.36
N GLY A 364 19.46 -23.93 -53.18
CA GLY A 364 18.57 -22.79 -53.12
C GLY A 364 18.91 -21.83 -51.99
N VAL A 365 18.37 -20.62 -52.11
CA VAL A 365 18.59 -19.57 -51.12
C VAL A 365 17.52 -19.71 -50.04
N ASP A 366 17.95 -19.98 -48.81
CA ASP A 366 17.02 -20.10 -47.67
C ASP A 366 16.62 -18.70 -47.25
N GLN A 367 15.50 -18.24 -47.82
CA GLN A 367 15.02 -16.89 -47.51
C GLN A 367 14.55 -16.76 -46.07
N LEU A 368 13.94 -17.82 -45.54
CA LEU A 368 13.38 -17.76 -44.19
C LEU A 368 14.48 -17.65 -43.13
N ALA A 369 15.55 -18.44 -43.28
CA ALA A 369 16.64 -18.38 -42.31
C ALA A 369 17.30 -17.00 -42.32
N LYS A 370 17.59 -16.48 -43.51
CA LYS A 370 18.17 -15.14 -43.58
C LYS A 370 17.20 -14.09 -43.06
N LEU A 371 15.90 -14.32 -43.25
CA LEU A 371 14.90 -13.38 -42.72
C LEU A 371 14.96 -13.32 -41.21
N ILE A 372 14.99 -14.49 -40.55
CA ILE A 372 15.10 -14.50 -39.10
C ILE A 372 16.41 -13.88 -38.65
N GLU A 373 17.50 -14.20 -39.35
CA GLU A 373 18.81 -13.65 -39.02
C GLU A 373 18.80 -12.14 -39.10
N THR A 374 18.19 -11.58 -40.15
CA THR A 374 18.13 -10.13 -40.30
C THR A 374 17.18 -9.51 -39.29
N LEU A 375 16.09 -10.19 -38.95
CA LEU A 375 15.13 -9.64 -38.01
C LEU A 375 15.73 -9.50 -36.63
N LYS A 376 16.52 -10.47 -36.18
CA LYS A 376 17.07 -10.38 -34.83
C LYS A 376 18.50 -9.82 -34.78
N ASN A 377 19.20 -9.73 -35.91
CA ASN A 377 20.55 -9.16 -35.90
C ASN A 377 20.60 -7.72 -36.37
N ASN A 378 19.70 -7.31 -37.26
CA ASN A 378 19.66 -5.95 -37.78
C ASN A 378 18.20 -5.54 -37.90
N PRO A 379 17.58 -5.16 -36.77
CA PRO A 379 16.13 -4.92 -36.79
C PRO A 379 15.74 -3.67 -37.57
N LYS A 380 16.48 -2.57 -37.45
CA LYS A 380 16.10 -1.34 -38.13
C LYS A 380 16.32 -1.40 -39.64
N ASP A 381 16.67 -2.56 -40.17
CA ASP A 381 16.86 -2.72 -41.60
C ASP A 381 15.53 -2.55 -42.34
N ARG A 382 15.63 -2.30 -43.64
CA ARG A 382 14.47 -2.11 -44.51
C ARG A 382 14.43 -3.16 -45.61
N ARG A 383 15.01 -4.33 -45.36
CA ARG A 383 15.14 -5.36 -46.38
C ARG A 383 14.65 -6.73 -45.91
N HIS A 384 13.88 -6.78 -44.83
CA HIS A 384 13.29 -8.03 -44.35
C HIS A 384 12.20 -8.46 -45.32
N ILE A 385 12.61 -9.13 -46.40
CA ILE A 385 11.72 -9.42 -47.52
C ILE A 385 11.75 -10.90 -47.83
N LEU A 386 10.57 -11.50 -47.97
CA LEU A 386 10.40 -12.88 -48.38
C LEU A 386 9.53 -12.91 -49.63
N THR A 387 10.09 -13.37 -50.74
CA THR A 387 9.40 -13.43 -52.02
C THR A 387 9.12 -14.88 -52.42
N ALA A 388 8.02 -15.06 -53.13
CA ALA A 388 7.68 -16.34 -53.70
C ALA A 388 7.55 -16.32 -55.22
N TRP A 389 7.64 -15.13 -55.83
CA TRP A 389 7.52 -15.01 -57.28
C TRP A 389 8.88 -15.28 -57.91
N ASN A 390 9.00 -16.41 -58.58
CA ASN A 390 10.24 -16.81 -59.27
C ASN A 390 9.90 -17.08 -60.73
N PRO A 391 10.22 -16.16 -61.65
CA PRO A 391 9.85 -16.36 -63.06
C PRO A 391 10.42 -17.65 -63.66
N SER A 392 11.58 -18.10 -63.19
CA SER A 392 12.18 -19.30 -63.76
C SER A 392 11.38 -20.55 -63.40
N ALA A 393 10.88 -20.63 -62.17
CA ALA A 393 10.18 -21.81 -61.69
C ALA A 393 8.67 -21.71 -61.88
N LEU A 394 8.17 -20.66 -62.53
CA LEU A 394 6.72 -20.48 -62.63
C LEU A 394 6.08 -21.59 -63.44
N SER A 395 6.73 -22.04 -64.52
CA SER A 395 6.14 -23.07 -65.36
C SER A 395 6.03 -24.41 -64.63
N GLN A 396 6.91 -24.66 -63.65
CA GLN A 396 6.87 -25.92 -62.91
C GLN A 396 5.83 -25.93 -61.80
N MET A 397 5.26 -24.78 -61.43
CA MET A 397 4.33 -24.73 -60.31
C MET A 397 2.96 -25.20 -60.74
N ALA A 398 2.29 -25.95 -59.86
CA ALA A 398 0.90 -26.33 -60.12
C ALA A 398 -0.03 -25.13 -60.06
N LEU A 399 0.39 -24.06 -59.39
CA LEU A 399 -0.38 -22.83 -59.28
C LEU A 399 0.56 -21.70 -58.84
N PRO A 400 0.71 -20.64 -59.64
CA PRO A 400 1.63 -19.56 -59.29
C PRO A 400 1.28 -18.94 -57.94
N PRO A 401 2.25 -18.31 -57.29
CA PRO A 401 2.02 -17.79 -55.93
C PRO A 401 0.99 -16.67 -55.92
N CYS A 402 0.02 -16.78 -55.01
CA CYS A 402 -0.98 -15.73 -54.81
C CYS A 402 -0.50 -14.70 -53.81
N HIS A 403 -0.20 -15.12 -52.58
CA HIS A 403 0.50 -14.22 -51.67
C HIS A 403 1.96 -14.14 -52.09
N VAL A 404 2.27 -13.14 -52.91
CA VAL A 404 3.54 -13.10 -53.62
C VAL A 404 4.67 -12.61 -52.72
N LEU A 405 4.50 -11.44 -52.11
CA LEU A 405 5.60 -10.81 -51.40
C LEU A 405 5.21 -10.51 -49.95
N SER A 406 6.19 -10.57 -49.05
CA SER A 406 5.96 -10.15 -47.68
C SER A 406 7.18 -9.41 -47.16
N GLN A 407 6.93 -8.31 -46.47
CA GLN A 407 7.98 -7.52 -45.83
C GLN A 407 7.68 -7.42 -44.34
N TYR A 408 8.73 -7.33 -43.55
CA TYR A 408 8.57 -7.34 -42.10
C TYR A 408 9.34 -6.17 -41.50
N TYR A 409 8.84 -5.67 -40.38
CA TYR A 409 9.28 -4.39 -39.84
C TYR A 409 9.30 -4.47 -38.32
N VAL A 410 10.35 -3.94 -37.71
CA VAL A 410 10.49 -3.93 -36.26
C VAL A 410 10.33 -2.50 -35.78
N THR A 411 9.38 -2.29 -34.88
CA THR A 411 9.10 -0.96 -34.37
C THR A 411 10.06 -0.63 -33.24
N ASN A 412 10.06 0.64 -32.83
CA ASN A 412 10.95 1.09 -31.77
C ASN A 412 10.62 0.48 -30.41
N ASP A 413 9.42 -0.08 -30.25
CA ASP A 413 9.04 -0.77 -29.03
C ASP A 413 9.07 -2.29 -29.21
N ASN A 414 9.89 -2.78 -30.13
CA ASN A 414 10.19 -4.20 -30.29
C ASN A 414 8.94 -5.02 -30.64
N CYS A 415 8.16 -4.52 -31.59
CA CYS A 415 7.04 -5.24 -32.16
C CYS A 415 7.33 -5.56 -33.63
N LEU A 416 6.72 -6.64 -34.11
CA LEU A 416 6.95 -7.15 -35.46
C LEU A 416 5.68 -6.96 -36.29
N SER A 417 5.73 -6.01 -37.23
CA SER A 417 4.64 -5.78 -38.17
C SER A 417 4.97 -6.41 -39.51
N CYS A 418 3.91 -6.69 -40.28
CA CYS A 418 4.03 -7.44 -41.52
C CYS A 418 3.18 -6.81 -42.63
N ASN A 419 3.79 -6.57 -43.79
CA ASN A 419 3.08 -6.22 -45.00
C ASN A 419 3.08 -7.41 -45.96
N LEU A 420 1.95 -7.63 -46.62
CA LEU A 420 1.81 -8.72 -47.58
C LEU A 420 1.19 -8.17 -48.86
N TYR A 421 1.85 -8.43 -49.99
CA TYR A 421 1.28 -8.16 -51.30
C TYR A 421 0.84 -9.47 -51.94
N GLN A 422 -0.44 -9.55 -52.27
CA GLN A 422 -1.09 -10.71 -52.87
C GLN A 422 -1.63 -10.31 -54.23
N ARG A 423 -1.18 -11.01 -55.28
CA ARG A 423 -1.55 -10.64 -56.64
C ARG A 423 -3.02 -10.94 -56.95
N SER A 424 -3.57 -11.99 -56.35
CA SER A 424 -4.91 -12.46 -56.67
C SER A 424 -5.56 -12.95 -55.39
N CYS A 425 -6.75 -12.44 -55.10
CA CYS A 425 -7.44 -12.75 -53.84
C CYS A 425 -8.85 -13.23 -54.10
N ASP A 426 -9.15 -14.43 -53.61
CA ASP A 426 -10.49 -14.99 -53.62
C ASP A 426 -11.10 -14.66 -52.26
N LEU A 427 -11.91 -13.59 -52.22
CA LEU A 427 -12.42 -13.09 -50.95
C LEU A 427 -13.34 -14.07 -50.25
N GLY A 428 -13.83 -15.09 -50.95
CA GLY A 428 -14.70 -16.08 -50.34
C GLY A 428 -13.94 -17.11 -49.52
N LEU A 429 -12.85 -17.63 -50.07
CA LEU A 429 -12.08 -18.69 -49.43
C LEU A 429 -10.65 -18.30 -49.14
N GLY A 430 -9.96 -17.70 -50.11
CA GLY A 430 -8.54 -17.43 -49.94
C GLY A 430 -8.22 -16.32 -48.96
N SER A 431 -9.08 -15.29 -48.89
CA SER A 431 -8.73 -14.11 -48.10
C SER A 431 -8.69 -14.38 -46.60
N PRO A 432 -9.72 -14.99 -45.98
CA PRO A 432 -9.61 -15.24 -44.53
C PRO A 432 -8.44 -16.15 -44.19
N PHE A 433 -8.21 -17.17 -45.01
CA PHE A 433 -7.07 -18.04 -44.81
C PHE A 433 -5.76 -17.27 -44.88
N ASN A 434 -5.63 -16.36 -45.85
CA ASN A 434 -4.40 -15.58 -45.97
C ASN A 434 -4.20 -14.68 -44.76
N ILE A 435 -5.27 -14.01 -44.32
CA ILE A 435 -5.18 -13.13 -43.14
C ILE A 435 -4.69 -13.92 -41.94
N ALA A 436 -5.39 -15.01 -41.60
CA ALA A 436 -5.01 -15.79 -40.44
C ALA A 436 -3.62 -16.39 -40.59
N SER A 437 -3.28 -16.85 -41.80
CA SER A 437 -2.00 -17.52 -42.01
C SER A 437 -0.84 -16.56 -41.82
N TYR A 438 -0.92 -15.37 -42.39
CA TYR A 438 0.18 -14.43 -42.22
C TYR A 438 0.19 -13.84 -40.81
N ALA A 439 -0.96 -13.78 -40.13
CA ALA A 439 -0.94 -13.40 -38.72
C ALA A 439 -0.17 -14.43 -37.89
N ILE A 440 -0.46 -15.72 -38.11
CA ILE A 440 0.24 -16.77 -37.37
C ILE A 440 1.72 -16.76 -37.71
N LEU A 441 2.05 -16.52 -38.98
CA LEU A 441 3.46 -16.49 -39.38
C LEU A 441 4.19 -15.32 -38.71
N THR A 442 3.54 -14.15 -38.64
CA THR A 442 4.14 -13.02 -37.96
C THR A 442 4.35 -13.32 -36.48
N MET A 443 3.38 -13.99 -35.84
CA MET A 443 3.54 -14.32 -34.43
C MET A 443 4.68 -15.31 -34.22
N MET A 444 4.81 -16.30 -35.11
CA MET A 444 5.91 -17.25 -34.99
C MET A 444 7.26 -16.55 -35.15
N LEU A 445 7.39 -15.70 -36.16
CA LEU A 445 8.63 -14.94 -36.33
C LEU A 445 8.92 -14.07 -35.11
N ALA A 446 7.86 -13.48 -34.53
CA ALA A 446 8.06 -12.61 -33.38
C ALA A 446 8.55 -13.39 -32.17
N GLN A 447 8.04 -14.61 -31.97
CA GLN A 447 8.53 -15.41 -30.85
C GLN A 447 9.95 -15.90 -31.10
N VAL A 448 10.26 -16.31 -32.33
CA VAL A 448 11.61 -16.81 -32.61
C VAL A 448 12.64 -15.69 -32.51
N CYS A 449 12.27 -14.46 -32.88
CA CYS A 449 13.19 -13.34 -32.81
C CYS A 449 13.10 -12.58 -31.49
N GLY A 450 12.07 -12.83 -30.69
CA GLY A 450 11.95 -12.19 -29.39
C GLY A 450 11.21 -10.86 -29.41
N TYR A 451 10.21 -10.74 -30.26
CA TYR A 451 9.39 -9.55 -30.35
C TYR A 451 7.93 -9.89 -30.06
N GLU A 452 7.13 -8.86 -29.93
CA GLU A 452 5.69 -8.97 -29.81
C GLU A 452 5.04 -8.74 -31.16
N PRO A 453 3.87 -9.34 -31.42
CA PRO A 453 3.19 -9.10 -32.70
C PRO A 453 2.75 -7.64 -32.80
N GLY A 454 2.84 -7.10 -34.02
CA GLY A 454 2.47 -5.73 -34.25
C GLY A 454 1.21 -5.59 -35.09
N GLU A 455 1.36 -5.13 -36.32
CA GLU A 455 0.24 -4.96 -37.24
C GLU A 455 0.43 -5.84 -38.47
N LEU A 456 -0.66 -6.07 -39.18
CA LEU A 456 -0.66 -6.87 -40.41
C LEU A 456 -1.38 -6.09 -41.49
N ALA A 457 -0.64 -5.63 -42.50
CA ALA A 457 -1.22 -4.95 -43.64
C ALA A 457 -1.14 -5.85 -44.85
N ILE A 458 -2.29 -6.08 -45.49
CA ILE A 458 -2.40 -6.94 -46.65
C ILE A 458 -2.83 -6.09 -47.83
N PHE A 459 -2.00 -6.05 -48.87
CA PHE A 459 -2.26 -5.29 -50.09
C PHE A 459 -2.65 -6.26 -51.20
N ILE A 460 -3.80 -6.01 -51.82
CA ILE A 460 -4.40 -6.93 -52.78
C ILE A 460 -4.40 -6.27 -54.16
N GLY A 461 -3.93 -7.00 -55.15
CA GLY A 461 -4.05 -6.58 -56.53
C GLY A 461 -5.44 -6.87 -57.08
N ASP A 462 -5.65 -8.08 -57.61
CA ASP A 462 -6.93 -8.48 -58.19
C ASP A 462 -7.79 -9.10 -57.09
N ALA A 463 -8.63 -8.28 -56.47
CA ALA A 463 -9.58 -8.75 -55.45
C ALA A 463 -10.88 -9.13 -56.14
N HIS A 464 -11.25 -10.40 -56.08
CA HIS A 464 -12.40 -10.86 -56.83
C HIS A 464 -13.28 -11.77 -55.97
N ILE A 465 -14.53 -11.90 -56.40
CA ILE A 465 -15.53 -12.75 -55.77
C ILE A 465 -16.07 -13.68 -56.84
N TYR A 466 -15.95 -14.98 -56.63
CA TYR A 466 -16.46 -15.96 -57.58
C TYR A 466 -17.99 -15.96 -57.56
N GLU A 467 -18.59 -16.13 -58.74
CA GLU A 467 -20.04 -15.96 -58.87
C GLU A 467 -20.82 -17.05 -58.15
N ASN A 468 -20.19 -18.18 -57.85
CA ASN A 468 -20.86 -19.22 -57.06
C ASN A 468 -20.82 -18.95 -55.56
N HIS A 469 -20.23 -17.82 -55.14
CA HIS A 469 -20.18 -17.43 -53.75
C HIS A 469 -21.12 -16.28 -53.42
N LEU A 470 -21.79 -15.71 -54.42
CA LEU A 470 -22.59 -14.50 -54.20
C LEU A 470 -23.67 -14.73 -53.16
N THR A 471 -24.35 -15.87 -53.23
CA THR A 471 -25.38 -16.16 -52.22
C THR A 471 -24.76 -16.29 -50.84
N GLN A 472 -23.58 -16.90 -50.76
CA GLN A 472 -22.96 -17.15 -49.46
C GLN A 472 -22.42 -15.86 -48.85
N LEU A 473 -21.59 -15.12 -49.59
CA LEU A 473 -20.94 -13.93 -49.04
C LEU A 473 -21.96 -12.88 -48.62
N LYS A 474 -23.02 -12.70 -49.42
CA LYS A 474 -24.10 -11.81 -49.00
C LYS A 474 -24.63 -12.23 -47.63
N GLU A 475 -24.87 -13.53 -47.44
CA GLU A 475 -25.24 -14.03 -46.12
C GLU A 475 -24.23 -13.62 -45.06
N GLN A 476 -22.94 -13.76 -45.36
CA GLN A 476 -21.91 -13.37 -44.40
C GLN A 476 -21.95 -11.89 -44.10
N LEU A 477 -22.42 -11.08 -45.05
CA LEU A 477 -22.52 -9.65 -44.83
C LEU A 477 -23.72 -9.28 -43.94
N SER A 478 -24.55 -10.25 -43.61
CA SER A 478 -25.72 -10.02 -42.76
C SER A 478 -25.45 -10.31 -41.30
N ARG A 479 -24.21 -10.64 -40.94
CA ARG A 479 -23.86 -11.04 -39.58
C ARG A 479 -22.99 -9.96 -38.94
N THR A 480 -23.50 -9.35 -37.88
CA THR A 480 -22.75 -8.31 -37.19
C THR A 480 -21.52 -8.90 -36.51
N PRO A 481 -20.34 -8.33 -36.74
CA PRO A 481 -19.11 -8.95 -36.23
C PRO A 481 -19.04 -8.99 -34.71
N ARG A 482 -18.43 -10.05 -34.21
CA ARG A 482 -18.11 -10.25 -32.80
C ARG A 482 -16.62 -10.06 -32.58
N PRO A 483 -16.19 -9.80 -31.35
CA PRO A 483 -14.77 -9.47 -31.13
C PRO A 483 -13.84 -10.58 -31.58
N PHE A 484 -12.64 -10.18 -32.00
CA PHE A 484 -11.63 -11.13 -32.42
C PHE A 484 -11.22 -12.02 -31.25
N PRO A 485 -10.77 -13.24 -31.52
CA PRO A 485 -10.24 -14.08 -30.43
C PRO A 485 -8.81 -13.75 -30.08
N GLN A 486 -8.20 -14.58 -29.24
CA GLN A 486 -6.78 -14.48 -28.92
C GLN A 486 -6.10 -15.78 -29.34
N LEU A 487 -4.83 -15.67 -29.73
CA LEU A 487 -4.04 -16.83 -30.10
C LEU A 487 -2.76 -16.82 -29.28
N LYS A 488 -2.52 -17.87 -28.50
CA LYS A 488 -1.34 -17.95 -27.66
C LYS A 488 -0.58 -19.22 -27.95
N PHE A 489 0.73 -19.16 -27.72
CA PHE A 489 1.62 -20.30 -27.90
C PHE A 489 1.94 -20.91 -26.55
N LYS A 490 1.90 -22.25 -26.47
CA LYS A 490 2.10 -22.94 -25.20
C LYS A 490 3.57 -23.13 -24.86
N ARG A 491 4.47 -23.00 -25.84
CA ARG A 491 5.89 -23.19 -25.56
C ARG A 491 6.73 -22.41 -26.55
N LYS A 492 7.90 -21.97 -26.09
CA LYS A 492 8.87 -21.30 -26.96
C LYS A 492 9.74 -22.35 -27.62
N VAL A 493 9.78 -22.34 -28.94
CA VAL A 493 10.48 -23.36 -29.70
C VAL A 493 11.90 -22.88 -30.01
N GLU A 494 12.79 -23.84 -30.24
CA GLU A 494 14.19 -23.50 -30.53
C GLU A 494 14.37 -23.15 -32.00
N ASN A 495 13.69 -23.87 -32.89
CA ASN A 495 13.67 -23.56 -34.31
C ASN A 495 12.24 -23.35 -34.77
N ILE A 496 12.06 -22.45 -35.73
CA ILE A 496 10.71 -22.07 -36.15
C ILE A 496 9.94 -23.24 -36.74
N GLU A 497 10.63 -24.30 -37.18
CA GLU A 497 9.97 -25.46 -37.75
C GLU A 497 9.40 -26.40 -36.69
N ASP A 498 9.68 -26.16 -35.41
CA ASP A 498 9.26 -27.08 -34.36
C ASP A 498 7.85 -26.85 -33.86
N PHE A 499 7.11 -25.91 -34.44
CA PHE A 499 5.74 -25.66 -34.00
C PHE A 499 4.84 -26.82 -34.37
N LYS A 500 3.91 -27.15 -33.48
CA LYS A 500 2.95 -28.21 -33.69
C LYS A 500 1.55 -27.67 -33.39
N TRP A 501 0.54 -28.37 -33.89
CA TRP A 501 -0.83 -27.89 -33.71
C TRP A 501 -1.23 -27.88 -32.24
N GLU A 502 -0.70 -28.80 -31.45
CA GLU A 502 -1.02 -28.86 -30.03
C GLU A 502 -0.45 -27.68 -29.25
N ASP A 503 0.46 -26.91 -29.83
CA ASP A 503 1.09 -25.79 -29.14
C ASP A 503 0.27 -24.51 -29.17
N ILE A 504 -0.84 -24.48 -29.90
CA ILE A 504 -1.62 -23.27 -30.10
C ILE A 504 -2.88 -23.34 -29.25
N GLU A 505 -3.17 -22.27 -28.53
CA GLU A 505 -4.39 -22.13 -27.74
C GLU A 505 -5.19 -20.97 -28.33
N LEU A 506 -6.41 -21.26 -28.79
CA LEU A 506 -7.30 -20.25 -29.35
C LEU A 506 -8.36 -19.92 -28.31
N ILE A 507 -8.38 -18.66 -27.87
CA ILE A 507 -9.13 -18.24 -26.71
C ILE A 507 -10.26 -17.31 -27.15
N GLY A 508 -11.48 -17.62 -26.73
CA GLY A 508 -12.60 -16.73 -26.97
C GLY A 508 -13.00 -16.58 -28.41
N TYR A 509 -13.02 -17.66 -29.18
CA TYR A 509 -13.43 -17.63 -30.57
C TYR A 509 -14.85 -18.17 -30.65
N TYR A 510 -15.82 -17.28 -30.85
CA TYR A 510 -17.23 -17.63 -30.91
C TYR A 510 -17.81 -17.13 -32.22
N PRO A 511 -17.48 -17.76 -33.34
CA PRO A 511 -17.90 -17.24 -34.65
C PRO A 511 -19.33 -17.68 -35.00
N TYR A 512 -19.85 -17.04 -36.05
CA TYR A 512 -21.08 -17.49 -36.67
C TYR A 512 -20.84 -18.82 -37.39
N PRO A 513 -21.91 -19.59 -37.63
CA PRO A 513 -21.72 -20.92 -38.25
C PRO A 513 -21.02 -20.82 -39.59
N THR A 514 -20.30 -21.89 -39.94
CA THR A 514 -19.50 -21.92 -41.14
C THR A 514 -20.39 -21.84 -42.38
N ILE A 515 -19.82 -21.31 -43.46
CA ILE A 515 -20.55 -21.07 -44.71
C ILE A 515 -19.84 -21.83 -45.82
N LYS A 516 -20.46 -22.91 -46.30
CA LYS A 516 -19.81 -23.75 -47.30
C LYS A 516 -19.71 -23.01 -48.62
N MET A 517 -18.53 -23.04 -49.23
CA MET A 517 -18.27 -22.39 -50.51
C MET A 517 -17.32 -23.27 -51.33
N ASP A 518 -17.67 -23.48 -52.60
CA ASP A 518 -16.90 -24.40 -53.44
C ASP A 518 -15.69 -23.71 -54.05
N MET A 519 -14.56 -24.40 -54.01
CA MET A 519 -13.33 -23.89 -54.61
C MET A 519 -13.37 -24.07 -56.13
N ALA A 520 -12.95 -23.04 -56.84
CA ALA A 520 -12.86 -23.07 -58.30
C ALA A 520 -11.51 -23.65 -58.69
N VAL A 521 -11.51 -24.87 -59.23
CA VAL A 521 -10.28 -25.55 -59.58
C VAL A 521 -9.72 -25.01 -60.89
N GLU B 3 -33.62 35.80 -46.43
CA GLU B 3 -32.20 35.46 -46.28
C GLU B 3 -31.91 34.10 -46.91
N LYS B 4 -31.47 34.12 -48.17
CA LYS B 4 -31.14 32.92 -48.91
C LYS B 4 -29.68 32.96 -49.35
N ASN B 5 -29.26 31.90 -50.05
CA ASN B 5 -27.86 31.67 -50.33
C ASN B 5 -27.40 32.38 -51.60
N VAL B 6 -26.15 32.84 -51.59
CA VAL B 6 -25.54 33.54 -52.71
C VAL B 6 -24.18 32.89 -53.01
N SER B 7 -23.98 32.52 -54.27
CA SER B 7 -22.78 31.81 -54.69
C SER B 7 -22.22 32.43 -55.97
N ILE B 8 -20.93 32.73 -55.96
CA ILE B 8 -20.22 33.19 -57.15
C ILE B 8 -19.76 31.97 -57.93
N VAL B 9 -20.23 31.82 -59.16
CA VAL B 9 -19.79 30.76 -60.05
C VAL B 9 -18.83 31.35 -61.07
N VAL B 10 -17.60 30.85 -61.12
CA VAL B 10 -16.58 31.45 -61.98
C VAL B 10 -15.64 30.36 -62.47
N ALA B 11 -15.08 30.57 -63.67
CA ALA B 11 -14.02 29.75 -64.23
C ALA B 11 -12.84 30.66 -64.54
N ALA B 12 -11.73 30.47 -63.82
CA ALA B 12 -10.58 31.34 -63.93
C ALA B 12 -9.32 30.51 -64.17
N SER B 13 -8.28 31.18 -64.64
CA SER B 13 -7.00 30.52 -64.84
C SER B 13 -6.33 30.20 -63.50
N VAL B 14 -5.38 29.28 -63.54
CA VAL B 14 -4.82 28.75 -62.30
C VAL B 14 -3.95 29.79 -61.59
N LEU B 15 -3.19 30.57 -62.35
CA LEU B 15 -2.22 31.46 -61.74
C LEU B 15 -2.71 32.90 -61.73
N SER B 16 -2.84 33.51 -62.90
CA SER B 16 -3.22 34.91 -63.00
C SER B 16 -4.70 35.16 -62.78
N SER B 17 -5.51 34.10 -62.70
CA SER B 17 -6.95 34.21 -62.43
C SER B 17 -7.68 34.95 -63.55
N GLY B 18 -7.23 34.80 -64.79
CA GLY B 18 -7.94 35.41 -65.90
C GLY B 18 -9.19 34.63 -66.26
N ILE B 19 -10.22 35.35 -66.70
CA ILE B 19 -11.51 34.73 -66.95
C ILE B 19 -12.02 35.02 -68.35
N GLY B 20 -11.44 35.99 -69.03
CA GLY B 20 -11.94 36.35 -70.35
C GLY B 20 -10.91 37.07 -71.18
N ILE B 21 -11.23 37.17 -72.48
CA ILE B 21 -10.37 37.87 -73.44
C ILE B 21 -11.21 38.32 -74.63
N ASN B 22 -11.22 39.64 -74.89
CA ASN B 22 -11.93 40.21 -76.03
C ASN B 22 -13.40 39.79 -76.05
N GLY B 23 -14.02 39.77 -74.87
CA GLY B 23 -15.44 39.49 -74.78
C GLY B 23 -15.84 38.05 -74.94
N GLN B 24 -14.89 37.12 -74.87
CA GLN B 24 -15.20 35.70 -74.96
C GLN B 24 -14.33 34.95 -73.97
N LEU B 25 -14.60 33.66 -73.82
CA LEU B 25 -13.84 32.84 -72.89
C LEU B 25 -12.49 32.47 -73.51
N PRO B 26 -11.44 32.44 -72.71
CA PRO B 26 -10.12 32.04 -73.23
C PRO B 26 -9.96 30.54 -73.38
N TRP B 27 -11.05 29.78 -73.37
CA TRP B 27 -11.00 28.34 -73.53
C TRP B 27 -12.38 27.83 -73.92
N SER B 28 -12.40 26.62 -74.47
CA SER B 28 -13.64 25.95 -74.87
C SER B 28 -13.69 24.60 -74.18
N ILE B 29 -14.31 24.57 -73.00
CA ILE B 29 -14.43 23.35 -72.20
C ILE B 29 -15.93 23.10 -72.00
N SER B 30 -16.47 22.14 -72.75
CA SER B 30 -17.92 21.89 -72.70
C SER B 30 -18.35 21.39 -71.33
N GLU B 31 -17.51 20.60 -70.68
CA GLU B 31 -17.85 20.07 -69.35
C GLU B 31 -18.01 21.19 -68.34
N ASP B 32 -17.27 22.29 -68.49
CA ASP B 32 -17.42 23.40 -67.56
C ASP B 32 -18.77 24.09 -67.76
N LEU B 33 -19.20 24.25 -69.01
CA LEU B 33 -20.53 24.80 -69.24
C LEU B 33 -21.60 23.88 -68.67
N LYS B 34 -21.41 22.56 -68.80
CA LYS B 34 -22.36 21.64 -68.20
C LYS B 34 -22.37 21.77 -66.68
N PHE B 35 -21.20 21.98 -66.07
CA PHE B 35 -21.13 22.19 -64.63
C PHE B 35 -21.86 23.46 -64.23
N PHE B 36 -21.66 24.54 -64.98
CA PHE B 36 -22.38 25.78 -64.74
C PHE B 36 -23.89 25.54 -64.81
N SER B 37 -24.33 24.86 -65.86
CA SER B 37 -25.77 24.62 -66.04
C SER B 37 -26.34 23.79 -64.89
N LYS B 38 -25.60 22.77 -64.44
CA LYS B 38 -26.10 21.91 -63.39
C LYS B 38 -26.06 22.57 -62.02
N ILE B 39 -25.06 23.43 -61.77
CA ILE B 39 -24.97 24.05 -60.45
C ILE B 39 -25.93 25.23 -60.36
N THR B 40 -26.25 25.89 -61.48
CA THR B 40 -27.20 26.99 -61.45
C THR B 40 -28.65 26.50 -61.50
N ASN B 41 -28.89 25.27 -61.91
CA ASN B 41 -30.21 24.66 -61.87
C ASN B 41 -30.46 23.90 -60.58
N ASN B 42 -29.48 23.85 -59.68
CA ASN B 42 -29.65 23.14 -58.42
C ASN B 42 -30.68 23.87 -57.55
N LYS B 43 -31.76 23.18 -57.20
CA LYS B 43 -32.82 23.80 -56.41
C LYS B 43 -33.57 22.71 -55.66
N CYS B 44 -34.03 23.07 -54.46
CA CYS B 44 -34.78 22.16 -53.60
C CYS B 44 -36.28 22.25 -53.80
N ASP B 45 -36.77 23.35 -54.37
CA ASP B 45 -38.20 23.58 -54.58
C ASP B 45 -38.48 23.64 -56.09
N SER B 46 -39.47 22.87 -56.54
CA SER B 46 -39.84 22.87 -57.95
C SER B 46 -40.62 24.11 -58.35
N ASN B 47 -41.26 24.80 -57.39
CA ASN B 47 -42.02 26.01 -57.67
C ASN B 47 -41.17 27.27 -57.55
N LYS B 48 -39.85 27.13 -57.57
CA LYS B 48 -38.94 28.27 -57.48
C LYS B 48 -37.87 28.16 -58.55
N LYS B 49 -37.40 29.30 -59.02
CA LYS B 49 -36.31 29.39 -59.97
C LYS B 49 -35.10 30.01 -59.30
N ASN B 50 -33.94 29.85 -59.94
CA ASN B 50 -32.70 30.43 -59.46
C ASN B 50 -32.36 31.68 -60.27
N ALA B 51 -31.81 32.67 -59.59
CA ALA B 51 -31.44 33.94 -60.19
C ALA B 51 -29.95 33.95 -60.52
N LEU B 52 -29.62 34.35 -61.74
CA LEU B 52 -28.23 34.44 -62.20
C LEU B 52 -27.95 35.91 -62.49
N ILE B 53 -27.14 36.54 -61.64
CA ILE B 53 -26.77 37.94 -61.80
C ILE B 53 -25.53 38.01 -62.70
N MET B 54 -25.55 38.91 -63.68
CA MET B 54 -24.42 39.05 -64.59
C MET B 54 -24.36 40.48 -65.11
N GLY B 55 -23.15 40.89 -65.51
CA GLY B 55 -22.98 42.19 -66.11
C GLY B 55 -23.49 42.26 -67.54
N ARG B 56 -23.47 43.48 -68.08
CA ARG B 56 -24.03 43.68 -69.42
C ARG B 56 -23.17 42.99 -70.48
N LYS B 57 -21.85 43.06 -70.34
CA LYS B 57 -20.98 42.45 -71.34
C LYS B 57 -21.08 40.92 -71.30
N THR B 58 -21.23 40.35 -70.10
CA THR B 58 -21.50 38.91 -70.01
C THR B 58 -22.85 38.58 -70.64
N TRP B 59 -23.84 39.43 -70.41
CA TRP B 59 -25.15 39.25 -71.04
C TRP B 59 -25.03 39.27 -72.56
N ASP B 60 -24.13 40.09 -73.10
CA ASP B 60 -23.85 40.05 -74.53
C ASP B 60 -23.13 38.76 -74.91
N SER B 61 -22.27 38.25 -74.03
CA SER B 61 -21.49 37.07 -74.35
C SER B 61 -22.37 35.83 -74.51
N ILE B 62 -23.53 35.80 -73.85
CA ILE B 62 -24.44 34.66 -73.94
C ILE B 62 -25.51 34.88 -75.01
N GLY B 63 -25.32 35.86 -75.89
CA GLY B 63 -26.24 36.07 -77.00
C GLY B 63 -27.53 36.76 -76.64
N ARG B 64 -27.63 37.36 -75.45
CA ARG B 64 -28.83 38.07 -75.02
C ARG B 64 -30.08 37.20 -75.13
N ARG B 65 -29.93 35.93 -74.77
CA ARG B 65 -31.04 34.98 -74.75
C ARG B 65 -31.13 34.35 -73.37
N PRO B 66 -32.34 34.04 -72.92
CA PRO B 66 -32.52 33.49 -71.56
C PRO B 66 -31.98 32.07 -71.44
N LEU B 67 -31.67 31.71 -70.20
CA LEU B 67 -31.27 30.35 -69.85
C LEU B 67 -32.46 29.62 -69.26
N LYS B 68 -32.62 28.35 -69.64
CA LYS B 68 -33.81 27.59 -69.27
C LYS B 68 -33.90 27.40 -67.76
N ASN B 69 -35.11 27.54 -67.23
CA ASN B 69 -35.44 27.31 -65.83
C ASN B 69 -34.70 28.25 -64.88
N ARG B 70 -34.23 29.39 -65.38
CA ARG B 70 -33.48 30.33 -64.58
C ARG B 70 -33.86 31.75 -64.98
N ILE B 71 -33.75 32.66 -64.01
CA ILE B 71 -34.07 34.08 -64.22
C ILE B 71 -32.77 34.85 -64.29
N ILE B 72 -32.51 35.48 -65.42
CA ILE B 72 -31.27 36.23 -65.63
C ILE B 72 -31.48 37.68 -65.20
N VAL B 73 -30.58 38.17 -64.36
CA VAL B 73 -30.61 39.54 -63.85
C VAL B 73 -29.38 40.26 -64.39
N VAL B 74 -29.62 41.22 -65.28
CA VAL B 74 -28.54 41.97 -65.91
C VAL B 74 -28.31 43.26 -65.13
N ILE B 75 -27.09 43.46 -64.68
CA ILE B 75 -26.68 44.71 -64.03
C ILE B 75 -26.19 45.63 -65.13
N SER B 76 -26.92 46.71 -65.37
CA SER B 76 -26.56 47.65 -66.42
C SER B 76 -27.23 48.98 -66.14
N SER B 77 -26.50 50.06 -66.39
CA SER B 77 -27.03 51.41 -66.21
C SER B 77 -27.62 51.97 -67.50
N SER B 78 -27.59 51.23 -68.60
CA SER B 78 -28.09 51.72 -69.88
C SER B 78 -29.17 50.85 -70.51
N LEU B 79 -29.19 49.55 -70.22
CA LEU B 79 -30.18 48.67 -70.84
C LEU B 79 -31.57 49.05 -70.40
N PRO B 80 -32.53 49.18 -71.32
CA PRO B 80 -33.89 49.54 -70.92
C PRO B 80 -34.53 48.41 -70.13
N GLN B 81 -35.14 48.76 -68.99
CA GLN B 81 -35.78 47.80 -68.11
C GLN B 81 -36.98 47.20 -68.82
N ASP B 82 -36.69 46.21 -69.68
CA ASP B 82 -37.73 45.59 -70.50
C ASP B 82 -38.55 44.63 -69.67
N GLU B 83 -39.87 44.72 -69.81
CA GLU B 83 -40.80 43.83 -69.12
C GLU B 83 -41.41 42.79 -70.05
N ALA B 84 -41.05 42.80 -71.33
CA ALA B 84 -41.58 41.80 -72.26
C ALA B 84 -41.09 40.40 -71.89
N ASP B 85 -39.78 40.23 -71.73
CA ASP B 85 -39.21 38.95 -71.37
C ASP B 85 -39.34 38.74 -69.86
N PRO B 86 -40.11 37.75 -69.43
CA PRO B 86 -40.26 37.50 -67.98
C PRO B 86 -39.08 36.78 -67.36
N ASN B 87 -38.20 36.18 -68.15
CA ASN B 87 -37.04 35.46 -67.64
C ASN B 87 -35.80 36.35 -67.49
N VAL B 88 -35.89 37.61 -67.87
CA VAL B 88 -34.75 38.53 -67.80
C VAL B 88 -35.22 39.85 -67.22
N VAL B 89 -34.48 40.35 -66.23
CA VAL B 89 -34.79 41.63 -65.60
C VAL B 89 -33.51 42.43 -65.44
N VAL B 90 -33.61 43.74 -65.57
CA VAL B 90 -32.46 44.64 -65.55
C VAL B 90 -32.50 45.48 -64.29
N PHE B 91 -31.34 45.63 -63.64
CA PHE B 91 -31.20 46.47 -62.46
C PHE B 91 -30.06 47.45 -62.66
N ARG B 92 -30.20 48.63 -62.04
CA ARG B 92 -29.24 49.72 -62.27
C ARG B 92 -27.96 49.55 -61.48
N ASN B 93 -28.03 48.93 -60.30
CA ASN B 93 -26.83 48.68 -59.50
C ASN B 93 -26.97 47.30 -58.85
N LEU B 94 -25.86 46.84 -58.28
CA LEU B 94 -25.85 45.49 -57.70
C LEU B 94 -26.61 45.44 -56.39
N GLU B 95 -26.55 46.50 -55.59
CA GLU B 95 -27.21 46.48 -54.29
C GLU B 95 -28.73 46.43 -54.44
N ASP B 96 -29.28 47.20 -55.37
CA ASP B 96 -30.72 47.14 -55.61
C ASP B 96 -31.14 45.78 -56.15
N SER B 97 -30.27 45.12 -56.91
CA SER B 97 -30.58 43.78 -57.42
C SER B 97 -30.71 42.76 -56.31
N ILE B 98 -30.11 43.01 -55.14
CA ILE B 98 -30.27 42.12 -54.00
C ILE B 98 -31.57 42.46 -53.29
N GLU B 99 -32.68 42.31 -54.00
CA GLU B 99 -34.00 42.41 -53.41
C GLU B 99 -34.70 41.06 -53.32
N ASN B 100 -34.13 40.03 -53.97
CA ASN B 100 -34.68 38.69 -53.86
C ASN B 100 -34.59 38.17 -52.43
N LEU B 101 -33.68 38.70 -51.62
CA LEU B 101 -33.64 38.35 -50.20
C LEU B 101 -34.88 38.86 -49.47
N MET B 102 -35.22 40.13 -49.69
CA MET B 102 -36.36 40.76 -49.00
C MET B 102 -37.67 40.21 -49.53
N ASN B 103 -38.07 40.64 -50.71
CA ASN B 103 -39.29 40.17 -51.34
C ASN B 103 -38.95 39.09 -52.38
N ASP B 104 -39.90 38.79 -53.26
CA ASP B 104 -39.73 37.80 -54.32
C ASP B 104 -39.29 36.45 -53.74
N ASP B 105 -40.26 35.79 -53.11
CA ASP B 105 -40.03 34.51 -52.47
C ASP B 105 -39.94 33.37 -53.48
N SER B 106 -40.20 33.63 -54.76
CA SER B 106 -40.07 32.62 -55.80
C SER B 106 -38.63 32.34 -56.19
N ILE B 107 -37.67 33.07 -55.61
CA ILE B 107 -36.26 32.85 -55.85
C ILE B 107 -35.69 32.10 -54.66
N GLU B 108 -35.01 30.98 -54.93
CA GLU B 108 -34.45 30.13 -53.88
C GLU B 108 -32.97 30.43 -53.62
N ASN B 109 -32.15 30.38 -54.67
CA ASN B 109 -30.73 30.66 -54.56
C ASN B 109 -30.34 31.74 -55.56
N ILE B 110 -29.27 32.45 -55.25
CA ILE B 110 -28.77 33.54 -56.08
C ILE B 110 -27.35 33.20 -56.51
N PHE B 111 -27.07 33.37 -57.80
CA PHE B 111 -25.76 33.08 -58.36
C PHE B 111 -25.19 34.33 -59.01
N VAL B 112 -24.04 34.77 -58.50
CA VAL B 112 -23.27 35.83 -59.12
C VAL B 112 -22.35 35.17 -60.13
N CYS B 113 -22.57 35.46 -61.41
CA CYS B 113 -21.76 34.83 -62.45
C CYS B 113 -21.36 35.83 -63.53
N GLY B 114 -21.31 37.13 -63.19
CA GLY B 114 -21.00 38.18 -64.14
C GLY B 114 -19.52 38.27 -64.43
N GLY B 115 -19.08 39.47 -64.84
CA GLY B 115 -17.70 39.70 -65.17
C GLY B 115 -16.89 40.14 -63.97
N GLU B 116 -15.66 40.59 -64.25
CA GLU B 116 -14.81 41.11 -63.18
C GLU B 116 -15.47 42.27 -62.46
N SER B 117 -16.11 43.18 -63.21
CA SER B 117 -16.75 44.33 -62.60
C SER B 117 -17.90 43.92 -61.69
N ILE B 118 -18.44 42.72 -61.87
CA ILE B 118 -19.50 42.23 -60.98
C ILE B 118 -18.92 41.43 -59.82
N TYR B 119 -17.97 40.54 -60.09
CA TYR B 119 -17.34 39.77 -59.02
C TYR B 119 -16.69 40.69 -57.99
N ARG B 120 -15.98 41.71 -58.46
CA ARG B 120 -15.17 42.55 -57.58
C ARG B 120 -16.05 43.27 -56.56
N ASP B 121 -17.13 43.90 -57.00
CA ASP B 121 -18.01 44.60 -56.08
C ASP B 121 -19.15 43.73 -55.56
N ALA B 122 -19.17 42.44 -55.91
CA ALA B 122 -20.00 41.49 -55.17
C ALA B 122 -19.26 40.94 -53.97
N LEU B 123 -17.95 40.79 -54.07
CA LEU B 123 -17.14 40.44 -52.92
C LEU B 123 -16.85 41.66 -52.05
N LYS B 124 -16.68 42.83 -52.68
CA LYS B 124 -16.42 44.04 -51.92
C LYS B 124 -17.60 44.41 -51.02
N ASP B 125 -18.82 44.31 -51.55
CA ASP B 125 -20.01 44.56 -50.76
C ASP B 125 -20.35 43.41 -49.82
N ASN B 126 -19.58 42.32 -49.85
CA ASN B 126 -19.74 41.19 -48.93
C ASN B 126 -21.15 40.61 -48.99
N PHE B 127 -21.59 40.28 -50.21
CA PHE B 127 -22.87 39.62 -50.43
C PHE B 127 -22.73 38.13 -50.69
N VAL B 128 -21.51 37.62 -50.81
CA VAL B 128 -21.27 36.29 -51.34
C VAL B 128 -21.03 35.32 -50.20
N ASP B 129 -21.75 34.20 -50.21
CA ASP B 129 -21.59 33.14 -49.24
C ASP B 129 -20.70 32.01 -49.73
N ARG B 130 -20.80 31.61 -51.00
CA ARG B 130 -20.02 30.50 -51.51
C ARG B 130 -19.36 30.88 -52.83
N ILE B 131 -18.33 30.12 -53.20
CA ILE B 131 -17.60 30.35 -54.44
C ILE B 131 -17.33 29.00 -55.11
N TYR B 132 -17.91 28.79 -56.28
CA TYR B 132 -17.63 27.63 -57.12
C TYR B 132 -16.63 28.08 -58.19
N LEU B 133 -15.36 27.76 -57.97
CA LEU B 133 -14.27 28.18 -58.84
C LEU B 133 -13.78 27.00 -59.67
N THR B 134 -13.65 27.23 -60.97
CA THR B 134 -13.11 26.22 -61.88
C THR B 134 -11.73 26.71 -62.31
N ARG B 135 -10.68 26.07 -61.80
CA ARG B 135 -9.33 26.43 -62.16
C ARG B 135 -8.95 25.76 -63.48
N VAL B 136 -8.46 26.56 -64.43
CA VAL B 136 -8.05 26.06 -65.74
C VAL B 136 -6.56 26.27 -65.88
N ALA B 137 -5.87 25.27 -66.42
CA ALA B 137 -4.41 25.27 -66.51
C ALA B 137 -3.90 25.88 -67.81
N LEU B 138 -4.31 27.11 -68.09
CA LEU B 138 -3.82 27.90 -69.22
C LEU B 138 -3.25 29.21 -68.70
N GLU B 139 -2.00 29.49 -69.07
CA GLU B 139 -1.35 30.70 -68.58
C GLU B 139 -0.48 31.43 -69.59
N ASP B 140 -0.07 30.79 -70.69
CA ASP B 140 0.73 31.44 -71.71
C ASP B 140 -0.12 32.12 -72.78
N ILE B 141 -1.36 32.49 -72.45
CA ILE B 141 -2.25 33.16 -73.39
C ILE B 141 -2.54 34.57 -72.88
N GLU B 142 -3.37 35.30 -73.61
CA GLU B 142 -3.67 36.69 -73.29
C GLU B 142 -5.01 36.80 -72.58
N PHE B 143 -5.04 37.60 -71.52
CA PHE B 143 -6.26 37.90 -70.79
C PHE B 143 -6.50 39.40 -70.77
N ASP B 144 -7.76 39.78 -70.56
CA ASP B 144 -8.11 41.17 -70.30
C ASP B 144 -9.12 41.34 -69.18
N THR B 145 -9.68 40.24 -68.66
CA THR B 145 -10.63 40.28 -67.56
C THR B 145 -10.23 39.20 -66.57
N TYR B 146 -10.04 39.58 -65.31
CA TYR B 146 -9.50 38.68 -64.31
C TYR B 146 -10.49 38.51 -63.16
N PHE B 147 -10.36 37.40 -62.45
CA PHE B 147 -11.16 37.16 -61.25
C PHE B 147 -10.40 37.69 -60.03
N PRO B 148 -11.03 38.52 -59.20
CA PRO B 148 -10.31 39.14 -58.09
C PRO B 148 -9.78 38.09 -57.11
N GLU B 149 -8.69 38.43 -56.43
CA GLU B 149 -8.12 37.53 -55.44
C GLU B 149 -9.14 37.25 -54.36
N ILE B 150 -9.35 35.98 -54.05
CA ILE B 150 -10.37 35.60 -53.07
C ILE B 150 -9.96 36.12 -51.70
N PRO B 151 -10.81 36.87 -51.00
CA PRO B 151 -10.41 37.45 -49.72
C PRO B 151 -10.19 36.37 -48.67
N GLU B 152 -9.45 36.75 -47.61
CA GLU B 152 -9.11 35.81 -46.57
C GLU B 152 -10.32 35.33 -45.78
N THR B 153 -11.46 36.01 -45.90
CA THR B 153 -12.67 35.58 -45.20
C THR B 153 -13.20 34.26 -45.73
N PHE B 154 -12.81 33.86 -46.94
CA PHE B 154 -13.20 32.59 -47.52
C PHE B 154 -12.12 31.54 -47.27
N LEU B 155 -12.56 30.28 -47.13
CA LEU B 155 -11.65 29.16 -47.00
C LEU B 155 -12.09 28.04 -47.93
N PRO B 156 -11.15 27.35 -48.56
CA PRO B 156 -11.51 26.24 -49.46
C PRO B 156 -11.99 25.03 -48.66
N VAL B 157 -13.09 24.45 -49.12
CA VAL B 157 -13.65 23.25 -48.47
C VAL B 157 -13.67 22.04 -49.39
N TYR B 158 -13.36 22.20 -50.67
CA TYR B 158 -13.40 21.09 -51.60
C TYR B 158 -12.50 21.38 -52.79
N MET B 159 -11.78 20.36 -53.25
CA MET B 159 -10.94 20.44 -54.44
C MET B 159 -11.02 19.10 -55.15
N SER B 160 -11.64 19.09 -56.33
CA SER B 160 -11.88 17.86 -57.07
C SER B 160 -10.58 17.33 -57.68
N GLN B 161 -10.69 16.18 -58.32
CA GLN B 161 -9.57 15.64 -59.10
C GLN B 161 -9.37 16.48 -60.36
N THR B 162 -8.23 16.27 -61.01
CA THR B 162 -7.94 16.98 -62.25
C THR B 162 -8.61 16.27 -63.42
N PHE B 163 -9.30 17.03 -64.26
CA PHE B 163 -9.95 16.54 -65.45
C PHE B 163 -9.28 17.11 -66.70
N CYS B 164 -9.48 16.43 -67.83
CA CYS B 164 -8.86 16.80 -69.09
C CYS B 164 -9.92 17.02 -70.15
N THR B 165 -9.74 18.08 -70.94
CA THR B 165 -10.58 18.33 -72.11
C THR B 165 -9.73 19.05 -73.14
N LYS B 166 -9.60 18.45 -74.32
CA LYS B 166 -8.77 18.98 -75.40
C LYS B 166 -7.35 19.26 -74.89
N ASN B 167 -6.80 18.29 -74.16
CA ASN B 167 -5.47 18.35 -73.58
C ASN B 167 -5.29 19.49 -72.58
N ILE B 168 -6.39 20.02 -72.05
CA ILE B 168 -6.36 21.08 -71.06
C ILE B 168 -6.81 20.51 -69.72
N SER B 169 -6.03 20.75 -68.67
CA SER B 169 -6.35 20.28 -67.33
C SER B 169 -7.13 21.32 -66.56
N TYR B 170 -8.10 20.85 -65.76
CA TYR B 170 -8.90 21.77 -64.97
C TYR B 170 -9.44 21.08 -63.72
N ASP B 171 -9.70 21.88 -62.69
CA ASP B 171 -10.14 21.46 -61.36
C ASP B 171 -11.49 22.08 -61.02
N PHE B 172 -12.04 21.65 -59.90
CA PHE B 172 -13.25 22.24 -59.32
C PHE B 172 -13.03 22.46 -57.83
N MET B 173 -13.32 23.66 -57.36
CA MET B 173 -13.13 24.01 -55.95
C MET B 173 -14.32 24.77 -55.41
N ILE B 174 -14.57 24.60 -54.12
CA ILE B 174 -15.61 25.33 -53.40
C ILE B 174 -14.95 26.10 -52.27
N PHE B 175 -15.35 27.36 -52.12
CA PHE B 175 -14.91 28.22 -51.03
C PHE B 175 -16.11 28.65 -50.22
N GLU B 176 -15.97 28.61 -48.90
CA GLU B 176 -17.05 28.98 -47.98
C GLU B 176 -16.62 30.13 -47.09
N LYS B 177 -17.59 30.98 -46.77
CA LYS B 177 -17.37 32.14 -45.90
C LYS B 177 -17.37 31.66 -44.45
N GLN B 178 -16.18 31.55 -43.87
CA GLN B 178 -16.06 31.04 -42.51
C GLN B 178 -16.44 32.11 -41.49
N GLU B 179 -17.23 31.70 -40.50
CA GLU B 179 -17.68 32.60 -39.45
C GLU B 179 -17.07 32.22 -38.10
N LEU B 193 -22.26 13.75 -34.61
CA LEU B 193 -22.56 13.06 -33.37
C LEU B 193 -21.32 12.99 -32.48
N LYS B 194 -21.33 13.76 -31.38
CA LYS B 194 -20.17 13.90 -30.53
C LYS B 194 -19.92 12.68 -29.65
N SER B 195 -20.94 11.85 -29.42
CA SER B 195 -20.78 10.71 -28.51
C SER B 195 -19.72 9.75 -29.01
N ILE B 196 -19.69 9.48 -30.32
CA ILE B 196 -18.71 8.57 -30.88
C ILE B 196 -17.29 9.12 -30.67
N ASP B 197 -17.11 10.41 -30.95
CA ASP B 197 -15.79 11.02 -30.79
C ASP B 197 -15.35 10.98 -29.32
N ASP B 198 -16.25 11.30 -28.39
CA ASP B 198 -15.88 11.28 -26.98
C ASP B 198 -15.55 9.87 -26.52
N THR B 199 -16.31 8.87 -26.96
CA THR B 199 -16.01 7.49 -26.57
C THR B 199 -14.66 7.04 -27.12
N VAL B 200 -14.35 7.40 -28.36
CA VAL B 200 -13.06 7.02 -28.93
C VAL B 200 -11.92 7.72 -28.20
N ASP B 201 -12.10 9.00 -27.84
CA ASP B 201 -11.08 9.71 -27.09
C ASP B 201 -10.86 9.08 -25.72
N LEU B 202 -11.93 8.67 -25.05
CA LEU B 202 -11.77 8.03 -23.74
C LEU B 202 -11.07 6.68 -23.87
N LEU B 203 -11.47 5.87 -24.85
CA LEU B 203 -10.82 4.58 -25.06
C LEU B 203 -9.35 4.75 -25.40
N GLY B 204 -8.99 5.83 -26.11
CA GLY B 204 -7.60 6.12 -26.38
C GLY B 204 -6.84 6.59 -25.15
N GLU B 205 -7.52 7.32 -24.26
CA GLU B 205 -6.88 7.69 -23.00
C GLU B 205 -6.60 6.46 -22.15
N ILE B 206 -7.49 5.47 -22.19
CA ILE B 206 -7.30 4.26 -21.40
C ILE B 206 -6.13 3.46 -21.96
N PHE B 207 -6.31 2.89 -23.15
CA PHE B 207 -5.25 2.12 -23.79
C PHE B 207 -4.28 3.07 -24.49
N GLY B 208 -3.03 3.08 -24.06
CA GLY B 208 -2.12 4.10 -24.53
C GLY B 208 -1.76 3.94 -25.99
N ILE B 209 -1.07 2.85 -26.33
CA ILE B 209 -0.75 2.56 -27.71
C ILE B 209 -1.29 1.17 -27.98
N ARG B 210 -2.15 0.69 -27.09
CA ARG B 210 -2.80 -0.59 -27.29
C ARG B 210 -3.95 -0.46 -28.26
N LYS B 211 -4.65 0.68 -28.23
CA LYS B 211 -5.63 1.00 -29.25
C LYS B 211 -4.88 1.41 -30.51
N MET B 212 -5.09 0.66 -31.60
CA MET B 212 -4.32 0.87 -32.82
C MET B 212 -4.48 2.31 -33.34
N GLY B 213 -5.61 2.95 -33.03
CA GLY B 213 -5.81 4.32 -33.48
C GLY B 213 -4.74 5.28 -33.00
N ASN B 214 -4.21 5.07 -31.79
CA ASN B 214 -3.18 5.96 -31.27
C ASN B 214 -1.86 5.81 -32.02
N ARG B 215 -1.60 4.63 -32.59
CA ARG B 215 -0.40 4.47 -33.41
C ARG B 215 -0.53 5.14 -34.77
N HIS B 216 -1.76 5.43 -35.19
CA HIS B 216 -2.01 6.15 -36.43
C HIS B 216 -2.85 7.39 -36.16
N LYS B 217 -2.31 8.31 -35.37
CA LYS B 217 -3.05 9.51 -35.01
C LYS B 217 -3.27 10.38 -36.25
N PHE B 218 -4.41 11.06 -36.25
CA PHE B 218 -4.68 12.02 -37.32
C PHE B 218 -3.68 13.17 -37.23
N PRO B 219 -3.12 13.61 -38.35
CA PRO B 219 -2.10 14.66 -38.29
C PRO B 219 -2.66 15.95 -37.73
N LYS B 220 -1.83 16.65 -36.95
CA LYS B 220 -2.22 17.93 -36.41
C LYS B 220 -2.41 18.95 -37.52
N GLU B 221 -3.22 19.97 -37.24
CA GLU B 221 -3.54 20.97 -38.25
C GLU B 221 -2.29 21.73 -38.71
N GLU B 222 -1.28 21.83 -37.85
CA GLU B 222 -0.09 22.59 -38.18
C GLU B 222 0.77 21.89 -39.22
N ILE B 223 0.48 20.63 -39.56
CA ILE B 223 1.25 19.90 -40.56
C ILE B 223 0.30 19.26 -41.57
N TYR B 224 -0.92 19.77 -41.64
CA TYR B 224 -1.95 19.26 -42.55
C TYR B 224 -2.11 20.24 -43.70
N ASN B 225 -1.78 19.80 -44.92
CA ASN B 225 -1.80 20.68 -46.07
C ASN B 225 -3.24 21.11 -46.38
N THR B 226 -3.47 22.43 -46.45
CA THR B 226 -4.78 23.02 -46.65
C THR B 226 -5.79 22.43 -45.66
N PRO B 227 -5.67 22.75 -44.37
CA PRO B 227 -6.50 22.06 -43.36
C PRO B 227 -7.97 22.34 -43.52
N SER B 228 -8.34 23.43 -44.18
CA SER B 228 -9.75 23.77 -44.33
C SER B 228 -10.47 22.77 -45.21
N ILE B 229 -9.77 22.12 -46.14
CA ILE B 229 -10.37 21.08 -46.95
C ILE B 229 -10.35 19.77 -46.17
N ARG B 230 -11.44 19.50 -45.45
CA ARG B 230 -11.54 18.31 -44.60
C ARG B 230 -12.16 17.15 -45.36
N PHE B 231 -13.38 17.34 -45.86
CA PHE B 231 -14.16 16.27 -46.48
C PHE B 231 -14.08 16.29 -48.00
N GLY B 232 -13.33 17.22 -48.59
CA GLY B 232 -13.26 17.31 -50.02
C GLY B 232 -11.86 17.18 -50.60
N ARG B 233 -11.07 16.27 -50.05
CA ARG B 233 -9.70 16.05 -50.51
C ARG B 233 -9.66 15.08 -51.70
N GLU B 234 -10.41 15.45 -52.74
CA GLU B 234 -10.53 14.57 -53.89
C GLU B 234 -9.31 14.61 -54.78
N HIS B 235 -8.65 15.77 -54.90
CA HIS B 235 -7.45 15.89 -55.72
C HIS B 235 -6.40 14.89 -55.25
N TYR B 236 -5.93 14.06 -56.16
CA TYR B 236 -5.11 12.92 -55.79
C TYR B 236 -3.66 13.28 -55.49
N GLU B 237 -3.27 14.55 -55.56
CA GLU B 237 -2.00 14.93 -54.97
C GLU B 237 -2.07 14.90 -53.45
N PHE B 238 -3.27 14.96 -52.88
CA PHE B 238 -3.45 14.79 -51.45
C PHE B 238 -3.09 13.38 -51.00
N GLN B 239 -3.14 12.39 -51.90
CA GLN B 239 -2.69 11.05 -51.55
C GLN B 239 -1.22 11.02 -51.16
N TYR B 240 -0.44 12.01 -51.60
CA TYR B 240 0.96 12.16 -51.24
C TYR B 240 1.17 13.12 -50.07
N LEU B 241 0.48 14.26 -50.07
CA LEU B 241 0.66 15.24 -49.01
C LEU B 241 0.13 14.73 -47.67
N ASP B 242 -0.99 14.00 -47.69
CA ASP B 242 -1.51 13.43 -46.45
C ASP B 242 -0.60 12.33 -45.93
N LEU B 243 0.05 11.58 -46.82
CA LEU B 243 1.06 10.62 -46.38
C LEU B 243 2.25 11.32 -45.75
N LEU B 244 2.69 12.43 -46.35
CA LEU B 244 3.73 13.25 -45.75
C LEU B 244 3.35 13.67 -44.34
N SER B 245 2.10 14.15 -44.18
CA SER B 245 1.62 14.59 -42.87
C SER B 245 1.55 13.44 -41.88
N ARG B 246 1.10 12.27 -42.33
CA ARG B 246 1.02 11.11 -41.44
C ARG B 246 2.40 10.68 -40.97
N VAL B 247 3.40 10.77 -41.85
CA VAL B 247 4.76 10.44 -41.43
C VAL B 247 5.27 11.48 -40.45
N LEU B 248 4.99 12.75 -40.69
CA LEU B 248 5.41 13.77 -39.73
C LEU B 248 4.73 13.60 -38.39
N GLU B 249 3.51 13.06 -38.37
CA GLU B 249 2.76 12.95 -37.12
C GLU B 249 3.15 11.69 -36.34
N ASN B 250 3.20 10.54 -37.02
CA ASN B 250 3.38 9.25 -36.35
C ASN B 250 4.76 8.64 -36.61
N GLY B 251 5.66 9.36 -37.26
CA GLY B 251 6.94 8.79 -37.67
C GLY B 251 7.85 8.53 -36.49
N ALA B 252 8.29 7.28 -36.32
CA ALA B 252 9.25 6.97 -35.27
C ALA B 252 10.66 7.33 -35.73
N TYR B 253 11.42 7.97 -34.84
CA TYR B 253 12.78 8.38 -35.15
C TYR B 253 13.68 7.15 -35.14
N ARG B 254 14.19 6.78 -36.30
CA ARG B 254 14.99 5.57 -36.46
C ARG B 254 16.25 5.86 -37.25
N GLU B 255 17.28 5.07 -36.96
CA GLU B 255 18.52 5.10 -37.73
C GLU B 255 18.41 4.12 -38.90
N ASN B 256 19.38 4.19 -39.81
CA ASN B 256 19.36 3.34 -40.99
C ASN B 256 20.79 3.18 -41.49
N ARG B 257 20.92 2.65 -42.71
CA ARG B 257 22.24 2.38 -43.29
C ARG B 257 23.07 3.64 -43.45
N THR B 258 22.43 4.79 -43.62
CA THR B 258 23.12 6.06 -43.74
C THR B 258 23.19 6.76 -42.40
N GLY B 259 24.16 7.68 -42.29
CA GLY B 259 24.30 8.47 -41.08
C GLY B 259 23.14 9.41 -40.81
N ILE B 260 22.31 9.67 -41.82
CA ILE B 260 21.17 10.56 -41.68
C ILE B 260 19.98 9.73 -41.20
N SER B 261 19.57 9.97 -39.95
CA SER B 261 18.41 9.27 -39.41
C SER B 261 17.12 9.79 -40.05
N THR B 262 16.06 9.00 -39.91
CA THR B 262 14.78 9.30 -40.53
C THR B 262 13.66 9.21 -39.49
N TYR B 263 12.49 9.66 -39.91
CA TYR B 263 11.23 9.37 -39.23
C TYR B 263 10.43 8.44 -40.13
N SER B 264 10.13 7.23 -39.63
CA SER B 264 9.61 6.16 -40.45
C SER B 264 8.31 5.62 -39.89
N ILE B 265 7.40 5.24 -40.80
CA ILE B 265 6.21 4.46 -40.49
C ILE B 265 6.13 3.31 -41.49
N PHE B 266 5.23 2.37 -41.22
CA PHE B 266 5.15 1.13 -41.98
C PHE B 266 3.73 0.89 -42.49
N GLY B 267 3.62 0.48 -43.75
CA GLY B 267 2.35 0.12 -44.34
C GLY B 267 1.47 1.30 -44.72
N GLN B 268 1.67 1.84 -45.93
CA GLN B 268 0.87 2.95 -46.44
C GLN B 268 0.55 2.71 -47.89
N MET B 269 -0.36 3.53 -48.44
CA MET B 269 -0.71 3.40 -49.85
C MET B 269 -1.12 4.76 -50.41
N MET B 270 -1.05 4.86 -51.74
CA MET B 270 -1.44 6.06 -52.47
C MET B 270 -2.12 5.65 -53.77
N ARG B 271 -3.17 6.37 -54.15
CA ARG B 271 -3.86 6.15 -55.40
C ARG B 271 -3.75 7.38 -56.29
N PHE B 272 -3.67 7.14 -57.60
CA PHE B 272 -3.57 8.21 -58.58
C PHE B 272 -4.37 7.87 -59.82
N ASP B 273 -5.01 8.87 -60.39
CA ASP B 273 -5.72 8.72 -61.65
C ASP B 273 -4.82 9.10 -62.81
N MET B 274 -4.92 8.31 -63.90
CA MET B 274 -4.18 8.60 -65.11
C MET B 274 -5.08 8.70 -66.34
N ARG B 275 -6.40 8.55 -66.18
CA ARG B 275 -7.30 8.69 -67.32
C ARG B 275 -7.45 10.15 -67.72
N GLU B 276 -7.54 11.05 -66.74
CA GLU B 276 -7.83 12.45 -67.00
C GLU B 276 -6.68 13.38 -66.62
N SER B 277 -5.55 12.85 -66.16
CA SER B 277 -4.43 13.68 -65.72
C SER B 277 -3.16 12.86 -65.73
N PHE B 278 -2.11 13.40 -65.11
CA PHE B 278 -0.84 12.72 -64.95
C PHE B 278 -0.26 13.02 -63.57
N PRO B 279 -0.08 12.01 -62.72
CA PRO B 279 0.33 12.28 -61.33
C PRO B 279 1.75 12.81 -61.19
N LEU B 280 1.98 14.05 -61.62
CA LEU B 280 3.24 14.76 -61.39
C LEU B 280 2.96 15.86 -60.38
N LEU B 281 3.69 15.84 -59.27
CA LEU B 281 3.39 16.76 -58.17
C LEU B 281 3.50 18.21 -58.62
N THR B 282 2.57 19.04 -58.15
CA THR B 282 2.58 20.46 -58.47
C THR B 282 3.09 21.32 -57.31
N THR B 283 3.12 20.79 -56.09
CA THR B 283 3.64 21.55 -54.95
C THR B 283 5.15 21.70 -54.99
N LYS B 284 5.81 21.17 -56.01
CA LYS B 284 7.27 21.23 -56.16
C LYS B 284 7.59 20.86 -57.60
N LYS B 285 8.46 21.64 -58.25
CA LYS B 285 8.85 21.34 -59.62
C LYS B 285 9.69 20.05 -59.65
N VAL B 286 9.21 19.07 -60.39
CA VAL B 286 9.84 17.74 -60.45
C VAL B 286 10.63 17.60 -61.74
N ALA B 287 11.88 17.18 -61.63
CA ALA B 287 12.75 16.96 -62.78
C ALA B 287 12.28 15.76 -63.61
N ILE B 288 11.40 16.01 -64.57
CA ILE B 288 10.79 14.91 -65.32
C ILE B 288 11.77 14.25 -66.28
N ARG B 289 12.73 15.00 -66.83
CA ARG B 289 13.64 14.42 -67.80
C ARG B 289 14.51 13.33 -67.19
N SER B 290 15.01 13.57 -65.97
CA SER B 290 15.81 12.55 -65.30
C SER B 290 14.99 11.30 -65.03
N ILE B 291 13.73 11.49 -64.65
CA ILE B 291 12.83 10.36 -64.42
C ILE B 291 12.67 9.54 -65.69
N PHE B 292 12.40 10.21 -66.82
CA PHE B 292 12.22 9.48 -68.07
C PHE B 292 13.50 8.76 -68.47
N GLU B 293 14.64 9.41 -68.30
CA GLU B 293 15.89 8.78 -68.70
C GLU B 293 16.19 7.56 -67.86
N GLU B 294 15.94 7.64 -66.55
CA GLU B 294 16.08 6.46 -65.69
C GLU B 294 15.13 5.35 -66.14
N LEU B 295 13.89 5.70 -66.48
CA LEU B 295 12.92 4.68 -66.85
C LEU B 295 13.30 3.98 -68.15
N ILE B 296 13.68 4.75 -69.17
CA ILE B 296 14.07 4.14 -70.43
C ILE B 296 15.39 3.41 -70.29
N TRP B 297 16.23 3.82 -69.33
CA TRP B 297 17.43 3.07 -69.00
C TRP B 297 17.07 1.70 -68.44
N PHE B 298 16.08 1.65 -67.55
CA PHE B 298 15.58 0.38 -67.06
C PHE B 298 15.04 -0.48 -68.19
N ILE B 299 14.20 0.11 -69.05
CA ILE B 299 13.52 -0.66 -70.09
C ILE B 299 14.53 -1.29 -71.04
N LYS B 300 15.56 -0.53 -71.42
CA LYS B 300 16.56 -1.04 -72.34
C LYS B 300 17.40 -2.17 -71.75
N GLY B 301 17.28 -2.44 -70.45
CA GLY B 301 18.07 -3.48 -69.83
C GLY B 301 19.47 -3.09 -69.42
N ASP B 302 19.75 -1.80 -69.33
CA ASP B 302 21.09 -1.31 -69.10
C ASP B 302 21.38 -1.19 -67.61
N THR B 303 22.64 -1.45 -67.25
CA THR B 303 23.12 -1.26 -65.89
C THR B 303 24.35 -0.36 -65.83
N ASN B 304 24.68 0.31 -66.93
CA ASN B 304 25.84 1.19 -67.01
C ASN B 304 25.44 2.59 -66.56
N GLY B 305 25.93 3.00 -65.39
CA GLY B 305 25.64 4.34 -64.88
C GLY B 305 26.26 5.45 -65.70
N ASN B 306 27.34 5.15 -66.43
CA ASN B 306 27.92 6.16 -67.28
C ASN B 306 27.00 6.55 -68.42
N HIS B 307 26.11 5.63 -68.83
CA HIS B 307 25.13 5.98 -69.86
C HIS B 307 24.12 7.00 -69.35
N LEU B 308 23.78 6.94 -68.06
CA LEU B 308 22.91 7.96 -67.47
C LEU B 308 23.67 9.27 -67.24
N ILE B 309 24.93 9.18 -66.82
CA ILE B 309 25.70 10.39 -66.58
C ILE B 309 25.96 11.14 -67.89
N GLU B 310 26.12 10.42 -69.00
CA GLU B 310 26.34 11.07 -70.30
C GLU B 310 25.12 11.88 -70.72
N LYS B 311 23.93 11.45 -70.32
CA LYS B 311 22.70 12.18 -70.62
C LYS B 311 22.37 13.23 -69.56
N LYS B 312 23.36 13.65 -68.78
CA LYS B 312 23.20 14.67 -67.74
C LYS B 312 22.15 14.28 -66.72
N VAL B 313 22.17 13.03 -66.29
CA VAL B 313 21.30 12.51 -65.23
C VAL B 313 22.21 11.87 -64.17
N TYR B 314 22.22 12.44 -62.97
CA TYR B 314 23.17 12.06 -61.93
C TYR B 314 22.47 11.50 -60.70
N ILE B 315 21.31 10.87 -60.87
CA ILE B 315 20.61 10.32 -59.72
C ILE B 315 21.26 9.04 -59.23
N TRP B 316 21.99 8.32 -60.10
CA TRP B 316 22.70 7.11 -59.71
C TRP B 316 24.19 7.36 -59.56
N SER B 317 24.60 8.61 -59.33
CA SER B 317 26.01 8.91 -59.13
C SER B 317 26.43 8.66 -57.68
N GLY B 318 25.55 8.98 -56.73
CA GLY B 318 25.87 8.74 -55.34
C GLY B 318 26.11 7.28 -55.03
N ASN B 319 25.27 6.40 -55.58
CA ASN B 319 25.43 4.96 -55.43
C ASN B 319 26.36 4.35 -56.47
N GLY B 320 27.00 5.18 -57.29
CA GLY B 320 27.87 4.69 -58.33
C GLY B 320 29.28 5.24 -58.28
N SER B 321 29.66 5.82 -57.15
CA SER B 321 31.02 6.30 -56.97
C SER B 321 31.93 5.14 -56.59
N LYS B 322 33.23 5.31 -56.89
CA LYS B 322 34.20 4.27 -56.55
C LYS B 322 34.29 4.07 -55.04
N GLU B 323 34.20 5.15 -54.27
CA GLU B 323 34.28 5.04 -52.81
C GLU B 323 33.09 4.28 -52.25
N TYR B 324 31.88 4.56 -52.74
CA TYR B 324 30.70 3.85 -52.27
C TYR B 324 30.74 2.38 -52.66
N LEU B 325 31.28 2.05 -53.83
CA LEU B 325 31.35 0.65 -54.23
C LEU B 325 32.40 -0.11 -53.44
N GLU B 326 33.56 0.49 -53.22
CA GLU B 326 34.57 -0.17 -52.38
C GLU B 326 34.11 -0.25 -50.93
N ARG B 327 33.22 0.65 -50.50
CA ARG B 327 32.75 0.63 -49.12
C ARG B 327 31.72 -0.46 -48.88
N ILE B 328 30.91 -0.79 -49.87
CA ILE B 328 29.89 -1.83 -49.71
C ILE B 328 30.49 -3.17 -50.13
N GLY B 329 31.79 -3.18 -50.41
CA GLY B 329 32.48 -4.41 -50.75
C GLY B 329 32.45 -4.78 -52.22
N LEU B 330 32.35 -3.82 -53.12
CA LEU B 330 32.36 -4.06 -54.55
C LEU B 330 33.46 -3.26 -55.23
N GLY B 331 34.63 -3.18 -54.58
CA GLY B 331 35.75 -2.46 -55.15
C GLY B 331 36.28 -3.06 -56.43
N HIS B 332 36.02 -4.35 -56.67
CA HIS B 332 36.43 -4.98 -57.92
C HIS B 332 35.65 -4.44 -59.11
N ARG B 333 34.45 -3.94 -58.87
CA ARG B 333 33.58 -3.48 -59.95
C ARG B 333 34.11 -2.17 -60.54
N GLU B 334 33.71 -1.90 -61.78
CA GLU B 334 34.11 -0.67 -62.45
C GLU B 334 33.39 0.53 -61.82
N GLU B 335 33.76 1.73 -62.28
CA GLU B 335 33.31 3.00 -61.69
C GLU B 335 31.81 3.04 -61.43
N ASN B 336 31.00 3.07 -62.48
CA ASN B 336 29.55 3.16 -62.34
C ASN B 336 28.86 1.86 -62.76
N ASP B 337 29.55 0.73 -62.64
CA ASP B 337 28.96 -0.57 -62.93
C ASP B 337 28.11 -0.98 -61.72
N LEU B 338 26.82 -0.64 -61.77
CA LEU B 338 25.95 -0.84 -60.62
C LEU B 338 25.59 -2.29 -60.38
N GLY B 339 25.81 -3.17 -61.35
CA GLY B 339 25.50 -4.57 -61.20
C GLY B 339 24.07 -4.91 -61.58
N PRO B 340 23.66 -6.17 -61.36
CA PRO B 340 22.32 -6.59 -61.76
C PRO B 340 21.23 -5.95 -60.91
N ILE B 341 20.64 -4.87 -61.41
CA ILE B 341 19.67 -4.09 -60.64
C ILE B 341 18.38 -3.98 -61.45
N TYR B 342 17.62 -2.91 -61.21
CA TYR B 342 16.47 -2.60 -62.04
C TYR B 342 16.89 -2.66 -63.52
N GLY B 343 16.01 -3.24 -64.33
CA GLY B 343 16.26 -3.38 -65.75
C GLY B 343 17.15 -4.54 -66.14
N PHE B 344 17.96 -5.06 -65.23
CA PHE B 344 18.62 -6.32 -65.54
C PHE B 344 17.76 -7.50 -65.13
N GLN B 345 17.08 -7.40 -63.99
CA GLN B 345 16.09 -8.40 -63.63
C GLN B 345 14.84 -8.29 -64.50
N TRP B 346 14.58 -7.11 -65.08
CA TRP B 346 13.43 -6.97 -65.97
C TRP B 346 13.65 -7.73 -67.28
N ARG B 347 14.87 -7.67 -67.81
CA ARG B 347 15.17 -8.24 -69.12
C ARG B 347 16.00 -9.52 -69.07
N HIS B 348 16.79 -9.72 -68.01
CA HIS B 348 17.65 -10.89 -67.90
C HIS B 348 17.59 -11.43 -66.46
N TYR B 349 16.41 -11.88 -66.05
CA TYR B 349 16.23 -12.38 -64.69
C TYR B 349 16.97 -13.72 -64.52
N ASN B 350 17.65 -13.85 -63.38
CA ASN B 350 18.47 -15.03 -63.06
C ASN B 350 19.63 -15.22 -64.03
N GLY B 351 20.05 -14.14 -64.70
CA GLY B 351 21.16 -14.23 -65.64
C GLY B 351 22.48 -14.00 -64.93
N GLU B 352 23.45 -14.88 -65.21
CA GLU B 352 24.77 -14.77 -64.61
C GLU B 352 25.41 -13.44 -65.00
N TYR B 353 25.48 -12.50 -64.06
CA TYR B 353 26.01 -11.18 -64.34
C TYR B 353 27.53 -11.20 -64.26
N LYS B 354 28.18 -10.60 -65.26
CA LYS B 354 29.63 -10.45 -65.26
C LYS B 354 30.01 -8.98 -65.07
N THR B 355 29.95 -8.19 -66.15
CA THR B 355 30.16 -6.75 -66.09
C THR B 355 29.10 -6.06 -66.93
N MET B 356 29.13 -4.73 -66.92
CA MET B 356 28.18 -3.93 -67.67
C MET B 356 28.52 -3.83 -69.15
N HIS B 357 29.62 -4.47 -69.59
CA HIS B 357 30.04 -4.41 -70.98
C HIS B 357 29.74 -5.69 -71.75
N ASP B 358 29.36 -6.76 -71.06
CA ASP B 358 29.09 -8.03 -71.71
C ASP B 358 27.75 -7.99 -72.44
N ASP B 359 27.54 -8.96 -73.32
CA ASP B 359 26.34 -9.05 -74.13
C ASP B 359 25.42 -10.12 -73.54
N TYR B 360 24.39 -9.68 -72.83
CA TYR B 360 23.44 -10.58 -72.19
C TYR B 360 22.21 -10.87 -73.05
N THR B 361 22.25 -10.54 -74.34
CA THR B 361 21.11 -10.79 -75.21
C THR B 361 20.92 -12.29 -75.36
N GLY B 362 19.86 -12.82 -74.77
CA GLY B 362 19.59 -14.24 -74.82
C GLY B 362 19.51 -14.90 -73.46
N VAL B 363 20.37 -14.46 -72.54
CA VAL B 363 20.40 -15.02 -71.19
C VAL B 363 19.36 -14.34 -70.32
N GLY B 364 18.89 -15.05 -69.31
CA GLY B 364 17.91 -14.52 -68.38
C GLY B 364 16.51 -14.54 -68.95
N VAL B 365 15.53 -14.44 -68.05
CA VAL B 365 14.12 -14.42 -68.43
C VAL B 365 13.72 -12.98 -68.68
N ASP B 366 13.30 -12.69 -69.92
CA ASP B 366 12.87 -11.35 -70.29
C ASP B 366 11.46 -11.14 -69.74
N GLN B 367 11.38 -10.58 -68.53
CA GLN B 367 10.10 -10.37 -67.90
C GLN B 367 9.27 -9.32 -68.62
N LEU B 368 9.92 -8.27 -69.14
CA LEU B 368 9.17 -7.19 -69.78
C LEU B 368 8.50 -7.67 -71.06
N ALA B 369 9.22 -8.45 -71.88
CA ALA B 369 8.65 -8.96 -73.12
C ALA B 369 7.48 -9.88 -72.84
N LYS B 370 7.65 -10.81 -71.90
CA LYS B 370 6.54 -11.69 -71.54
C LYS B 370 5.38 -10.92 -70.95
N LEU B 371 5.68 -9.85 -70.20
CA LEU B 371 4.61 -9.02 -69.65
C LEU B 371 3.79 -8.39 -70.75
N ILE B 372 4.45 -7.80 -71.74
CA ILE B 372 3.74 -7.18 -72.86
C ILE B 372 2.95 -8.23 -73.63
N GLU B 373 3.57 -9.37 -73.91
CA GLU B 373 2.89 -10.44 -74.63
C GLU B 373 1.63 -10.89 -73.90
N THR B 374 1.71 -11.04 -72.57
CA THR B 374 0.55 -11.46 -71.80
C THR B 374 -0.49 -10.37 -71.71
N LEU B 375 -0.06 -9.10 -71.65
CA LEU B 375 -1.01 -8.00 -71.55
C LEU B 375 -1.86 -7.90 -72.80
N LYS B 376 -1.26 -8.14 -73.97
CA LYS B 376 -2.05 -8.00 -75.19
C LYS B 376 -2.60 -9.32 -75.72
N ASN B 377 -2.16 -10.46 -75.20
CA ASN B 377 -2.72 -11.75 -75.63
C ASN B 377 -3.74 -12.32 -74.65
N ASN B 378 -3.61 -12.05 -73.36
CA ASN B 378 -4.53 -12.57 -72.34
C ASN B 378 -4.76 -11.49 -71.30
N PRO B 379 -5.63 -10.51 -71.60
CA PRO B 379 -5.75 -9.35 -70.71
C PRO B 379 -6.39 -9.68 -69.36
N LYS B 380 -7.40 -10.54 -69.34
CA LYS B 380 -8.12 -10.86 -68.09
C LYS B 380 -7.29 -11.71 -67.13
N ASP B 381 -6.02 -11.95 -67.44
CA ASP B 381 -5.13 -12.70 -66.58
C ASP B 381 -4.88 -11.97 -65.27
N ARG B 382 -4.41 -12.72 -64.27
CA ARG B 382 -4.10 -12.18 -62.96
C ARG B 382 -2.62 -12.35 -62.61
N ARG B 383 -1.76 -12.44 -63.63
CA ARG B 383 -0.35 -12.76 -63.42
C ARG B 383 0.58 -11.78 -64.13
N HIS B 384 0.07 -10.63 -64.55
CA HIS B 384 0.90 -9.59 -65.17
C HIS B 384 1.79 -8.99 -64.10
N ILE B 385 2.89 -9.67 -63.81
CA ILE B 385 3.74 -9.33 -62.68
C ILE B 385 5.18 -9.15 -63.15
N LEU B 386 5.78 -8.04 -62.71
CA LEU B 386 7.18 -7.73 -62.98
C LEU B 386 7.88 -7.57 -61.64
N THR B 387 8.83 -8.45 -61.36
CA THR B 387 9.56 -8.44 -60.10
C THR B 387 11.02 -8.04 -60.34
N ALA B 388 11.59 -7.37 -59.35
CA ALA B 388 13.00 -7.04 -59.34
C ALA B 388 13.74 -7.64 -58.15
N TRP B 389 13.03 -8.25 -57.21
CA TRP B 389 13.65 -8.84 -56.04
C TRP B 389 14.15 -10.23 -56.41
N ASN B 390 15.46 -10.38 -56.49
CA ASN B 390 16.11 -11.65 -56.79
C ASN B 390 17.09 -11.97 -55.65
N PRO B 391 16.72 -12.87 -54.73
CA PRO B 391 17.61 -13.16 -53.60
C PRO B 391 19.00 -13.63 -53.99
N SER B 392 19.13 -14.33 -55.13
CA SER B 392 20.43 -14.85 -55.52
C SER B 392 21.39 -13.73 -55.92
N ALA B 393 20.89 -12.73 -56.64
CA ALA B 393 21.73 -11.65 -57.15
C ALA B 393 21.78 -10.44 -56.23
N LEU B 394 21.18 -10.52 -55.04
CA LEU B 394 21.11 -9.34 -54.17
C LEU B 394 22.50 -8.89 -53.74
N SER B 395 23.40 -9.83 -53.47
CA SER B 395 24.74 -9.48 -52.99
C SER B 395 25.54 -8.73 -54.05
N GLN B 396 25.25 -8.96 -55.33
CA GLN B 396 25.96 -8.29 -56.41
C GLN B 396 25.43 -6.88 -56.68
N MET B 397 24.28 -6.52 -56.11
CA MET B 397 23.65 -5.25 -56.42
C MET B 397 24.29 -4.10 -55.64
N ALA B 398 24.44 -2.95 -56.31
CA ALA B 398 24.91 -1.75 -55.64
C ALA B 398 23.87 -1.18 -54.68
N LEU B 399 22.61 -1.52 -54.88
CA LEU B 399 21.51 -1.09 -54.02
C LEU B 399 20.31 -1.99 -54.28
N PRO B 400 19.82 -2.69 -53.27
CA PRO B 400 18.69 -3.60 -53.47
C PRO B 400 17.49 -2.86 -54.02
N PRO B 401 16.57 -3.56 -54.70
CA PRO B 401 15.45 -2.86 -55.33
C PRO B 401 14.55 -2.21 -54.29
N CYS B 402 14.22 -0.95 -54.52
CA CYS B 402 13.28 -0.24 -53.66
C CYS B 402 11.85 -0.46 -54.15
N HIS B 403 11.57 -0.07 -55.39
CA HIS B 403 10.32 -0.48 -56.01
C HIS B 403 10.42 -1.95 -56.37
N VAL B 404 9.96 -2.81 -55.47
CA VAL B 404 10.24 -4.24 -55.54
C VAL B 404 9.35 -4.93 -56.57
N LEU B 405 8.03 -4.80 -56.42
CA LEU B 405 7.12 -5.60 -57.23
C LEU B 405 6.13 -4.69 -57.95
N SER B 406 5.70 -5.11 -59.14
CA SER B 406 4.65 -4.39 -59.84
C SER B 406 3.70 -5.37 -60.51
N GLN B 407 2.41 -5.10 -60.41
CA GLN B 407 1.38 -5.88 -61.08
C GLN B 407 0.56 -4.97 -61.98
N TYR B 408 0.06 -5.52 -63.08
CA TYR B 408 -0.67 -4.74 -64.06
C TYR B 408 -1.99 -5.42 -64.36
N TYR B 409 -2.99 -4.61 -64.70
CA TYR B 409 -4.38 -5.05 -64.75
C TYR B 409 -5.08 -4.39 -65.93
N VAL B 410 -5.87 -5.17 -66.65
CA VAL B 410 -6.63 -4.67 -67.80
C VAL B 410 -8.10 -4.66 -67.43
N THR B 411 -8.72 -3.49 -67.51
CA THR B 411 -10.13 -3.36 -67.17
C THR B 411 -11.01 -3.77 -68.34
N ASN B 412 -12.31 -3.88 -68.07
CA ASN B 412 -13.25 -4.28 -69.12
C ASN B 412 -13.39 -3.23 -70.21
N ASP B 413 -12.98 -1.99 -69.96
CA ASP B 413 -12.99 -0.94 -70.98
C ASP B 413 -11.60 -0.65 -71.53
N ASN B 414 -10.71 -1.64 -71.49
CA ASN B 414 -9.40 -1.58 -72.14
C ASN B 414 -8.53 -0.47 -71.56
N CYS B 415 -8.49 -0.39 -70.23
CA CYS B 415 -7.59 0.51 -69.52
C CYS B 415 -6.55 -0.31 -68.77
N LEU B 416 -5.37 0.28 -68.57
CA LEU B 416 -4.25 -0.40 -67.94
C LEU B 416 -3.97 0.25 -66.60
N SER B 417 -4.29 -0.44 -65.52
CA SER B 417 -3.99 0.00 -64.18
C SER B 417 -2.75 -0.72 -63.65
N CYS B 418 -2.08 -0.09 -62.68
CA CYS B 418 -0.80 -0.57 -62.19
C CYS B 418 -0.75 -0.47 -60.67
N ASN B 419 -0.38 -1.58 -60.03
CA ASN B 419 -0.05 -1.61 -58.62
C ASN B 419 1.46 -1.75 -58.46
N LEU B 420 2.01 -1.04 -57.48
CA LEU B 420 3.43 -1.07 -57.17
C LEU B 420 3.63 -1.28 -55.68
N TYR B 421 4.42 -2.28 -55.32
CA TYR B 421 4.86 -2.45 -53.94
C TYR B 421 6.33 -2.04 -53.85
N GLN B 422 6.59 -1.06 -52.98
CA GLN B 422 7.89 -0.46 -52.76
C GLN B 422 8.29 -0.72 -51.30
N ARG B 423 9.44 -1.36 -51.10
CA ARG B 423 9.84 -1.74 -49.75
C ARG B 423 10.25 -0.55 -48.90
N SER B 424 10.83 0.47 -49.52
CA SER B 424 11.34 1.63 -48.79
C SER B 424 11.14 2.86 -49.65
N CYS B 425 10.51 3.88 -49.09
CA CYS B 425 10.17 5.08 -49.85
C CYS B 425 10.68 6.31 -49.12
N ASP B 426 11.51 7.09 -49.82
CA ASP B 426 12.02 8.38 -49.35
C ASP B 426 11.06 9.44 -49.87
N LEU B 427 10.13 9.87 -49.02
CA LEU B 427 9.06 10.75 -49.45
C LEU B 427 9.56 12.13 -49.90
N GLY B 428 10.80 12.48 -49.60
CA GLY B 428 11.33 13.75 -50.05
C GLY B 428 11.80 13.73 -51.49
N LEU B 429 12.51 12.68 -51.87
CA LEU B 429 13.08 12.57 -53.21
C LEU B 429 12.57 11.36 -53.99
N GLY B 430 12.55 10.18 -53.35
CA GLY B 430 12.21 8.98 -54.08
C GLY B 430 10.75 8.88 -54.48
N SER B 431 9.85 9.40 -53.66
CA SER B 431 8.42 9.18 -53.89
C SER B 431 7.91 9.88 -55.14
N PRO B 432 8.16 11.19 -55.35
CA PRO B 432 7.66 11.80 -56.60
C PRO B 432 8.25 11.16 -57.84
N PHE B 433 9.54 10.82 -57.78
CA PHE B 433 10.18 10.13 -58.90
C PHE B 433 9.52 8.79 -59.17
N ASN B 434 9.22 8.02 -58.12
CA ASN B 434 8.58 6.72 -58.31
C ASN B 434 7.19 6.88 -58.91
N ILE B 435 6.42 7.84 -58.40
CA ILE B 435 5.06 8.07 -58.92
C ILE B 435 5.12 8.37 -60.41
N ALA B 436 5.88 9.40 -60.79
CA ALA B 436 5.96 9.78 -62.19
C ALA B 436 6.53 8.66 -63.05
N SER B 437 7.54 7.96 -62.54
CA SER B 437 8.20 6.93 -63.34
C SER B 437 7.26 5.77 -63.64
N TYR B 438 6.54 5.29 -62.63
CA TYR B 438 5.63 4.17 -62.90
C TYR B 438 4.40 4.62 -63.66
N ALA B 439 3.99 5.88 -63.55
CA ALA B 439 2.94 6.39 -64.42
C ALA B 439 3.38 6.37 -65.88
N ILE B 440 4.60 6.86 -66.15
CA ILE B 440 5.11 6.86 -67.52
C ILE B 440 5.27 5.43 -68.04
N LEU B 441 5.72 4.52 -67.17
CA LEU B 441 5.86 3.12 -67.58
C LEU B 441 4.51 2.51 -67.93
N THR B 442 3.49 2.79 -67.11
CA THR B 442 2.16 2.29 -67.41
C THR B 442 1.65 2.84 -68.73
N MET B 443 1.92 4.12 -69.01
CA MET B 443 1.48 4.72 -70.27
C MET B 443 2.20 4.08 -71.45
N MET B 444 3.50 3.82 -71.32
CA MET B 444 4.25 3.17 -72.39
C MET B 444 3.71 1.76 -72.65
N LEU B 445 3.50 0.99 -71.58
CA LEU B 445 2.95 -0.34 -71.73
C LEU B 445 1.57 -0.30 -72.38
N ALA B 446 0.76 0.70 -72.01
CA ALA B 446 -0.58 0.82 -72.56
C ALA B 446 -0.54 1.14 -74.04
N GLN B 447 0.39 2.01 -74.46
CA GLN B 447 0.48 2.32 -75.90
C GLN B 447 1.02 1.14 -76.69
N VAL B 448 2.04 0.45 -76.16
CA VAL B 448 2.61 -0.68 -76.88
C VAL B 448 1.60 -1.81 -76.99
N CYS B 449 0.75 -1.97 -75.97
CA CYS B 449 -0.26 -3.02 -75.98
C CYS B 449 -1.59 -2.56 -76.56
N GLY B 450 -1.80 -1.26 -76.72
CA GLY B 450 -3.03 -0.77 -77.33
C GLY B 450 -4.16 -0.51 -76.34
N TYR B 451 -3.83 -0.01 -75.16
CA TYR B 451 -4.82 0.34 -74.14
C TYR B 451 -4.68 1.81 -73.77
N GLU B 452 -5.63 2.28 -72.97
CA GLU B 452 -5.57 3.60 -72.37
C GLU B 452 -5.05 3.49 -70.94
N PRO B 453 -4.37 4.52 -70.44
CA PRO B 453 -3.89 4.47 -69.05
C PRO B 453 -5.07 4.45 -68.07
N GLY B 454 -4.89 3.70 -66.99
CA GLY B 454 -5.95 3.57 -66.00
C GLY B 454 -5.64 4.23 -64.69
N GLU B 455 -5.42 3.44 -63.64
CA GLU B 455 -5.12 3.96 -62.31
C GLU B 455 -3.75 3.46 -61.88
N LEU B 456 -3.18 4.15 -60.88
CA LEU B 456 -1.87 3.81 -60.34
C LEU B 456 -1.96 3.75 -58.82
N ALA B 457 -1.82 2.55 -58.27
CA ALA B 457 -1.80 2.33 -56.83
C ALA B 457 -0.39 1.98 -56.40
N ILE B 458 0.14 2.72 -55.43
CA ILE B 458 1.49 2.51 -54.90
C ILE B 458 1.37 2.09 -53.46
N PHE B 459 1.86 0.89 -53.15
CA PHE B 459 1.85 0.34 -51.79
C PHE B 459 3.26 0.43 -51.22
N ILE B 460 3.39 1.07 -50.06
CA ILE B 460 4.69 1.40 -49.47
C ILE B 460 4.84 0.64 -48.17
N GLY B 461 5.99 -0.03 -48.01
CA GLY B 461 6.35 -0.64 -46.75
C GLY B 461 6.88 0.38 -45.78
N ASP B 462 8.19 0.64 -45.84
CA ASP B 462 8.85 1.58 -44.92
C ASP B 462 8.81 2.97 -45.56
N ALA B 463 7.81 3.77 -45.20
CA ALA B 463 7.72 5.14 -45.67
C ALA B 463 8.43 6.05 -44.67
N HIS B 464 9.50 6.71 -45.11
CA HIS B 464 10.33 7.48 -44.19
C HIS B 464 10.66 8.85 -44.76
N ILE B 465 11.01 9.75 -43.86
CA ILE B 465 11.43 11.12 -44.18
C ILE B 465 12.77 11.36 -43.52
N TYR B 466 13.78 11.70 -44.30
CA TYR B 466 15.09 11.99 -43.75
C TYR B 466 15.05 13.30 -42.98
N GLU B 467 15.79 13.36 -41.87
CA GLU B 467 15.67 14.51 -40.96
C GLU B 467 16.23 15.80 -41.54
N ASN B 468 17.07 15.72 -42.58
CA ASN B 468 17.55 16.93 -43.23
C ASN B 468 16.56 17.50 -44.24
N HIS B 469 15.39 16.88 -44.39
CA HIS B 469 14.35 17.37 -45.30
C HIS B 469 13.19 18.02 -44.58
N LEU B 470 13.19 18.01 -43.24
CA LEU B 470 12.02 18.47 -42.48
C LEU B 470 11.68 19.91 -42.81
N THR B 471 12.69 20.79 -42.89
CA THR B 471 12.43 22.18 -43.24
C THR B 471 11.86 22.29 -44.65
N GLN B 472 12.34 21.45 -45.57
CA GLN B 472 11.88 21.52 -46.95
C GLN B 472 10.46 20.99 -47.08
N LEU B 473 10.23 19.77 -46.60
CA LEU B 473 8.93 19.14 -46.79
C LEU B 473 7.82 19.94 -46.12
N LYS B 474 8.09 20.48 -44.93
CA LYS B 474 7.12 21.38 -44.29
C LYS B 474 6.75 22.53 -45.22
N GLU B 475 7.77 23.14 -45.85
CA GLU B 475 7.50 24.18 -46.85
C GLU B 475 6.59 23.64 -47.95
N GLN B 476 6.86 22.43 -48.44
CA GLN B 476 6.02 21.86 -49.49
C GLN B 476 4.59 21.66 -49.01
N LEU B 477 4.41 21.45 -47.70
CA LEU B 477 3.07 21.28 -47.15
C LEU B 477 2.32 22.60 -47.00
N SER B 478 2.98 23.74 -47.24
CA SER B 478 2.35 25.04 -47.13
C SER B 478 1.83 25.56 -48.46
N ARG B 479 1.91 24.77 -49.52
CA ARG B 479 1.55 25.19 -50.87
C ARG B 479 0.27 24.48 -51.30
N THR B 480 -0.78 25.25 -51.56
CA THR B 480 -2.05 24.66 -51.98
C THR B 480 -1.90 24.03 -53.36
N PRO B 481 -2.27 22.77 -53.53
CA PRO B 481 -1.99 22.07 -54.79
C PRO B 481 -2.73 22.68 -55.98
N ARG B 482 -2.09 22.62 -57.13
CA ARG B 482 -2.63 23.02 -58.41
C ARG B 482 -2.94 21.78 -59.25
N PRO B 483 -3.81 21.90 -60.25
CA PRO B 483 -4.21 20.72 -61.02
C PRO B 483 -3.03 20.04 -61.69
N PHE B 484 -3.14 18.71 -61.84
CA PHE B 484 -2.12 17.93 -62.50
C PHE B 484 -1.98 18.35 -63.96
N PRO B 485 -0.80 18.16 -64.56
CA PRO B 485 -0.67 18.40 -66.00
C PRO B 485 -1.16 17.23 -66.83
N GLN B 486 -0.91 17.27 -68.13
CA GLN B 486 -1.17 16.18 -69.04
C GLN B 486 0.14 15.73 -69.66
N LEU B 487 0.22 14.44 -69.98
CA LEU B 487 1.40 13.89 -70.64
C LEU B 487 0.96 13.15 -71.89
N LYS B 488 1.47 13.56 -73.04
CA LYS B 488 1.10 12.97 -74.32
C LYS B 488 2.34 12.50 -75.06
N PHE B 489 2.16 11.48 -75.89
CA PHE B 489 3.23 10.95 -76.72
C PHE B 489 3.08 11.49 -78.15
N LYS B 490 4.20 11.90 -78.74
CA LYS B 490 4.17 12.50 -80.05
C LYS B 490 4.11 11.47 -81.18
N ARG B 491 4.44 10.22 -80.90
CA ARG B 491 4.42 9.18 -81.92
C ARG B 491 4.19 7.83 -81.26
N LYS B 492 3.55 6.93 -82.00
CA LYS B 492 3.34 5.56 -81.55
C LYS B 492 4.56 4.72 -81.96
N VAL B 493 5.20 4.09 -80.98
CA VAL B 493 6.40 3.32 -81.25
C VAL B 493 6.02 1.86 -81.45
N GLU B 494 6.87 1.13 -82.17
CA GLU B 494 6.63 -0.28 -82.43
C GLU B 494 7.16 -1.19 -81.32
N ASN B 495 8.30 -0.84 -80.73
CA ASN B 495 8.84 -1.56 -79.59
C ASN B 495 9.01 -0.60 -78.42
N ILE B 496 8.80 -1.12 -77.20
CA ILE B 496 8.79 -0.27 -76.02
C ILE B 496 10.15 0.39 -75.78
N GLU B 497 11.22 -0.18 -76.34
CA GLU B 497 12.55 0.38 -76.15
C GLU B 497 12.83 1.59 -77.03
N ASP B 498 11.94 1.89 -77.98
CA ASP B 498 12.17 2.92 -78.99
C ASP B 498 11.78 4.32 -78.52
N PHE B 499 11.33 4.48 -77.28
CA PHE B 499 10.93 5.79 -76.80
C PHE B 499 12.14 6.70 -76.62
N LYS B 500 11.96 7.99 -76.94
CA LYS B 500 12.99 8.99 -76.75
C LYS B 500 12.38 10.18 -76.01
N TRP B 501 13.26 10.99 -75.41
CA TRP B 501 12.81 12.13 -74.62
C TRP B 501 12.08 13.16 -75.47
N GLU B 502 12.44 13.27 -76.76
CA GLU B 502 11.77 14.21 -77.65
C GLU B 502 10.35 13.82 -77.96
N ASP B 503 9.95 12.58 -77.64
CA ASP B 503 8.60 12.09 -77.94
C ASP B 503 7.57 12.49 -76.91
N ILE B 504 7.96 13.10 -75.80
CA ILE B 504 7.05 13.39 -74.69
C ILE B 504 6.69 14.86 -74.72
N GLU B 505 5.39 15.15 -74.60
CA GLU B 505 4.88 16.51 -74.49
C GLU B 505 4.18 16.65 -73.14
N LEU B 506 4.68 17.56 -72.32
CA LEU B 506 4.10 17.85 -71.00
C LEU B 506 3.31 19.15 -71.08
N ILE B 507 2.01 19.06 -70.85
CA ILE B 507 1.07 20.14 -71.14
C ILE B 507 0.47 20.66 -69.84
N GLY B 508 0.54 21.98 -69.64
CA GLY B 508 -0.14 22.61 -68.52
C GLY B 508 0.44 22.29 -67.15
N TYR B 509 1.76 22.26 -67.04
CA TYR B 509 2.43 22.00 -65.77
C TYR B 509 2.92 23.33 -65.22
N TYR B 510 2.24 23.83 -64.18
CA TYR B 510 2.58 25.11 -63.55
C TYR B 510 2.83 24.87 -62.06
N PRO B 511 3.94 24.25 -61.70
CA PRO B 511 4.18 23.90 -60.31
C PRO B 511 4.75 25.07 -59.52
N TYR B 512 4.75 24.89 -58.19
CA TYR B 512 5.44 25.79 -57.30
C TYR B 512 6.96 25.65 -57.50
N PRO B 513 7.74 26.67 -57.10
CA PRO B 513 9.18 26.62 -57.33
C PRO B 513 9.82 25.39 -56.71
N THR B 514 10.93 24.96 -57.32
CA THR B 514 11.60 23.73 -56.89
C THR B 514 12.16 23.88 -55.48
N ILE B 515 12.27 22.75 -54.79
CA ILE B 515 12.71 22.70 -53.39
C ILE B 515 13.94 21.80 -53.32
N LYS B 516 15.10 22.40 -53.07
CA LYS B 516 16.34 21.65 -53.06
C LYS B 516 16.41 20.72 -51.85
N MET B 517 16.78 19.47 -52.08
CA MET B 517 16.92 18.47 -51.02
C MET B 517 18.11 17.58 -51.32
N ASP B 518 18.95 17.34 -50.31
CA ASP B 518 20.17 16.56 -50.48
C ASP B 518 19.89 15.08 -50.34
N MET B 519 20.45 14.29 -51.26
CA MET B 519 20.31 12.84 -51.22
C MET B 519 21.23 12.25 -50.17
N ALA B 520 20.70 11.29 -49.40
CA ALA B 520 21.48 10.57 -48.40
C ALA B 520 22.11 9.36 -49.07
N VAL B 521 23.43 9.41 -49.26
CA VAL B 521 24.16 8.34 -49.95
C VAL B 521 24.38 7.15 -49.01
N GLU C 3 7.47 37.93 24.17
CA GLU C 3 6.49 36.92 23.80
C GLU C 3 7.02 35.52 24.08
N LYS C 4 6.68 34.99 25.24
CA LYS C 4 7.10 33.65 25.65
C LYS C 4 5.86 32.79 25.89
N ASN C 5 6.10 31.53 26.27
CA ASN C 5 5.04 30.53 26.33
C ASN C 5 4.34 30.57 27.69
N VAL C 6 3.04 30.33 27.67
CA VAL C 6 2.20 30.31 28.87
C VAL C 6 1.36 29.03 28.87
N SER C 7 1.42 28.29 29.97
CA SER C 7 0.72 27.01 30.08
C SER C 7 0.02 26.92 31.42
N ILE C 8 -1.27 26.56 31.38
CA ILE C 8 -2.03 26.27 32.60
C ILE C 8 -1.80 24.82 32.98
N VAL C 9 -1.22 24.59 34.15
CA VAL C 9 -1.01 23.24 34.67
C VAL C 9 -2.05 22.99 35.75
N VAL C 10 -2.88 21.95 35.58
CA VAL C 10 -3.98 21.70 36.50
C VAL C 10 -4.21 20.20 36.59
N ALA C 11 -4.70 19.76 37.76
CA ALA C 11 -5.16 18.39 37.96
C ALA C 11 -6.60 18.45 38.46
N ALA C 12 -7.54 17.98 37.64
CA ALA C 12 -8.96 18.10 37.93
C ALA C 12 -9.63 16.74 37.82
N SER C 13 -10.84 16.66 38.38
CA SER C 13 -11.60 15.42 38.28
C SER C 13 -12.12 15.22 36.87
N VAL C 14 -12.49 13.98 36.56
CA VAL C 14 -12.78 13.62 35.18
C VAL C 14 -14.10 14.23 34.72
N LEU C 15 -15.11 14.26 35.58
CA LEU C 15 -16.44 14.70 35.17
C LEU C 15 -16.73 16.12 35.61
N SER C 16 -16.84 16.35 36.92
CA SER C 16 -17.18 17.67 37.43
C SER C 16 -16.01 18.65 37.39
N SER C 17 -14.79 18.17 37.10
CA SER C 17 -13.60 19.01 36.96
C SER C 17 -13.26 19.72 38.28
N GLY C 18 -13.49 19.04 39.41
CA GLY C 18 -13.12 19.60 40.69
C GLY C 18 -11.62 19.52 40.94
N ILE C 19 -11.09 20.52 41.64
CA ILE C 19 -9.65 20.63 41.83
C ILE C 19 -9.29 20.75 43.31
N GLY C 20 -10.26 21.05 44.16
CA GLY C 20 -9.96 21.24 45.56
C GLY C 20 -11.17 21.07 46.45
N ILE C 21 -10.90 20.97 47.76
CA ILE C 21 -11.95 20.86 48.77
C ILE C 21 -11.41 21.33 50.11
N ASN C 22 -12.03 22.35 50.68
CA ASN C 22 -11.68 22.89 52.00
C ASN C 22 -10.20 23.25 52.07
N GLY C 23 -9.68 23.84 50.99
CA GLY C 23 -8.32 24.34 50.97
C GLY C 23 -7.23 23.30 50.82
N GLN C 24 -7.57 22.07 50.45
CA GLN C 24 -6.58 21.03 50.23
C GLN C 24 -6.96 20.22 49.00
N LEU C 25 -6.07 19.31 48.60
CA LEU C 25 -6.36 18.49 47.43
C LEU C 25 -7.35 17.38 47.79
N PRO C 26 -8.30 17.07 46.91
CA PRO C 26 -9.24 15.96 47.20
C PRO C 26 -8.64 14.60 46.90
N TRP C 27 -7.31 14.54 46.76
CA TRP C 27 -6.61 13.30 46.49
C TRP C 27 -5.14 13.49 46.85
N SER C 28 -4.45 12.37 47.02
CA SER C 28 -3.02 12.36 47.33
C SER C 28 -2.34 11.46 46.30
N ILE C 29 -1.85 12.06 45.22
CA ILE C 29 -1.19 11.34 44.14
C ILE C 29 0.24 11.87 44.05
N SER C 30 1.21 11.09 44.54
CA SER C 30 2.59 11.53 44.55
C SER C 30 3.14 11.71 43.14
N GLU C 31 2.76 10.81 42.23
CA GLU C 31 3.25 10.92 40.85
C GLU C 31 2.78 12.21 40.18
N ASP C 32 1.60 12.71 40.54
CA ASP C 32 1.13 13.96 39.94
C ASP C 32 1.94 15.15 40.45
N LEU C 33 2.27 15.16 41.75
CA LEU C 33 3.15 16.20 42.25
C LEU C 33 4.52 16.13 41.58
N LYS C 34 5.02 14.92 41.36
CA LYS C 34 6.29 14.77 40.65
C LYS C 34 6.18 15.28 39.22
N PHE C 35 5.05 15.04 38.56
CA PHE C 35 4.82 15.55 37.22
C PHE C 35 4.81 17.08 37.21
N PHE C 36 4.11 17.68 38.17
CA PHE C 36 4.11 19.13 38.30
C PHE C 36 5.52 19.66 38.49
N SER C 37 6.28 19.04 39.40
CA SER C 37 7.64 19.50 39.69
C SER C 37 8.54 19.38 38.47
N LYS C 38 8.41 18.28 37.72
CA LYS C 38 9.27 18.07 36.56
C LYS C 38 8.90 18.98 35.40
N ILE C 39 7.61 19.27 35.23
CA ILE C 39 7.20 20.09 34.10
C ILE C 39 7.40 21.58 34.38
N THR C 40 7.31 22.00 35.64
CA THR C 40 7.51 23.41 35.96
C THR C 40 8.98 23.78 36.05
N ASN C 41 9.85 22.79 36.22
CA ASN C 41 11.29 23.02 36.17
C ASN C 41 11.87 22.79 34.78
N ASN C 42 11.02 22.43 33.82
CA ASN C 42 11.46 22.23 32.45
C ASN C 42 11.88 23.55 31.82
N LYS C 43 13.12 23.63 31.35
CA LYS C 43 13.64 24.86 30.78
C LYS C 43 14.71 24.54 29.77
N CYS C 44 14.79 25.36 28.72
CA CYS C 44 15.78 25.18 27.67
C CYS C 44 17.06 25.96 27.94
N ASP C 45 17.01 26.95 28.82
CA ASP C 45 18.17 27.74 29.19
C ASP C 45 18.46 27.52 30.67
N SER C 46 19.71 27.19 30.98
CA SER C 46 20.09 26.95 32.37
C SER C 46 20.21 28.23 33.19
N ASN C 47 20.39 29.37 32.54
CA ASN C 47 20.51 30.65 33.22
C ASN C 47 19.18 31.36 33.39
N LYS C 48 18.07 30.64 33.23
CA LYS C 48 16.74 31.23 33.37
C LYS C 48 15.87 30.34 34.25
N LYS C 49 14.96 30.98 34.99
CA LYS C 49 13.99 30.28 35.84
C LYS C 49 12.59 30.44 35.27
N ASN C 50 11.69 29.58 35.73
CA ASN C 50 10.29 29.60 35.30
C ASN C 50 9.42 30.24 36.36
N ALA C 51 8.41 30.99 35.90
CA ALA C 51 7.47 31.70 36.77
C ALA C 51 6.20 30.87 36.92
N LEU C 52 5.76 30.70 38.17
CA LEU C 52 4.55 29.97 38.49
C LEU C 52 3.56 30.93 39.14
N ILE C 53 2.50 31.27 38.41
CA ILE C 53 1.49 32.20 38.89
C ILE C 53 0.42 31.42 39.66
N MET C 54 0.06 31.93 40.84
CA MET C 54 -0.95 31.26 41.66
C MET C 54 -1.70 32.27 42.52
N GLY C 55 -2.92 31.88 42.91
CA GLY C 55 -3.73 32.71 43.79
C GLY C 55 -3.24 32.62 45.24
N ARG C 56 -3.85 33.45 46.08
CA ARG C 56 -3.43 33.52 47.48
C ARG C 56 -3.79 32.25 48.24
N LYS C 57 -4.98 31.69 47.99
CA LYS C 57 -5.38 30.48 48.70
C LYS C 57 -4.53 29.30 48.27
N THR C 58 -4.16 29.23 46.99
CA THR C 58 -3.21 28.22 46.54
C THR C 58 -1.85 28.43 47.18
N TRP C 59 -1.42 29.69 47.32
CA TRP C 59 -0.18 30.00 48.02
C TRP C 59 -0.23 29.52 49.47
N ASP C 60 -1.40 29.61 50.10
CA ASP C 60 -1.56 29.07 51.44
C ASP C 60 -1.54 27.54 51.44
N SER C 61 -2.07 26.92 50.38
CA SER C 61 -2.12 25.47 50.32
C SER C 61 -0.75 24.82 50.21
N ILE C 62 0.23 25.55 49.68
CA ILE C 62 1.57 25.00 49.52
C ILE C 62 2.44 25.39 50.71
N GLY C 63 1.82 25.87 51.78
CA GLY C 63 2.55 26.21 52.99
C GLY C 63 3.30 27.52 52.96
N ARG C 64 3.02 28.38 51.98
CA ARG C 64 3.66 29.70 51.86
C ARG C 64 5.19 29.60 51.85
N ARG C 65 5.71 28.57 51.17
CA ARG C 65 7.15 28.39 51.04
C ARG C 65 7.54 28.32 49.57
N PRO C 66 8.72 28.82 49.20
CA PRO C 66 9.10 28.85 47.79
C PRO C 66 9.37 27.46 47.24
N LEU C 67 9.25 27.35 45.92
CA LEU C 67 9.58 26.12 45.19
C LEU C 67 10.96 26.26 44.57
N LYS C 68 11.74 25.18 44.64
CA LYS C 68 13.14 25.24 44.23
C LYS C 68 13.28 25.56 42.75
N ASN C 69 14.23 26.45 42.43
CA ASN C 69 14.59 26.81 41.07
C ASN C 69 13.43 27.42 40.28
N ARG C 70 12.45 27.99 40.98
CA ARG C 70 11.28 28.58 40.33
C ARG C 70 10.88 29.84 41.08
N ILE C 71 10.30 30.79 40.34
CA ILE C 71 9.86 32.05 40.91
C ILE C 71 8.34 32.03 41.01
N ILE C 72 7.83 32.14 42.23
CA ILE C 72 6.39 32.08 42.47
C ILE C 72 5.84 33.50 42.43
N VAL C 73 4.77 33.68 41.66
CA VAL C 73 4.09 34.96 41.51
C VAL C 73 2.70 34.81 42.09
N VAL C 74 2.46 35.46 43.23
CA VAL C 74 1.19 35.35 43.93
C VAL C 74 0.32 36.53 43.52
N ILE C 75 -0.87 36.23 43.00
CA ILE C 75 -1.85 37.25 42.68
C ILE C 75 -2.71 37.47 43.92
N SER C 76 -2.59 38.64 44.54
CA SER C 76 -3.34 38.96 45.74
C SER C 76 -3.39 40.47 45.92
N SER C 77 -4.54 40.96 46.35
CA SER C 77 -4.71 42.38 46.64
C SER C 77 -4.47 42.72 48.09
N SER C 78 -4.11 41.75 48.93
CA SER C 78 -3.87 41.99 50.34
C SER C 78 -2.48 41.57 50.80
N LEU C 79 -1.86 40.59 50.17
CA LEU C 79 -0.54 40.15 50.59
C LEU C 79 0.47 41.26 50.34
N PRO C 80 1.31 41.61 51.31
CA PRO C 80 2.29 42.68 51.10
C PRO C 80 3.34 42.27 50.08
N GLN C 81 3.61 43.15 49.12
CA GLN C 81 4.58 42.89 48.06
C GLN C 81 5.97 42.84 48.69
N ASP C 82 6.29 41.68 49.25
CA ASP C 82 7.55 41.49 49.96
C ASP C 82 8.70 41.32 48.98
N GLU C 83 9.80 42.01 49.23
CA GLU C 83 11.01 41.89 48.44
C GLU C 83 12.12 41.14 49.17
N ALA C 84 11.86 40.66 50.40
CA ALA C 84 12.86 39.90 51.13
C ALA C 84 13.16 38.57 50.43
N ASP C 85 12.13 37.81 50.12
CA ASP C 85 12.31 36.55 49.40
C ASP C 85 12.43 36.85 47.91
N PRO C 86 13.58 36.57 47.28
CA PRO C 86 13.72 36.84 45.84
C PRO C 86 13.00 35.83 44.96
N ASN C 87 12.59 34.69 45.50
CA ASN C 87 11.92 33.65 44.73
C ASN C 87 10.40 33.81 44.73
N VAL C 88 9.86 34.81 45.43
CA VAL C 88 8.42 35.03 45.50
C VAL C 88 8.14 36.51 45.32
N VAL C 89 7.19 36.84 44.44
CA VAL C 89 6.80 38.22 44.18
C VAL C 89 5.28 38.28 44.13
N VAL C 90 4.72 39.39 44.62
CA VAL C 90 3.28 39.56 44.73
C VAL C 90 2.83 40.62 43.73
N PHE C 91 1.72 40.36 43.05
CA PHE C 91 1.12 41.29 42.12
C PHE C 91 -0.34 41.50 42.48
N ARG C 92 -0.83 42.71 42.17
CA ARG C 92 -2.18 43.09 42.60
C ARG C 92 -3.26 42.50 41.68
N ASN C 93 -2.95 42.31 40.40
CA ASN C 93 -3.90 41.73 39.46
C ASN C 93 -3.16 40.79 38.52
N LEU C 94 -3.94 40.02 37.75
CA LEU C 94 -3.34 39.02 36.87
C LEU C 94 -2.71 39.66 35.65
N GLU C 95 -3.30 40.75 35.15
CA GLU C 95 -2.78 41.38 33.93
C GLU C 95 -1.41 41.99 34.15
N ASP C 96 -1.20 42.66 35.29
CA ASP C 96 0.11 43.25 35.57
C ASP C 96 1.19 42.19 35.72
N SER C 97 0.84 41.02 36.23
CA SER C 97 1.81 39.93 36.37
C SER C 97 2.30 39.43 35.02
N ILE C 98 1.53 39.64 33.95
CA ILE C 98 1.96 39.27 32.62
C ILE C 98 2.84 40.39 32.08
N GLU C 99 3.95 40.64 32.77
CA GLU C 99 4.98 41.55 32.32
C GLU C 99 6.26 40.84 31.93
N ASN C 100 6.38 39.55 32.24
CA ASN C 100 7.54 38.77 31.83
C ASN C 100 7.63 38.62 30.32
N LEU C 101 6.51 38.80 29.60
CA LEU C 101 6.56 38.80 28.15
C LEU C 101 7.30 40.02 27.62
N MET C 102 6.98 41.21 28.14
CA MET C 102 7.62 42.45 27.69
C MET C 102 9.06 42.52 28.19
N ASN C 103 9.23 42.81 29.48
CA ASN C 103 10.55 42.88 30.09
C ASN C 103 10.83 41.58 30.84
N ASP C 104 11.84 41.61 31.70
CA ASP C 104 12.25 40.45 32.50
C ASP C 104 12.54 39.25 31.59
N ASP C 105 13.67 39.37 30.90
CA ASP C 105 14.10 38.34 29.96
C ASP C 105 14.69 37.11 30.64
N SER C 106 14.89 37.15 31.96
CA SER C 106 15.37 35.99 32.70
C SER C 106 14.31 34.93 32.90
N ILE C 107 13.06 35.18 32.49
CA ILE C 107 11.98 34.22 32.57
C ILE C 107 11.77 33.61 31.19
N GLU C 108 11.75 32.29 31.12
CA GLU C 108 11.62 31.57 29.85
C GLU C 108 10.18 31.17 29.57
N ASN C 109 9.56 30.42 30.48
CA ASN C 109 8.18 29.99 30.34
C ASN C 109 7.39 30.39 31.58
N ILE C 110 6.07 30.51 31.41
CA ILE C 110 5.17 30.89 32.49
C ILE C 110 4.15 29.79 32.67
N PHE C 111 3.92 29.38 33.92
CA PHE C 111 2.96 28.34 34.24
C PHE C 111 1.91 28.90 35.18
N VAL C 112 0.67 28.90 34.74
CA VAL C 112 -0.47 29.27 35.57
C VAL C 112 -0.95 28.03 36.31
N CYS C 113 -0.87 28.06 37.64
CA CYS C 113 -1.24 26.92 38.45
C CYS C 113 -2.07 27.33 39.67
N GLY C 114 -2.78 28.45 39.57
CA GLY C 114 -3.57 28.97 40.67
C GLY C 114 -4.89 28.23 40.85
N GLY C 115 -5.85 28.93 41.46
CA GLY C 115 -7.16 28.38 41.72
C GLY C 115 -8.16 28.63 40.60
N GLU C 116 -9.43 28.37 40.92
CA GLU C 116 -10.51 28.64 39.98
C GLU C 116 -10.56 30.11 39.60
N SER C 117 -10.41 31.00 40.58
CA SER C 117 -10.44 32.43 40.33
C SER C 117 -9.29 32.89 39.46
N ILE C 118 -8.21 32.12 39.38
CA ILE C 118 -7.09 32.44 38.51
C ILE C 118 -7.28 31.83 37.12
N TYR C 119 -7.68 30.56 37.07
CA TYR C 119 -7.93 29.90 35.79
C TYR C 119 -9.00 30.62 34.98
N ARG C 120 -10.09 31.05 35.65
CA ARG C 120 -11.24 31.58 34.93
C ARG C 120 -10.88 32.83 34.14
N ASP C 121 -10.22 33.79 34.79
CA ASP C 121 -9.80 35.01 34.10
C ASP C 121 -8.40 34.93 33.53
N ALA C 122 -7.75 33.76 33.60
CA ALA C 122 -6.57 33.53 32.76
C ALA C 122 -6.97 33.00 31.40
N LEU C 123 -8.04 32.21 31.33
CA LEU C 123 -8.60 31.80 30.04
C LEU C 123 -9.47 32.89 29.44
N LYS C 124 -10.21 33.63 30.28
CA LYS C 124 -11.05 34.71 29.80
C LYS C 124 -10.22 35.82 29.16
N ASP C 125 -9.11 36.21 29.81
CA ASP C 125 -8.22 37.21 29.25
C ASP C 125 -7.35 36.67 28.13
N ASN C 126 -7.47 35.37 27.82
CA ASN C 126 -6.78 34.75 26.68
C ASN C 126 -5.27 34.97 26.75
N PHE C 127 -4.69 34.62 27.90
CA PHE C 127 -3.25 34.66 28.08
C PHE C 127 -2.61 33.29 27.95
N VAL C 128 -3.41 32.24 27.79
CA VAL C 128 -2.95 30.86 27.92
C VAL C 128 -2.71 30.29 26.53
N ASP C 129 -1.53 29.71 26.32
CA ASP C 129 -1.18 29.02 25.08
C ASP C 129 -1.37 27.52 25.16
N ARG C 130 -0.99 26.90 26.28
CA ARG C 130 -1.09 25.45 26.42
C ARG C 130 -1.75 25.09 27.73
N ILE C 131 -2.24 23.86 27.82
CA ILE C 131 -2.92 23.36 29.02
C ILE C 131 -2.46 21.94 29.30
N TYR C 132 -1.80 21.72 30.43
CA TYR C 132 -1.45 20.39 30.92
C TYR C 132 -2.48 19.97 31.97
N LEU C 133 -3.43 19.14 31.56
CA LEU C 133 -4.52 18.72 32.41
C LEU C 133 -4.31 17.27 32.86
N THR C 134 -4.45 17.03 34.16
CA THR C 134 -4.37 15.70 34.74
C THR C 134 -5.76 15.30 35.20
N ARG C 135 -6.38 14.38 34.47
CA ARG C 135 -7.71 13.90 34.80
C ARG C 135 -7.63 12.82 35.87
N VAL C 136 -8.41 12.99 36.94
CA VAL C 136 -8.45 12.03 38.04
C VAL C 136 -9.86 11.43 38.10
N ALA C 137 -9.92 10.11 38.32
CA ALA C 137 -11.19 9.37 38.28
C ALA C 137 -11.84 9.31 39.65
N LEU C 138 -12.07 10.48 40.25
CA LEU C 138 -12.78 10.60 41.51
C LEU C 138 -13.98 11.52 41.32
N GLU C 139 -15.17 11.03 41.69
CA GLU C 139 -16.38 11.82 41.48
C GLU C 139 -17.43 11.69 42.57
N ASP C 140 -17.38 10.66 43.42
CA ASP C 140 -18.36 10.50 44.49
C ASP C 140 -17.94 11.19 45.78
N ILE C 141 -17.09 12.21 45.68
CA ILE C 141 -16.66 12.98 46.85
C ILE C 141 -17.17 14.41 46.70
N GLU C 142 -16.84 15.26 47.67
CA GLU C 142 -17.34 16.63 47.67
C GLU C 142 -16.26 17.59 47.18
N PHE C 143 -16.66 18.53 46.33
CA PHE C 143 -15.78 19.57 45.82
C PHE C 143 -16.35 20.94 46.20
N ASP C 144 -15.47 21.93 46.20
CA ASP C 144 -15.87 23.33 46.32
C ASP C 144 -15.13 24.27 45.38
N THR C 145 -14.11 23.78 44.65
CA THR C 145 -13.37 24.60 43.69
C THR C 145 -13.21 23.79 42.41
N TYR C 146 -13.64 24.35 41.30
CA TYR C 146 -13.69 23.62 40.03
C TYR C 146 -12.83 24.31 38.98
N PHE C 147 -12.43 23.54 37.97
CA PHE C 147 -11.70 24.08 36.82
C PHE C 147 -12.69 24.50 35.74
N PRO C 148 -12.59 25.73 35.23
CA PRO C 148 -13.58 26.19 34.23
C PRO C 148 -13.50 25.37 32.96
N GLU C 149 -14.64 25.29 32.26
CA GLU C 149 -14.69 24.54 31.01
C GLU C 149 -13.73 25.14 29.99
N ILE C 150 -12.91 24.29 29.40
CA ILE C 150 -11.89 24.74 28.45
C ILE C 150 -12.58 25.32 27.21
N PRO C 151 -12.23 26.53 26.78
CA PRO C 151 -12.91 27.12 25.62
C PRO C 151 -12.63 26.34 24.35
N GLU C 152 -13.51 26.55 23.36
CA GLU C 152 -13.42 25.83 22.09
C GLU C 152 -12.19 26.18 21.27
N THR C 153 -11.48 27.25 21.62
CA THR C 153 -10.25 27.60 20.92
C THR C 153 -9.14 26.59 21.16
N PHE C 154 -9.24 25.78 22.22
CA PHE C 154 -8.26 24.76 22.53
C PHE C 154 -8.68 23.42 21.94
N LEU C 155 -7.69 22.63 21.55
CA LEU C 155 -7.89 21.29 21.05
C LEU C 155 -6.90 20.34 21.71
N PRO C 156 -7.32 19.13 22.06
CA PRO C 156 -6.39 18.17 22.66
C PRO C 156 -5.43 17.62 21.62
N VAL C 157 -4.15 17.57 21.97
CA VAL C 157 -3.13 17.04 21.09
C VAL C 157 -2.44 15.81 21.65
N TYR C 158 -2.71 15.44 22.91
CA TYR C 158 -2.05 14.32 23.55
C TYR C 158 -2.92 13.79 24.67
N MET C 159 -2.95 12.46 24.82
CA MET C 159 -3.66 11.80 25.91
C MET C 159 -2.86 10.58 26.30
N SER C 160 -2.27 10.60 27.51
CA SER C 160 -1.40 9.52 27.95
C SER C 160 -2.24 8.28 28.28
N GLN C 161 -1.54 7.20 28.62
CA GLN C 161 -2.21 6.02 29.10
C GLN C 161 -2.73 6.26 30.52
N THR C 162 -3.57 5.35 30.98
CA THR C 162 -4.12 5.44 32.33
C THR C 162 -3.10 4.91 33.34
N PHE C 163 -2.87 5.66 34.41
CA PHE C 163 -1.98 5.26 35.49
C PHE C 163 -2.77 5.05 36.78
N CYS C 164 -2.17 4.28 37.67
CA CYS C 164 -2.80 3.89 38.93
C CYS C 164 -1.93 4.30 40.12
N THR C 165 -2.57 4.84 41.14
CA THR C 165 -1.90 5.12 42.41
C THR C 165 -2.93 5.03 43.52
N LYS C 166 -2.68 4.13 44.48
CA LYS C 166 -3.61 3.88 45.58
C LYS C 166 -5.01 3.55 45.04
N ASN C 167 -5.04 2.70 44.01
CA ASN C 167 -6.27 2.26 43.34
C ASN C 167 -7.05 3.43 42.72
N ILE C 168 -6.38 4.55 42.46
CA ILE C 168 -6.98 5.70 41.80
C ILE C 168 -6.39 5.82 40.41
N SER C 169 -7.25 5.91 39.41
CA SER C 169 -6.84 6.03 38.02
C SER C 169 -6.74 7.50 37.61
N TYR C 170 -5.75 7.81 36.78
CA TYR C 170 -5.58 9.18 36.30
C TYR C 170 -4.86 9.19 34.97
N ASP C 171 -5.13 10.23 34.18
CA ASP C 171 -4.60 10.44 32.84
C ASP C 171 -3.79 11.73 32.77
N PHE C 172 -3.12 11.93 31.64
CA PHE C 172 -2.43 13.17 31.35
C PHE C 172 -2.76 13.61 29.92
N MET C 173 -3.16 14.86 29.77
CA MET C 173 -3.56 15.40 28.47
C MET C 173 -2.95 16.78 28.26
N ILE C 174 -2.71 17.11 27.00
CA ILE C 174 -2.21 18.42 26.59
C ILE C 174 -3.23 19.03 25.63
N PHE C 175 -3.53 20.31 25.84
CA PHE C 175 -4.40 21.09 24.98
C PHE C 175 -3.62 22.27 24.41
N GLU C 176 -3.78 22.52 23.12
CA GLU C 176 -3.11 23.63 22.46
C GLU C 176 -4.16 24.53 21.80
N LYS C 177 -3.90 25.84 21.84
CA LYS C 177 -4.81 26.83 21.27
C LYS C 177 -4.58 26.91 19.76
N GLN C 178 -5.52 26.36 18.98
CA GLN C 178 -5.37 26.34 17.53
C GLN C 178 -5.66 27.73 16.96
N GLU C 179 -4.80 28.19 16.06
CA GLU C 179 -4.97 29.51 15.44
C GLU C 179 -5.27 29.38 13.95
N LEU C 193 8.62 16.51 5.67
CA LEU C 193 9.09 16.47 4.29
C LEU C 193 7.98 15.98 3.36
N LYS C 194 7.48 16.88 2.53
CA LYS C 194 6.33 16.59 1.67
C LYS C 194 6.68 15.68 0.50
N SER C 195 7.96 15.56 0.14
CA SER C 195 8.33 14.78 -1.05
C SER C 195 7.94 13.33 -0.91
N ILE C 196 8.15 12.74 0.27
CA ILE C 196 7.79 11.34 0.48
C ILE C 196 6.28 11.15 0.33
N ASP C 197 5.50 12.05 0.93
CA ASP C 197 4.05 11.96 0.82
C ASP C 197 3.59 12.08 -0.63
N ASP C 198 4.18 13.02 -1.38
CA ASP C 198 3.79 13.19 -2.77
C ASP C 198 4.16 11.97 -3.61
N THR C 199 5.34 11.38 -3.35
CA THR C 199 5.71 10.17 -4.10
C THR C 199 4.78 9.02 -3.79
N VAL C 200 4.39 8.86 -2.52
CA VAL C 200 3.46 7.79 -2.17
C VAL C 200 2.09 8.04 -2.80
N ASP C 201 1.64 9.30 -2.83
CA ASP C 201 0.36 9.62 -3.47
C ASP C 201 0.40 9.31 -4.96
N LEU C 202 1.53 9.61 -5.63
CA LEU C 202 1.63 9.31 -7.05
C LEU C 202 1.64 7.81 -7.30
N LEU C 203 2.43 7.07 -6.50
CA LEU C 203 2.44 5.61 -6.66
C LEU C 203 1.08 5.01 -6.38
N GLY C 204 0.30 5.60 -5.47
CA GLY C 204 -1.06 5.14 -5.25
C GLY C 204 -1.99 5.47 -6.39
N GLU C 205 -1.76 6.61 -7.04
CA GLU C 205 -2.53 6.94 -8.24
C GLU C 205 -2.22 5.92 -9.35
N ILE C 206 -0.98 5.46 -9.43
CA ILE C 206 -0.58 4.50 -10.44
C ILE C 206 -1.22 3.14 -10.17
N PHE C 207 -0.75 2.46 -9.12
CA PHE C 207 -1.29 1.16 -8.76
C PHE C 207 -2.55 1.35 -7.91
N GLY C 208 -3.69 0.87 -8.40
CA GLY C 208 -4.94 1.17 -7.74
C GLY C 208 -5.08 0.48 -6.41
N ILE C 209 -5.14 -0.85 -6.44
CA ILE C 209 -5.18 -1.63 -5.21
C ILE C 209 -4.05 -2.63 -5.27
N ARG C 210 -3.11 -2.39 -6.19
CA ARG C 210 -1.92 -3.22 -6.27
C ARG C 210 -0.91 -2.82 -5.20
N LYS C 211 -0.85 -1.53 -4.87
CA LYS C 211 -0.08 -1.07 -3.73
C LYS C 211 -0.82 -1.42 -2.45
N MET C 212 -0.18 -2.23 -1.60
CA MET C 212 -0.84 -2.72 -0.39
C MET C 212 -1.28 -1.57 0.51
N GLY C 213 -0.59 -0.41 0.42
CA GLY C 213 -0.98 0.72 1.23
C GLY C 213 -2.39 1.20 0.96
N ASN C 214 -2.86 1.08 -0.28
CA ASN C 214 -4.21 1.52 -0.60
C ASN C 214 -5.26 0.62 0.03
N ARG C 215 -4.92 -0.65 0.26
CA ARG C 215 -5.86 -1.56 0.93
C ARG C 215 -5.97 -1.26 2.42
N HIS C 216 -5.01 -0.53 2.98
CA HIS C 216 -5.07 -0.12 4.38
C HIS C 216 -4.96 1.39 4.48
N LYS C 217 -5.92 2.10 3.89
CA LYS C 217 -5.92 3.56 3.88
C LYS C 217 -6.14 4.11 5.28
N PHE C 218 -5.51 5.25 5.54
CA PHE C 218 -5.69 5.93 6.81
C PHE C 218 -7.12 6.45 6.93
N PRO C 219 -7.75 6.31 8.09
CA PRO C 219 -9.16 6.73 8.22
C PRO C 219 -9.34 8.22 7.99
N LYS C 220 -10.47 8.56 7.36
CA LYS C 220 -10.81 9.96 7.16
C LYS C 220 -11.09 10.63 8.51
N GLU C 221 -10.93 11.95 8.54
CA GLU C 221 -11.09 12.69 9.79
C GLU C 221 -12.50 12.57 10.34
N GLU C 222 -13.50 12.36 9.48
CA GLU C 222 -14.89 12.32 9.93
C GLU C 222 -15.24 11.06 10.71
N ILE C 223 -14.36 10.06 10.74
CA ILE C 223 -14.63 8.82 11.46
C ILE C 223 -13.45 8.49 12.36
N TYR C 224 -12.62 9.47 12.66
CA TYR C 224 -11.44 9.30 13.49
C TYR C 224 -11.74 9.93 14.85
N ASN C 225 -11.74 9.11 15.91
CA ASN C 225 -12.13 9.59 17.23
C ASN C 225 -11.09 10.59 17.75
N THR C 226 -11.58 11.78 18.13
CA THR C 226 -10.76 12.89 18.59
C THR C 226 -9.65 13.15 17.57
N PRO C 227 -9.98 13.69 16.39
CA PRO C 227 -8.97 13.79 15.33
C PRO C 227 -7.82 14.71 15.65
N SER C 228 -8.01 15.65 16.60
CA SER C 228 -6.96 16.59 16.94
C SER C 228 -5.76 15.90 17.58
N ILE C 229 -5.99 14.76 18.24
CA ILE C 229 -4.90 13.98 18.82
C ILE C 229 -4.29 13.12 17.74
N ARG C 230 -3.24 13.63 17.10
CA ARG C 230 -2.60 12.92 15.99
C ARG C 230 -1.46 12.04 16.46
N PHE C 231 -0.46 12.65 17.10
CA PHE C 231 0.75 11.94 17.49
C PHE C 231 0.76 11.52 18.96
N GLY C 232 -0.33 11.76 19.68
CA GLY C 232 -0.37 11.44 21.09
C GLY C 232 -1.48 10.48 21.47
N ARG C 233 -1.69 9.46 20.65
CA ARG C 233 -2.73 8.46 20.92
C ARG C 233 -2.20 7.36 21.84
N GLU C 234 -1.71 7.79 23.00
CA GLU C 234 -1.09 6.84 23.93
C GLU C 234 -2.14 6.03 24.69
N HIS C 235 -3.27 6.65 25.03
CA HIS C 235 -4.31 5.93 25.75
C HIS C 235 -4.77 4.72 24.95
N TYR C 236 -4.72 3.55 25.57
CA TYR C 236 -4.90 2.30 24.85
C TYR C 236 -6.36 1.98 24.54
N GLU C 237 -7.30 2.84 24.93
CA GLU C 237 -8.65 2.70 24.37
C GLU C 237 -8.67 3.10 22.90
N PHE C 238 -7.69 3.89 22.45
CA PHE C 238 -7.55 4.19 21.04
C PHE C 238 -7.20 2.95 20.23
N GLN C 239 -6.62 1.93 20.86
CA GLN C 239 -6.34 0.68 20.15
C GLN C 239 -7.62 0.02 19.64
N TYR C 240 -8.76 0.33 20.25
CA TYR C 240 -10.07 -0.16 19.82
C TYR C 240 -10.79 0.81 18.89
N LEU C 241 -10.76 2.10 19.21
CA LEU C 241 -11.45 3.09 18.39
C LEU C 241 -10.77 3.25 17.03
N ASP C 242 -9.45 3.18 16.98
CA ASP C 242 -8.76 3.25 15.70
C ASP C 242 -9.01 2.02 14.85
N LEU C 243 -9.15 0.84 15.46
CA LEU C 243 -9.55 -0.33 14.68
C LEU C 243 -10.97 -0.17 14.16
N LEU C 244 -11.86 0.39 14.97
CA LEU C 244 -13.21 0.73 14.52
C LEU C 244 -13.14 1.63 13.28
N SER C 245 -12.29 2.65 13.34
CA SER C 245 -12.15 3.59 12.23
C SER C 245 -11.59 2.89 10.99
N ARG C 246 -10.60 2.00 11.17
CA ARG C 246 -10.04 1.29 10.04
C ARG C 246 -11.06 0.37 9.39
N VAL C 247 -11.95 -0.23 10.19
CA VAL C 247 -13.01 -1.03 9.60
C VAL C 247 -13.98 -0.16 8.83
N LEU C 248 -14.31 1.02 9.37
CA LEU C 248 -15.18 1.93 8.63
C LEU C 248 -14.53 2.43 7.34
N GLU C 249 -13.20 2.50 7.32
CA GLU C 249 -12.51 3.05 6.14
C GLU C 249 -12.32 1.99 5.06
N ASN C 250 -11.80 0.81 5.43
CA ASN C 250 -11.40 -0.20 4.45
C ASN C 250 -12.31 -1.41 4.46
N GLY C 251 -13.41 -1.37 5.21
CA GLY C 251 -14.24 -2.55 5.38
C GLY C 251 -14.97 -2.91 4.09
N ALA C 252 -14.76 -4.12 3.59
CA ALA C 252 -15.48 -4.60 2.43
C ALA C 252 -16.87 -5.07 2.86
N TYR C 253 -17.89 -4.68 2.11
CA TYR C 253 -19.27 -5.07 2.41
C TYR C 253 -19.44 -6.53 2.00
N ARG C 254 -19.66 -7.40 2.98
CA ARG C 254 -19.74 -8.83 2.75
C ARG C 254 -20.96 -9.42 3.45
N GLU C 255 -21.47 -10.50 2.89
CA GLU C 255 -22.52 -11.28 3.51
C GLU C 255 -21.88 -12.33 4.42
N ASN C 256 -22.72 -12.97 5.24
CA ASN C 256 -22.19 -13.94 6.19
C ASN C 256 -23.30 -14.92 6.55
N ARG C 257 -23.04 -15.71 7.60
CA ARG C 257 -23.99 -16.73 8.04
C ARG C 257 -25.32 -16.13 8.49
N THR C 258 -25.32 -14.90 8.98
CA THR C 258 -26.53 -14.22 9.39
C THR C 258 -27.07 -13.35 8.27
N GLY C 259 -28.36 -13.02 8.36
CA GLY C 259 -28.96 -12.15 7.37
C GLY C 259 -28.43 -10.73 7.41
N ILE C 260 -27.76 -10.36 8.50
CA ILE C 260 -27.20 -9.01 8.65
C ILE C 260 -25.80 -9.01 8.04
N SER C 261 -25.64 -8.32 6.91
CA SER C 261 -24.33 -8.22 6.29
C SER C 261 -23.42 -7.30 7.11
N THR C 262 -22.12 -7.41 6.87
CA THR C 262 -21.13 -6.69 7.65
C THR C 262 -20.17 -5.94 6.74
N TYR C 263 -19.36 -5.09 7.36
CA TYR C 263 -18.18 -4.50 6.74
C TYR C 263 -16.96 -5.11 7.41
N SER C 264 -16.13 -5.81 6.64
CA SER C 264 -15.10 -6.68 7.19
C SER C 264 -13.72 -6.31 6.66
N ILE C 265 -12.71 -6.42 7.52
CA ILE C 265 -11.30 -6.42 7.13
C ILE C 265 -10.62 -7.58 7.82
N PHE C 266 -9.39 -7.87 7.38
CA PHE C 266 -8.69 -9.06 7.82
C PHE C 266 -7.30 -8.72 8.33
N GLY C 267 -6.95 -9.32 9.47
CA GLY C 267 -5.62 -9.18 10.05
C GLY C 267 -5.37 -7.86 10.75
N GLN C 268 -5.76 -7.77 12.02
CA GLN C 268 -5.54 -6.57 12.82
C GLN C 268 -5.12 -6.98 14.23
N MET C 269 -4.70 -6.01 15.03
CA MET C 269 -4.28 -6.32 16.38
C MET C 269 -4.55 -5.13 17.31
N MET C 270 -4.60 -5.42 18.60
CA MET C 270 -4.80 -4.44 19.66
C MET C 270 -3.91 -4.81 20.84
N ARG C 271 -3.33 -3.79 21.48
CA ARG C 271 -2.55 -4.01 22.69
C ARG C 271 -3.16 -3.22 23.84
N PHE C 272 -3.07 -3.78 25.04
CA PHE C 272 -3.63 -3.15 26.22
C PHE C 272 -2.71 -3.37 27.42
N ASP C 273 -2.60 -2.35 28.26
CA ASP C 273 -1.84 -2.43 29.50
C ASP C 273 -2.77 -2.84 30.63
N MET C 274 -2.29 -3.72 31.50
CA MET C 274 -3.04 -4.15 32.68
C MET C 274 -2.28 -3.95 33.97
N ARG C 275 -1.06 -3.40 33.92
CA ARG C 275 -0.32 -3.14 35.15
C ARG C 275 -0.90 -1.95 35.89
N GLU C 276 -1.30 -0.91 35.17
CA GLU C 276 -1.74 0.34 35.77
C GLU C 276 -3.22 0.64 35.52
N SER C 277 -3.95 -0.24 34.85
CA SER C 277 -5.35 0.04 34.53
C SER C 277 -6.06 -1.28 34.23
N PHE C 278 -7.27 -1.17 33.71
CA PHE C 278 -8.07 -2.32 33.30
C PHE C 278 -8.79 -1.97 31.99
N PRO C 279 -8.50 -2.67 30.90
CA PRO C 279 -9.07 -2.28 29.60
C PRO C 279 -10.57 -2.51 29.49
N LEU C 280 -11.34 -1.70 30.22
CA LEU C 280 -12.79 -1.68 30.10
C LEU C 280 -13.16 -0.36 29.42
N LEU C 281 -13.86 -0.47 28.29
CA LEU C 281 -14.11 0.72 27.48
C LEU C 281 -14.91 1.76 28.25
N THR C 282 -14.52 3.03 28.09
CA THR C 282 -15.22 4.13 28.73
C THR C 282 -16.11 4.91 27.78
N THR C 283 -15.92 4.77 26.47
CA THR C 283 -16.78 5.43 25.48
C THR C 283 -18.15 4.80 25.41
N LYS C 284 -18.42 3.78 26.22
CA LYS C 284 -19.69 3.06 26.22
C LYS C 284 -19.77 2.26 27.50
N LYS C 285 -20.92 2.31 28.18
CA LYS C 285 -21.11 1.53 29.40
C LYS C 285 -21.14 0.05 29.06
N VAL C 286 -20.19 -0.71 29.62
CA VAL C 286 -20.04 -2.13 29.32
C VAL C 286 -20.59 -2.94 30.49
N ALA C 287 -21.42 -3.93 30.18
CA ALA C 287 -21.99 -4.81 31.20
C ALA C 287 -20.91 -5.73 31.80
N ILE C 288 -20.24 -5.26 32.86
CA ILE C 288 -19.11 -6.01 33.41
C ILE C 288 -19.59 -7.29 34.11
N ARG C 289 -20.77 -7.25 34.71
CA ARG C 289 -21.27 -8.42 35.44
C ARG C 289 -21.50 -9.60 34.50
N SER C 290 -22.09 -9.33 33.34
CA SER C 290 -22.33 -10.38 32.36
C SER C 290 -21.01 -10.94 31.83
N ILE C 291 -20.02 -10.08 31.62
CA ILE C 291 -18.69 -10.53 31.19
C ILE C 291 -18.10 -11.49 32.21
N PHE C 292 -18.12 -11.09 33.50
CA PHE C 292 -17.56 -11.95 34.52
C PHE C 292 -18.31 -13.27 34.62
N GLU C 293 -19.64 -13.23 34.53
CA GLU C 293 -20.42 -14.45 34.65
C GLU C 293 -20.14 -15.40 33.49
N GLU C 294 -20.04 -14.86 32.27
CA GLU C 294 -19.65 -15.69 31.13
C GLU C 294 -18.27 -16.31 31.34
N LEU C 295 -17.32 -15.52 31.84
CA LEU C 295 -15.96 -16.04 32.01
C LEU C 295 -15.91 -17.14 33.06
N ILE C 296 -16.55 -16.91 34.21
CA ILE C 296 -16.52 -17.92 35.27
C ILE C 296 -17.35 -19.13 34.86
N TRP C 297 -18.35 -18.93 34.00
CA TRP C 297 -19.07 -20.05 33.41
C TRP C 297 -18.15 -20.89 32.53
N PHE C 298 -17.28 -20.23 31.77
CA PHE C 298 -16.25 -20.94 31.01
C PHE C 298 -15.32 -21.71 31.93
N ILE C 299 -14.82 -21.04 32.98
CA ILE C 299 -13.79 -21.65 33.83
C ILE C 299 -14.34 -22.91 34.50
N LYS C 300 -15.59 -22.86 34.96
CA LYS C 300 -16.19 -24.00 35.62
C LYS C 300 -16.39 -25.19 34.68
N GLY C 301 -16.19 -25.01 33.38
CA GLY C 301 -16.36 -26.09 32.43
C GLY C 301 -17.79 -26.31 32.00
N ASP C 302 -18.67 -25.33 32.20
CA ASP C 302 -20.09 -25.50 31.97
C ASP C 302 -20.47 -25.16 30.53
N THR C 303 -21.47 -25.87 30.02
CA THR C 303 -22.04 -25.59 28.70
C THR C 303 -23.55 -25.42 28.78
N ASN C 304 -24.11 -25.28 29.98
CA ASN C 304 -25.54 -25.11 30.19
C ASN C 304 -25.87 -23.62 30.12
N GLY C 305 -26.55 -23.20 29.05
CA GLY C 305 -26.95 -21.81 28.93
C GLY C 305 -28.00 -21.40 29.94
N ASN C 306 -28.78 -22.36 30.45
CA ASN C 306 -29.77 -22.02 31.47
C ASN C 306 -29.10 -21.56 32.76
N HIS C 307 -27.87 -22.02 33.02
CA HIS C 307 -27.16 -21.53 34.19
C HIS C 307 -26.81 -20.05 34.06
N LEU C 308 -26.54 -19.59 32.84
CA LEU C 308 -26.33 -18.16 32.62
C LEU C 308 -27.64 -17.40 32.65
N ILE C 309 -28.71 -17.99 32.10
CA ILE C 309 -30.00 -17.32 32.11
C ILE C 309 -30.53 -17.16 33.52
N GLU C 310 -30.23 -18.11 34.41
CA GLU C 310 -30.68 -18.01 35.80
C GLU C 310 -30.04 -16.83 36.52
N LYS C 311 -28.83 -16.46 36.14
CA LYS C 311 -28.14 -15.31 36.73
C LYS C 311 -28.43 -14.02 35.98
N LYS C 312 -29.53 -13.97 35.22
CA LYS C 312 -29.95 -12.77 34.49
C LYS C 312 -28.87 -12.31 33.49
N VAL C 313 -28.29 -13.27 32.77
CA VAL C 313 -27.33 -13.02 31.71
C VAL C 313 -27.83 -13.71 30.45
N TYR C 314 -28.12 -12.94 29.42
CA TYR C 314 -28.81 -13.47 28.23
C TYR C 314 -27.96 -13.35 26.96
N ILE C 315 -26.64 -13.35 27.09
CA ILE C 315 -25.81 -13.21 25.90
C ILE C 315 -25.75 -14.51 25.08
N TRP C 316 -25.96 -15.66 25.71
CA TRP C 316 -25.99 -16.94 25.00
C TRP C 316 -27.41 -17.46 24.83
N SER C 317 -28.41 -16.58 24.90
CA SER C 317 -29.79 -17.00 24.70
C SER C 317 -30.14 -17.06 23.21
N GLY C 318 -29.62 -16.11 22.43
CA GLY C 318 -29.91 -16.11 21.00
C GLY C 318 -29.41 -17.36 20.30
N ASN C 319 -28.22 -17.83 20.66
CA ASN C 319 -27.66 -19.04 20.10
C ASN C 319 -28.15 -20.30 20.82
N GLY C 320 -29.10 -20.16 21.74
CA GLY C 320 -29.61 -21.29 22.49
C GLY C 320 -31.11 -21.45 22.40
N SER C 321 -31.75 -20.83 21.42
CA SER C 321 -33.17 -21.02 21.26
C SER C 321 -33.45 -22.34 20.54
N LYS C 322 -34.66 -22.87 20.76
CA LYS C 322 -35.03 -24.12 20.08
C LYS C 322 -35.07 -23.93 18.57
N GLU C 323 -35.53 -22.75 18.11
CA GLU C 323 -35.59 -22.50 16.67
C GLU C 323 -34.20 -22.39 16.06
N TYR C 324 -33.27 -21.71 16.75
CA TYR C 324 -31.92 -21.59 16.24
C TYR C 324 -31.20 -22.94 16.22
N LEU C 325 -31.47 -23.79 17.22
CA LEU C 325 -30.83 -25.10 17.24
C LEU C 325 -31.41 -26.02 16.17
N GLU C 326 -32.73 -26.01 15.99
CA GLU C 326 -33.33 -26.79 14.91
C GLU C 326 -32.92 -26.26 13.55
N ARG C 327 -32.57 -24.98 13.45
CA ARG C 327 -32.16 -24.40 12.18
C ARG C 327 -30.72 -24.77 11.81
N ILE C 328 -29.84 -24.91 12.80
CA ILE C 328 -28.44 -25.25 12.52
C ILE C 328 -28.27 -26.76 12.55
N GLY C 329 -29.37 -27.49 12.67
CA GLY C 329 -29.32 -28.94 12.65
C GLY C 329 -29.09 -29.60 13.99
N LEU C 330 -29.50 -28.98 15.09
CA LEU C 330 -29.37 -29.56 16.43
C LEU C 330 -30.72 -29.58 17.12
N GLY C 331 -31.78 -29.91 16.38
CA GLY C 331 -33.11 -29.98 16.96
C GLY C 331 -33.26 -31.07 18.02
N HIS C 332 -32.38 -32.08 17.97
CA HIS C 332 -32.39 -33.12 19.00
C HIS C 332 -31.92 -32.58 20.34
N ARG C 333 -31.11 -31.52 20.32
CA ARG C 333 -30.48 -31.01 21.52
C ARG C 333 -31.49 -30.32 22.43
N GLU C 334 -31.14 -30.26 23.72
CA GLU C 334 -32.00 -29.63 24.70
C GLU C 334 -32.01 -28.12 24.48
N GLU C 335 -32.89 -27.44 25.22
CA GLU C 335 -33.17 -26.02 25.00
C GLU C 335 -31.89 -25.19 24.88
N ASN C 336 -31.14 -25.04 25.96
CA ASN C 336 -29.94 -24.23 25.95
C ASN C 336 -28.67 -25.08 26.07
N ASP C 337 -28.72 -26.32 25.60
CA ASP C 337 -27.56 -27.20 25.60
C ASP C 337 -26.69 -26.81 24.41
N LEU C 338 -25.72 -25.93 24.67
CA LEU C 338 -24.90 -25.36 23.61
C LEU C 338 -23.88 -26.33 23.03
N GLY C 339 -23.63 -27.45 23.70
CA GLY C 339 -22.69 -28.42 23.21
C GLY C 339 -21.27 -28.11 23.65
N PRO C 340 -20.31 -28.90 23.19
CA PRO C 340 -18.92 -28.69 23.62
C PRO C 340 -18.33 -27.41 23.07
N ILE C 341 -18.35 -26.34 23.85
CA ILE C 341 -17.92 -25.02 23.38
C ILE C 341 -16.83 -24.52 24.31
N TYR C 342 -16.70 -23.19 24.42
CA TYR C 342 -15.79 -22.62 25.41
C TYR C 342 -16.03 -23.25 26.78
N GLY C 343 -14.92 -23.53 27.48
CA GLY C 343 -14.96 -24.12 28.79
C GLY C 343 -15.14 -25.63 28.80
N PHE C 344 -15.67 -26.21 27.73
CA PHE C 344 -15.62 -27.66 27.66
C PHE C 344 -14.32 -28.11 27.01
N GLN C 345 -13.87 -27.38 25.99
CA GLN C 345 -12.54 -27.61 25.44
C GLN C 345 -11.45 -27.12 26.39
N TRP C 346 -11.78 -26.18 27.28
CA TRP C 346 -10.82 -25.72 28.28
C TRP C 346 -10.56 -26.80 29.32
N ARG C 347 -11.62 -27.50 29.74
CA ARG C 347 -11.52 -28.45 30.84
C ARG C 347 -11.61 -29.91 30.40
N HIS C 348 -12.25 -30.21 29.28
CA HIS C 348 -12.43 -31.59 28.82
C HIS C 348 -12.21 -31.65 27.31
N TYR C 349 -11.00 -31.34 26.88
CA TYR C 349 -10.69 -31.35 25.45
C TYR C 349 -10.72 -32.77 24.91
N ASN C 350 -11.33 -32.93 23.73
CA ASN C 350 -11.52 -34.23 23.08
C ASN C 350 -12.38 -35.18 23.90
N GLY C 351 -13.22 -34.65 24.80
CA GLY C 351 -14.08 -35.48 25.62
C GLY C 351 -15.39 -35.77 24.90
N GLU C 352 -15.77 -37.04 24.89
CA GLU C 352 -17.00 -37.46 24.23
C GLU C 352 -18.20 -36.77 24.87
N TYR C 353 -18.77 -35.80 24.16
CA TYR C 353 -19.89 -35.02 24.70
C TYR C 353 -21.19 -35.77 24.47
N LYS C 354 -22.02 -35.82 25.51
CA LYS C 354 -23.36 -36.40 25.40
C LYS C 354 -24.41 -35.29 25.50
N THR C 355 -24.70 -34.86 26.73
CA THR C 355 -25.58 -33.73 26.98
C THR C 355 -24.96 -32.86 28.06
N MET C 356 -25.60 -31.73 28.36
CA MET C 356 -25.10 -30.82 29.37
C MET C 356 -25.37 -31.29 30.79
N HIS C 357 -26.00 -32.45 30.96
CA HIS C 357 -26.35 -32.95 32.28
C HIS C 357 -25.43 -34.07 32.75
N ASP C 358 -24.61 -34.64 31.86
CA ASP C 358 -23.74 -35.73 32.26
C ASP C 358 -22.54 -35.19 33.04
N ASP C 359 -21.83 -36.11 33.70
CA ASP C 359 -20.69 -35.76 34.55
C ASP C 359 -19.41 -36.05 33.77
N TYR C 360 -18.80 -35.00 33.23
CA TYR C 360 -17.59 -35.12 32.43
C TYR C 360 -16.32 -34.98 33.25
N THR C 361 -16.42 -35.00 34.57
CA THR C 361 -15.26 -34.85 35.43
C THR C 361 -14.35 -36.08 35.28
N GLY C 362 -13.19 -35.88 34.66
CA GLY C 362 -12.26 -36.98 34.44
C GLY C 362 -11.95 -37.18 32.99
N VAL C 363 -12.95 -37.03 32.13
CA VAL C 363 -12.75 -37.21 30.69
C VAL C 363 -12.21 -35.91 30.10
N GLY C 364 -11.48 -36.04 29.01
CA GLY C 364 -10.93 -34.88 28.35
C GLY C 364 -9.68 -34.35 29.03
N VAL C 365 -8.93 -33.55 28.29
CA VAL C 365 -7.69 -32.95 28.78
C VAL C 365 -8.02 -31.63 29.45
N ASP C 366 -7.71 -31.52 30.75
CA ASP C 366 -7.93 -30.28 31.48
C ASP C 366 -6.84 -29.30 31.09
N GLN C 367 -7.13 -28.48 30.08
CA GLN C 367 -6.15 -27.51 29.60
C GLN C 367 -5.88 -26.42 30.62
N LEU C 368 -6.91 -26.02 31.38
CA LEU C 368 -6.73 -24.95 32.35
C LEU C 368 -5.82 -25.38 33.50
N ALA C 369 -6.02 -26.60 33.99
CA ALA C 369 -5.19 -27.11 35.08
C ALA C 369 -3.74 -27.24 34.62
N LYS C 370 -3.52 -27.84 33.44
CA LYS C 370 -2.16 -27.95 32.92
C LYS C 370 -1.55 -26.58 32.65
N LEU C 371 -2.37 -25.62 32.23
CA LEU C 371 -1.88 -24.26 32.01
C LEU C 371 -1.37 -23.64 33.31
N ILE C 372 -2.17 -23.73 34.38
CA ILE C 372 -1.72 -23.20 35.66
C ILE C 372 -0.48 -23.92 36.15
N GLU C 373 -0.46 -25.26 36.00
CA GLU C 373 0.69 -26.05 36.42
C GLU C 373 1.95 -25.59 35.71
N THR C 374 1.87 -25.37 34.40
CA THR C 374 3.03 -24.93 33.65
C THR C 374 3.40 -23.49 33.98
N LEU C 375 2.40 -22.65 34.25
CA LEU C 375 2.68 -21.24 34.56
C LEU C 375 3.45 -21.11 35.86
N LYS C 376 3.11 -21.89 36.87
CA LYS C 376 3.79 -21.74 38.15
C LYS C 376 4.92 -22.74 38.37
N ASN C 377 5.05 -23.76 37.53
CA ASN C 377 6.18 -24.70 37.67
C ASN C 377 7.30 -24.43 36.67
N ASN C 378 6.99 -23.91 35.50
CA ASN C 378 7.99 -23.61 34.47
C ASN C 378 7.60 -22.30 33.79
N PRO C 379 7.91 -21.17 34.41
CA PRO C 379 7.41 -19.89 33.87
C PRO C 379 8.05 -19.51 32.55
N LYS C 380 9.34 -19.73 32.37
CA LYS C 380 10.03 -19.34 31.14
C LYS C 380 9.67 -20.24 29.94
N ASP C 381 8.71 -21.15 30.10
CA ASP C 381 8.26 -22.02 29.02
C ASP C 381 7.56 -21.21 27.93
N ARG C 382 7.44 -21.83 26.75
CA ARG C 382 6.80 -21.23 25.59
C ARG C 382 5.59 -22.04 25.13
N ARG C 383 4.93 -22.74 26.07
CA ARG C 383 3.82 -23.63 25.75
C ARG C 383 2.59 -23.35 26.60
N HIS C 384 2.54 -22.21 27.28
CA HIS C 384 1.37 -21.84 28.08
C HIS C 384 0.25 -21.50 27.11
N ILE C 385 -0.42 -22.53 26.61
CA ILE C 385 -1.38 -22.39 25.51
C ILE C 385 -2.70 -23.03 25.89
N LEU C 386 -3.78 -22.30 25.66
CA LEU C 386 -5.15 -22.76 25.86
C LEU C 386 -5.89 -22.61 24.53
N THR C 387 -6.29 -23.73 23.95
CA THR C 387 -6.98 -23.74 22.67
C THR C 387 -8.44 -24.17 22.84
N ALA C 388 -9.30 -23.62 21.98
CA ALA C 388 -10.69 -24.01 21.93
C ALA C 388 -11.11 -24.57 20.58
N TRP C 389 -10.24 -24.52 19.58
CA TRP C 389 -10.58 -25.02 18.25
C TRP C 389 -10.34 -26.52 18.21
N ASN C 390 -11.42 -27.29 18.16
CA ASN C 390 -11.36 -28.75 18.11
C ASN C 390 -12.11 -29.22 16.88
N PRO C 391 -11.40 -29.60 15.81
CA PRO C 391 -12.11 -30.02 14.58
C PRO C 391 -13.08 -31.17 14.79
N SER C 392 -12.82 -32.06 15.74
CA SER C 392 -13.71 -33.20 15.96
C SER C 392 -15.04 -32.76 16.55
N ALA C 393 -15.01 -31.81 17.49
CA ALA C 393 -16.22 -31.38 18.19
C ALA C 393 -16.89 -30.17 17.55
N LEU C 394 -16.39 -29.70 16.40
CA LEU C 394 -16.94 -28.48 15.80
C LEU C 394 -18.40 -28.66 15.39
N SER C 395 -18.73 -29.82 14.83
CA SER C 395 -20.10 -30.03 14.35
C SER C 395 -21.12 -30.04 15.48
N GLN C 396 -20.69 -30.43 16.69
CA GLN C 396 -21.60 -30.47 17.84
C GLN C 396 -21.83 -29.11 18.48
N MET C 397 -21.04 -28.10 18.14
CA MET C 397 -21.12 -26.81 18.81
C MET C 397 -22.28 -25.98 18.29
N ALA C 398 -22.96 -25.28 19.21
CA ALA C 398 -23.99 -24.33 18.80
C ALA C 398 -23.38 -23.13 18.09
N LEU C 399 -22.10 -22.86 18.31
CA LEU C 399 -21.38 -21.78 17.66
C LEU C 399 -19.87 -22.04 17.82
N PRO C 400 -19.14 -22.18 16.72
CA PRO C 400 -17.70 -22.45 16.82
C PRO C 400 -16.97 -21.36 17.58
N PRO C 401 -15.81 -21.66 18.15
CA PRO C 401 -15.13 -20.68 19.00
C PRO C 401 -14.68 -19.45 18.22
N CYS C 402 -14.97 -18.28 18.76
CA CYS C 402 -14.50 -17.01 18.19
C CYS C 402 -13.12 -16.66 18.72
N HIS C 403 -13.01 -16.50 20.04
CA HIS C 403 -11.67 -16.40 20.64
C HIS C 403 -11.04 -17.78 20.65
N VAL C 404 -10.28 -18.08 19.61
CA VAL C 404 -9.85 -19.46 19.34
C VAL C 404 -8.69 -19.84 20.25
N LEU C 405 -7.61 -19.08 20.22
CA LEU C 405 -6.37 -19.50 20.88
C LEU C 405 -5.91 -18.43 21.86
N SER C 406 -5.27 -18.87 22.94
CA SER C 406 -4.66 -17.93 23.87
C SER C 406 -3.32 -18.49 24.34
N GLN C 407 -2.32 -17.62 24.39
CA GLN C 407 -1.00 -17.96 24.88
C GLN C 407 -0.65 -17.03 26.03
N TYR C 408 0.13 -17.54 26.99
CA TYR C 408 0.46 -16.79 28.18
C TYR C 408 1.97 -16.79 28.40
N TYR C 409 2.46 -15.70 29.00
CA TYR C 409 3.88 -15.42 29.04
C TYR C 409 4.23 -14.80 30.39
N VAL C 410 5.33 -15.24 30.98
CA VAL C 410 5.80 -14.73 32.26
C VAL C 410 7.08 -13.96 32.02
N THR C 411 7.08 -12.69 32.42
CA THR C 411 8.21 -11.80 32.20
C THR C 411 9.27 -12.00 33.30
N ASN C 412 10.43 -11.38 33.09
CA ASN C 412 11.53 -11.50 34.05
C ASN C 412 11.21 -10.85 35.38
N ASP C 413 10.23 -9.95 35.44
CA ASP C 413 9.78 -9.34 36.68
C ASP C 413 8.46 -9.92 37.17
N ASN C 414 8.18 -11.17 36.79
CA ASN C 414 7.06 -11.95 37.33
C ASN C 414 5.71 -11.29 37.01
N CYS C 415 5.54 -10.88 35.76
CA CYS C 415 4.27 -10.40 35.26
C CYS C 415 3.73 -11.38 34.23
N LEU C 416 2.39 -11.44 34.11
CA LEU C 416 1.71 -12.40 33.26
C LEU C 416 1.02 -11.66 32.10
N SER C 417 1.58 -11.80 30.90
CA SER C 417 1.01 -11.24 29.68
C SER C 417 0.27 -12.33 28.90
N CYS C 418 -0.67 -11.88 28.08
CA CYS C 418 -1.57 -12.78 27.36
C CYS C 418 -1.74 -12.33 25.92
N ASN C 419 -1.56 -13.25 24.99
CA ASN C 419 -1.92 -13.07 23.60
C ASN C 419 -3.17 -13.87 23.30
N LEU C 420 -4.07 -13.30 22.50
CA LEU C 420 -5.31 -13.96 22.11
C LEU C 420 -5.47 -13.85 20.61
N TYR C 421 -5.67 -14.97 19.94
CA TYR C 421 -6.04 -14.98 18.53
C TYR C 421 -7.52 -15.33 18.42
N GLN C 422 -8.26 -14.42 17.78
CA GLN C 422 -9.71 -14.51 17.60
C GLN C 422 -10.00 -14.53 16.10
N ARG C 423 -10.71 -15.56 15.65
CA ARG C 423 -10.96 -15.74 14.22
C ARG C 423 -11.96 -14.73 13.69
N SER C 424 -12.92 -14.30 14.51
CA SER C 424 -14.00 -13.44 14.09
C SER C 424 -14.36 -12.50 15.22
N CYS C 425 -14.37 -11.20 14.93
CA CYS C 425 -14.60 -10.18 15.95
C CYS C 425 -15.73 -9.27 15.52
N ASP C 426 -16.77 -9.19 16.36
CA ASP C 426 -17.87 -8.24 16.20
C ASP C 426 -17.53 -7.05 17.10
N LEU C 427 -16.98 -6.00 16.50
CA LEU C 427 -16.49 -4.87 17.28
C LEU C 427 -17.60 -4.10 17.99
N GLY C 428 -18.86 -4.33 17.64
CA GLY C 428 -19.94 -3.65 18.33
C GLY C 428 -20.25 -4.28 19.67
N LEU C 429 -20.32 -5.61 19.70
CA LEU C 429 -20.68 -6.34 20.91
C LEU C 429 -19.59 -7.28 21.39
N GLY C 430 -19.01 -8.06 20.47
CA GLY C 430 -18.05 -9.09 20.87
C GLY C 430 -16.72 -8.54 21.34
N SER C 431 -16.27 -7.43 20.74
CA SER C 431 -14.91 -6.96 21.03
C SER C 431 -14.74 -6.44 22.45
N PRO C 432 -15.59 -5.54 22.96
CA PRO C 432 -15.39 -5.09 24.35
C PRO C 432 -15.50 -6.23 25.35
N PHE C 433 -16.46 -7.14 25.12
CA PHE C 433 -16.61 -8.30 25.97
C PHE C 433 -15.37 -9.17 25.96
N ASN C 434 -14.79 -9.41 24.78
CA ASN C 434 -13.58 -10.23 24.70
C ASN C 434 -12.42 -9.56 25.41
N ILE C 435 -12.25 -8.25 25.21
CA ILE C 435 -11.16 -7.52 25.86
C ILE C 435 -11.27 -7.66 27.37
N ALA C 436 -12.42 -7.26 27.93
CA ALA C 436 -12.60 -7.31 29.37
C ALA C 436 -12.50 -8.74 29.91
N SER C 437 -13.06 -9.71 29.17
CA SER C 437 -13.09 -11.09 29.65
C SER C 437 -11.70 -11.67 29.72
N TYR C 438 -10.89 -11.49 28.68
CA TYR C 438 -9.54 -12.04 28.73
C TYR C 438 -8.64 -11.25 29.67
N ALA C 439 -8.94 -9.96 29.90
CA ALA C 439 -8.22 -9.24 30.94
C ALA C 439 -8.51 -9.83 32.32
N ILE C 440 -9.79 -10.08 32.62
CA ILE C 440 -10.16 -10.67 33.90
C ILE C 440 -9.57 -12.06 34.05
N LEU C 441 -9.58 -12.84 32.97
CA LEU C 441 -9.01 -14.18 33.03
C LEU C 441 -7.50 -14.14 33.30
N THR C 442 -6.80 -13.21 32.65
CA THR C 442 -5.37 -13.06 32.91
C THR C 442 -5.12 -12.67 34.35
N MET C 443 -5.96 -11.78 34.90
CA MET C 443 -5.79 -11.39 36.30
C MET C 443 -6.04 -12.56 37.24
N MET C 444 -7.06 -13.37 36.96
CA MET C 444 -7.33 -14.55 37.78
C MET C 444 -6.16 -15.53 37.74
N LEU C 445 -5.66 -15.81 36.53
CA LEU C 445 -4.50 -16.69 36.40
C LEU C 445 -3.30 -16.12 37.13
N ALA C 446 -3.10 -14.81 37.07
CA ALA C 446 -1.96 -14.19 37.72
C ALA C 446 -2.06 -14.30 39.24
N GLN C 447 -3.26 -14.15 39.78
CA GLN C 447 -3.41 -14.28 41.23
C GLN C 447 -3.22 -15.73 41.67
N VAL C 448 -3.77 -16.68 40.92
CA VAL C 448 -3.64 -18.09 41.31
C VAL C 448 -2.19 -18.55 41.19
N CYS C 449 -1.45 -18.04 40.20
CA CYS C 449 -0.06 -18.42 40.00
C CYS C 449 0.92 -17.55 40.75
N GLY C 450 0.49 -16.39 41.26
CA GLY C 450 1.36 -15.54 42.04
C GLY C 450 2.16 -14.55 41.22
N TYR C 451 1.56 -14.01 40.17
CA TYR C 451 2.21 -13.00 39.34
C TYR C 451 1.36 -11.74 39.32
N GLU C 452 1.92 -10.70 38.74
CA GLU C 452 1.17 -9.49 38.49
C GLU C 452 0.67 -9.48 37.05
N PRO C 453 -0.46 -8.83 36.78
CA PRO C 453 -0.93 -8.74 35.40
C PRO C 453 0.02 -7.90 34.56
N GLY C 454 0.20 -8.32 33.31
CA GLY C 454 1.11 -7.65 32.40
C GLY C 454 0.42 -6.93 31.27
N GLU C 455 0.55 -7.46 30.06
CA GLU C 455 -0.05 -6.88 28.87
C GLU C 455 -1.04 -7.86 28.26
N LEU C 456 -1.92 -7.32 27.42
CA LEU C 456 -2.93 -8.13 26.74
C LEU C 456 -2.89 -7.77 25.26
N ALA C 457 -2.47 -8.71 24.43
CA ALA C 457 -2.45 -8.53 22.98
C ALA C 457 -3.54 -9.39 22.36
N ILE C 458 -4.39 -8.77 21.56
CA ILE C 458 -5.50 -9.44 20.88
C ILE C 458 -5.26 -9.36 19.39
N PHE C 459 -5.15 -10.51 18.73
CA PHE C 459 -4.95 -10.61 17.30
C PHE C 459 -6.27 -11.06 16.67
N ILE C 460 -6.75 -10.28 15.71
CA ILE C 460 -8.07 -10.49 15.11
C ILE C 460 -7.89 -10.86 13.64
N GLY C 461 -8.56 -11.93 13.23
CA GLY C 461 -8.63 -12.27 11.82
C GLY C 461 -9.67 -11.43 11.11
N ASP C 462 -10.93 -11.88 11.13
CA ASP C 462 -12.03 -11.18 10.46
C ASP C 462 -12.62 -10.17 11.44
N ALA C 463 -12.16 -8.93 11.37
CA ALA C 463 -12.71 -7.84 12.17
C ALA C 463 -13.84 -7.19 11.37
N HIS C 464 -15.07 -7.28 11.87
CA HIS C 464 -16.21 -6.83 11.10
C HIS C 464 -17.17 -6.02 11.95
N ILE C 465 -17.97 -5.20 11.27
CA ILE C 465 -18.99 -4.37 11.88
C ILE C 465 -20.31 -4.69 11.20
N TYR C 466 -21.31 -5.11 11.99
CA TYR C 466 -22.61 -5.39 11.43
C TYR C 466 -23.30 -4.10 11.02
N GLU C 467 -24.04 -4.14 9.91
CA GLU C 467 -24.58 -2.92 9.33
C GLU C 467 -25.67 -2.30 10.19
N ASN C 468 -26.26 -3.05 11.12
CA ASN C 468 -27.23 -2.49 12.04
C ASN C 468 -26.58 -1.77 13.22
N HIS C 469 -25.25 -1.71 13.27
CA HIS C 469 -24.52 -1.00 14.32
C HIS C 469 -23.91 0.31 13.86
N LEU C 470 -23.98 0.62 12.55
CA LEU C 470 -23.26 1.78 12.02
C LEU C 470 -23.69 3.08 12.69
N THR C 471 -24.99 3.26 12.91
CA THR C 471 -25.45 4.47 13.57
C THR C 471 -24.94 4.53 15.01
N GLN C 472 -24.87 3.37 15.67
CA GLN C 472 -24.45 3.35 17.07
C GLN C 472 -22.96 3.59 17.21
N LEU C 473 -22.15 2.80 16.50
CA LEU C 473 -20.69 2.87 16.66
C LEU C 473 -20.16 4.25 16.29
N LYS C 474 -20.72 4.86 15.25
CA LYS C 474 -20.35 6.23 14.91
C LYS C 474 -20.53 7.17 16.11
N GLU C 475 -21.67 7.04 16.80
CA GLU C 475 -21.88 7.79 18.03
C GLU C 475 -20.76 7.55 19.04
N GLN C 476 -20.36 6.29 19.21
CA GLN C 476 -19.29 5.98 20.15
C GLN C 476 -17.98 6.64 19.72
N LEU C 477 -17.79 6.87 18.42
CA LEU C 477 -16.58 7.53 17.94
C LEU C 477 -16.60 9.03 18.17
N SER C 478 -17.72 9.59 18.63
CA SER C 478 -17.82 11.01 18.91
C SER C 478 -17.58 11.33 20.39
N ARG C 479 -17.22 10.33 21.18
CA ARG C 479 -17.05 10.49 22.62
C ARG C 479 -15.56 10.38 22.96
N THR C 480 -15.00 11.45 23.51
CA THR C 480 -13.59 11.45 23.87
C THR C 480 -13.36 10.47 25.03
N PRO C 481 -12.41 9.56 24.91
CA PRO C 481 -12.24 8.52 25.94
C PRO C 481 -11.87 9.09 27.29
N ARG C 482 -12.35 8.45 28.34
CA ARG C 482 -12.02 8.74 29.72
C ARG C 482 -11.09 7.66 30.26
N PRO C 483 -10.33 7.95 31.32
CA PRO C 483 -9.33 6.98 31.80
C PRO C 483 -9.96 5.65 32.20
N PHE C 484 -9.18 4.58 32.01
CA PHE C 484 -9.64 3.25 32.38
C PHE C 484 -9.87 3.15 33.88
N PRO C 485 -10.78 2.28 34.32
CA PRO C 485 -10.93 2.05 35.76
C PRO C 485 -9.90 1.07 36.29
N GLN C 486 -10.05 0.66 37.55
CA GLN C 486 -9.25 -0.37 38.16
C GLN C 486 -10.13 -1.52 38.58
N LEU C 487 -9.58 -2.73 38.55
CA LEU C 487 -10.29 -3.92 38.97
C LEU C 487 -9.45 -4.65 40.01
N LYS C 488 -10.02 -4.84 41.19
CA LYS C 488 -9.30 -5.49 42.29
C LYS C 488 -10.09 -6.69 42.79
N PHE C 489 -9.37 -7.66 43.33
CA PHE C 489 -9.96 -8.86 43.92
C PHE C 489 -9.97 -8.72 45.43
N LYS C 490 -11.10 -9.07 46.04
CA LYS C 490 -11.24 -8.88 47.48
C LYS C 490 -10.61 -9.99 48.31
N ARG C 491 -10.32 -11.14 47.69
CA ARG C 491 -9.73 -12.25 48.42
C ARG C 491 -8.94 -13.13 47.47
N LYS C 492 -7.90 -13.76 48.01
CA LYS C 492 -7.08 -14.71 47.25
C LYS C 492 -7.72 -16.10 47.37
N VAL C 493 -8.04 -16.70 46.23
CA VAL C 493 -8.70 -17.99 46.22
C VAL C 493 -7.68 -19.10 46.08
N GLU C 494 -8.04 -20.30 46.54
CA GLU C 494 -7.12 -21.42 46.47
C GLU C 494 -7.20 -22.12 45.11
N ASN C 495 -8.41 -22.21 44.53
CA ASN C 495 -8.60 -22.73 43.19
C ASN C 495 -9.31 -21.67 42.36
N ILE C 496 -8.96 -21.63 41.06
CA ILE C 496 -9.45 -20.58 40.18
C ILE C 496 -10.96 -20.61 39.99
N GLU C 497 -11.60 -21.75 40.28
CA GLU C 497 -13.04 -21.87 40.10
C GLU C 497 -13.83 -21.23 41.24
N ASP C 498 -13.19 -20.80 42.31
CA ASP C 498 -13.86 -20.31 43.50
C ASP C 498 -14.25 -18.83 43.41
N PHE C 499 -14.00 -18.17 42.28
CA PHE C 499 -14.34 -16.76 42.16
C PHE C 499 -15.85 -16.54 42.14
N LYS C 500 -16.29 -15.47 42.77
CA LYS C 500 -17.69 -15.07 42.79
C LYS C 500 -17.79 -13.61 42.40
N TRP C 501 -19.00 -13.20 41.98
CA TRP C 501 -19.18 -11.82 41.51
C TRP C 501 -18.96 -10.81 42.63
N GLU C 502 -19.28 -11.18 43.88
CA GLU C 502 -19.10 -10.28 45.00
C GLU C 502 -17.63 -10.03 45.33
N ASP C 503 -16.72 -10.81 44.77
CA ASP C 503 -15.29 -10.69 45.07
C ASP C 503 -14.60 -9.60 44.26
N ILE C 504 -15.28 -8.98 43.31
CA ILE C 504 -14.66 -8.02 42.39
C ILE C 504 -15.05 -6.61 42.80
N GLU C 505 -14.05 -5.72 42.88
CA GLU C 505 -14.27 -4.30 43.15
C GLU C 505 -13.81 -3.51 41.93
N LEU C 506 -14.74 -2.77 41.34
CA LEU C 506 -14.46 -1.93 40.18
C LEU C 506 -14.40 -0.47 40.62
N ILE C 507 -13.23 0.15 40.47
CA ILE C 507 -12.95 1.45 41.06
C ILE C 507 -12.76 2.46 39.93
N GLY C 508 -13.49 3.58 40.02
CA GLY C 508 -13.30 4.68 39.09
C GLY C 508 -13.74 4.43 37.66
N TYR C 509 -14.88 3.78 37.47
CA TYR C 509 -15.44 3.53 36.14
C TYR C 509 -16.57 4.53 35.92
N TYR C 510 -16.33 5.56 35.12
CA TYR C 510 -17.33 6.59 34.82
C TYR C 510 -17.51 6.70 33.31
N PRO C 511 -18.15 5.71 32.69
CA PRO C 511 -18.24 5.68 31.23
C PRO C 511 -19.37 6.56 30.71
N TYR C 512 -19.36 6.76 29.39
CA TYR C 512 -20.48 7.37 28.71
C TYR C 512 -21.67 6.42 28.73
N PRO C 513 -22.89 6.94 28.56
CA PRO C 513 -24.08 6.08 28.67
C PRO C 513 -24.04 4.90 27.69
N THR C 514 -24.70 3.82 28.07
CA THR C 514 -24.68 2.61 27.27
C THR C 514 -25.35 2.84 25.92
N ILE C 515 -24.93 2.08 24.92
CA ILE C 515 -25.39 2.21 23.55
C ILE C 515 -25.98 0.87 23.12
N LYS C 516 -27.30 0.82 22.98
CA LYS C 516 -27.97 -0.43 22.66
C LYS C 516 -27.64 -0.89 21.24
N MET C 517 -27.29 -2.17 21.11
CA MET C 517 -26.97 -2.77 19.82
C MET C 517 -27.48 -4.20 19.79
N ASP C 518 -28.14 -4.57 18.70
CA ASP C 518 -28.78 -5.87 18.57
C ASP C 518 -27.80 -6.94 18.11
N MET C 519 -27.85 -8.10 18.76
CA MET C 519 -27.00 -9.23 18.38
C MET C 519 -27.58 -9.91 17.15
N ALA C 520 -26.70 -10.24 16.20
CA ALA C 520 -27.09 -10.98 15.00
C ALA C 520 -27.00 -12.47 15.29
N VAL C 521 -28.16 -13.12 15.39
CA VAL C 521 -28.23 -14.53 15.71
C VAL C 521 -27.91 -15.39 14.49
N GLU D 3 17.06 29.90 -7.08
CA GLU D 3 17.43 28.68 -6.38
C GLU D 3 16.21 27.79 -6.15
N LYS D 4 16.00 26.85 -7.07
CA LYS D 4 14.88 25.90 -7.01
C LYS D 4 15.43 24.48 -6.96
N ASN D 5 14.52 23.50 -6.94
CA ASN D 5 14.87 22.12 -6.65
C ASN D 5 15.31 21.37 -7.90
N VAL D 6 16.27 20.46 -7.71
CA VAL D 6 16.83 19.65 -8.78
C VAL D 6 16.81 18.19 -8.34
N SER D 7 16.26 17.33 -9.18
CA SER D 7 16.09 15.91 -8.87
C SER D 7 16.51 15.06 -10.05
N ILE D 8 17.35 14.06 -9.78
CA ILE D 8 17.73 13.07 -10.79
C ILE D 8 16.69 11.96 -10.79
N VAL D 9 16.03 11.77 -11.92
CA VAL D 9 15.07 10.67 -12.10
C VAL D 9 15.74 9.60 -12.93
N VAL D 10 15.84 8.38 -12.38
CA VAL D 10 16.57 7.31 -13.05
C VAL D 10 15.92 5.98 -12.72
N ALA D 11 16.01 5.03 -13.66
CA ALA D 11 15.62 3.64 -13.45
C ALA D 11 16.82 2.77 -13.78
N ALA D 12 17.38 2.11 -12.77
CA ALA D 12 18.60 1.33 -12.93
C ALA D 12 18.41 -0.08 -12.37
N SER D 13 19.31 -0.98 -12.76
CA SER D 13 19.27 -2.34 -12.26
C SER D 13 19.71 -2.38 -10.80
N VAL D 14 19.35 -3.49 -10.13
CA VAL D 14 19.52 -3.56 -8.68
C VAL D 14 20.98 -3.67 -8.30
N LEU D 15 21.78 -4.42 -9.08
CA LEU D 15 23.16 -4.67 -8.69
C LEU D 15 24.15 -3.82 -9.47
N SER D 16 24.27 -4.07 -10.78
CA SER D 16 25.24 -3.37 -11.60
C SER D 16 24.82 -1.94 -11.95
N SER D 17 23.59 -1.56 -11.65
CA SER D 17 23.09 -0.21 -11.89
C SER D 17 23.07 0.13 -13.38
N GLY D 18 22.77 -0.86 -14.23
CA GLY D 18 22.65 -0.61 -15.64
C GLY D 18 21.34 0.07 -16.00
N ILE D 19 21.39 0.92 -17.03
CA ILE D 19 20.23 1.73 -17.41
C ILE D 19 19.87 1.62 -18.87
N GLY D 20 20.74 1.10 -19.75
CA GLY D 20 20.43 1.06 -21.16
C GLY D 20 21.27 0.01 -21.86
N ILE D 21 20.86 -0.27 -23.11
CA ILE D 21 21.57 -1.22 -23.96
C ILE D 21 21.24 -0.92 -25.42
N ASN D 22 22.28 -0.64 -26.21
CA ASN D 22 22.13 -0.37 -27.65
C ASN D 22 21.13 0.75 -27.89
N GLY D 23 21.19 1.79 -27.04
CA GLY D 23 20.37 2.96 -27.24
C GLY D 23 18.92 2.83 -26.86
N GLN D 24 18.55 1.77 -26.13
CA GLN D 24 17.18 1.60 -25.66
C GLN D 24 17.21 1.05 -24.25
N LEU D 25 16.03 0.96 -23.64
CA LEU D 25 15.90 0.47 -22.28
C LEU D 25 16.01 -1.06 -22.26
N PRO D 26 16.66 -1.63 -21.25
CA PRO D 26 16.75 -3.10 -21.17
C PRO D 26 15.50 -3.75 -20.59
N TRP D 27 14.40 -3.01 -20.54
CA TRP D 27 13.15 -3.53 -20.01
C TRP D 27 12.00 -2.66 -20.50
N SER D 28 10.79 -3.22 -20.43
CA SER D 28 9.56 -2.53 -20.82
C SER D 28 8.61 -2.58 -19.62
N ILE D 29 8.66 -1.54 -18.79
CA ILE D 29 7.83 -1.45 -17.60
C ILE D 29 6.98 -0.19 -17.76
N SER D 30 5.71 -0.37 -18.12
CA SER D 30 4.83 0.77 -18.38
C SER D 30 4.60 1.59 -17.11
N GLU D 31 4.52 0.92 -15.96
CA GLU D 31 4.31 1.64 -14.71
C GLU D 31 5.48 2.56 -14.41
N ASP D 32 6.69 2.18 -14.84
CA ASP D 32 7.85 3.05 -14.61
C ASP D 32 7.77 4.31 -15.46
N LEU D 33 7.33 4.18 -16.72
CA LEU D 33 7.11 5.37 -17.53
C LEU D 33 6.02 6.24 -16.95
N LYS D 34 4.96 5.63 -16.42
CA LYS D 34 3.91 6.41 -15.77
C LYS D 34 4.45 7.14 -14.54
N PHE D 35 5.32 6.48 -13.77
CA PHE D 35 5.93 7.14 -12.62
C PHE D 35 6.81 8.31 -13.05
N PHE D 36 7.62 8.10 -14.09
CA PHE D 36 8.44 9.19 -14.63
C PHE D 36 7.57 10.37 -15.04
N SER D 37 6.50 10.09 -15.79
CA SER D 37 5.62 11.15 -16.27
C SER D 37 4.96 11.88 -15.11
N LYS D 38 4.54 11.14 -14.09
CA LYS D 38 3.82 11.77 -12.98
C LYS D 38 4.76 12.57 -12.08
N ILE D 39 6.00 12.12 -11.91
CA ILE D 39 6.91 12.83 -11.03
C ILE D 39 7.52 14.03 -11.74
N THR D 40 7.66 13.96 -13.08
CA THR D 40 8.21 15.09 -13.83
C THR D 40 7.16 16.16 -14.14
N ASN D 41 5.87 15.82 -14.06
CA ASN D 41 4.80 16.81 -14.18
C ASN D 41 4.33 17.35 -12.84
N ASN D 42 4.91 16.89 -11.74
CA ASN D 42 4.54 17.39 -10.42
C ASN D 42 4.95 18.84 -10.28
N LYS D 43 3.99 19.72 -10.02
CA LYS D 43 4.27 21.15 -9.94
C LYS D 43 3.25 21.81 -9.03
N CYS D 44 3.70 22.83 -8.29
CA CYS D 44 2.85 23.57 -7.38
C CYS D 44 2.22 24.80 -8.02
N ASP D 45 2.77 25.28 -9.13
CA ASP D 45 2.27 26.45 -9.83
C ASP D 45 1.77 26.03 -11.22
N SER D 46 0.54 26.42 -11.55
CA SER D 46 -0.02 26.08 -12.85
C SER D 46 0.55 26.94 -13.97
N ASN D 47 1.09 28.11 -13.66
CA ASN D 47 1.69 28.98 -14.66
C ASN D 47 3.17 28.72 -14.87
N LYS D 48 3.67 27.56 -14.42
CA LYS D 48 5.07 27.20 -14.58
C LYS D 48 5.16 25.77 -15.08
N LYS D 49 6.20 25.51 -15.88
CA LYS D 49 6.48 24.18 -16.39
C LYS D 49 7.78 23.66 -15.76
N ASN D 50 7.97 22.35 -15.85
CA ASN D 50 9.17 21.71 -15.32
C ASN D 50 10.14 21.40 -16.45
N ALA D 51 11.43 21.56 -16.16
CA ALA D 51 12.50 21.35 -17.12
C ALA D 51 13.09 19.95 -16.94
N LEU D 52 13.23 19.22 -18.05
CA LEU D 52 13.81 17.89 -18.07
C LEU D 52 15.10 17.95 -18.88
N ILE D 53 16.25 17.86 -18.20
CA ILE D 53 17.55 17.90 -18.85
C ILE D 53 17.93 16.48 -19.27
N MET D 54 18.39 16.32 -20.50
CA MET D 54 18.77 15.01 -21.00
C MET D 54 19.86 15.13 -22.06
N GLY D 55 20.62 14.05 -22.22
CA GLY D 55 21.64 13.99 -23.24
C GLY D 55 21.05 13.78 -24.64
N ARG D 56 21.94 13.84 -25.63
CA ARG D 56 21.48 13.73 -27.02
C ARG D 56 20.96 12.35 -27.34
N LYS D 57 21.62 11.30 -26.84
CA LYS D 57 21.18 9.95 -27.13
C LYS D 57 19.85 9.65 -26.44
N THR D 58 19.64 10.20 -25.24
CA THR D 58 18.34 10.10 -24.60
C THR D 58 17.28 10.85 -25.40
N TRP D 59 17.64 12.03 -25.92
CA TRP D 59 16.73 12.79 -26.77
C TRP D 59 16.35 12.00 -28.02
N ASP D 60 17.28 11.22 -28.56
CA ASP D 60 16.95 10.33 -29.67
C ASP D 60 16.09 9.17 -29.20
N SER D 61 16.29 8.71 -27.97
CA SER D 61 15.55 7.56 -27.47
C SER D 61 14.06 7.86 -27.31
N ILE D 62 13.71 9.12 -27.10
CA ILE D 62 12.31 9.52 -26.96
C ILE D 62 11.72 9.99 -28.28
N GLY D 63 12.39 9.72 -29.40
CA GLY D 63 11.87 10.07 -30.71
C GLY D 63 12.03 11.51 -31.11
N ARG D 64 12.85 12.28 -30.39
CA ARG D 64 13.09 13.70 -30.68
C ARG D 64 11.79 14.48 -30.76
N ARG D 65 10.86 14.17 -29.87
CA ARG D 65 9.60 14.89 -29.77
C ARG D 65 9.41 15.39 -28.35
N PRO D 66 8.79 16.55 -28.18
CA PRO D 66 8.64 17.12 -26.84
C PRO D 66 7.66 16.31 -25.99
N LEU D 67 7.82 16.45 -24.68
CA LEU D 67 6.92 15.83 -23.72
C LEU D 67 5.90 16.87 -23.23
N LYS D 68 4.66 16.43 -23.09
CA LYS D 68 3.57 17.36 -22.82
C LYS D 68 3.78 18.06 -21.47
N ASN D 69 3.49 19.36 -21.45
CA ASN D 69 3.51 20.19 -20.24
C ASN D 69 4.89 20.26 -19.60
N ARG D 70 5.94 19.98 -20.37
CA ARG D 70 7.30 19.99 -19.85
C ARG D 70 8.24 20.57 -20.91
N ILE D 71 9.32 21.20 -20.44
CA ILE D 71 10.31 21.81 -21.32
C ILE D 71 11.55 20.92 -21.33
N ILE D 72 11.89 20.38 -22.49
CA ILE D 72 13.02 19.48 -22.62
C ILE D 72 14.26 20.29 -22.96
N VAL D 73 15.34 20.06 -22.20
CA VAL D 73 16.62 20.73 -22.39
C VAL D 73 17.62 19.66 -22.80
N VAL D 74 18.07 19.72 -24.04
CA VAL D 74 19.01 18.73 -24.59
C VAL D 74 20.42 19.29 -24.46
N ILE D 75 21.28 18.53 -23.79
CA ILE D 75 22.69 18.85 -23.68
C ILE D 75 23.40 18.21 -24.86
N SER D 76 23.92 19.03 -25.77
CA SER D 76 24.60 18.52 -26.95
C SER D 76 25.50 19.61 -27.52
N SER D 77 26.67 19.22 -27.97
CA SER D 77 27.60 20.15 -28.60
C SER D 77 27.46 20.18 -30.12
N SER D 78 26.54 19.43 -30.69
CA SER D 78 26.35 19.39 -32.13
C SER D 78 24.94 19.75 -32.60
N LEU D 79 23.93 19.51 -31.79
CA LEU D 79 22.56 19.80 -32.21
C LEU D 79 22.36 21.30 -32.37
N PRO D 80 21.78 21.76 -33.47
CA PRO D 80 21.56 23.20 -33.65
C PRO D 80 20.53 23.73 -32.65
N GLN D 81 20.86 24.84 -32.01
CA GLN D 81 19.99 25.47 -31.02
C GLN D 81 18.74 25.99 -31.72
N ASP D 82 17.79 25.08 -31.94
CA ASP D 82 16.58 25.40 -32.68
C ASP D 82 15.63 26.20 -31.80
N GLU D 83 15.07 27.27 -32.37
CA GLU D 83 14.08 28.10 -31.69
C GLU D 83 12.67 27.87 -32.23
N ALA D 84 12.52 26.99 -33.22
CA ALA D 84 11.20 26.70 -33.76
C ALA D 84 10.31 26.03 -32.71
N ASP D 85 10.81 24.97 -32.09
CA ASP D 85 10.07 24.28 -31.04
C ASP D 85 10.25 25.04 -29.74
N PRO D 86 9.19 25.62 -29.18
CA PRO D 86 9.35 26.35 -27.91
C PRO D 86 9.43 25.45 -26.69
N ASN D 87 9.08 24.17 -26.81
CA ASN D 87 9.14 23.24 -25.69
C ASN D 87 10.47 22.50 -25.60
N VAL D 88 11.40 22.75 -26.52
CA VAL D 88 12.69 22.09 -26.52
C VAL D 88 13.78 23.13 -26.77
N VAL D 89 14.82 23.11 -25.95
CA VAL D 89 15.94 24.03 -26.09
C VAL D 89 17.23 23.24 -25.92
N VAL D 90 18.27 23.66 -26.65
CA VAL D 90 19.54 22.96 -26.69
C VAL D 90 20.61 23.83 -26.02
N PHE D 91 21.44 23.20 -25.19
CA PHE D 91 22.55 23.87 -24.53
C PHE D 91 23.85 23.13 -24.82
N ARG D 92 24.96 23.89 -24.87
CA ARG D 92 26.23 23.32 -25.28
C ARG D 92 26.91 22.54 -24.17
N ASN D 93 26.71 22.93 -22.91
CA ASN D 93 27.30 22.21 -21.78
C ASN D 93 26.28 22.17 -20.65
N LEU D 94 26.59 21.36 -19.64
CA LEU D 94 25.65 21.17 -18.53
C LEU D 94 25.62 22.39 -17.60
N GLU D 95 26.77 23.04 -17.41
CA GLU D 95 26.82 24.17 -16.49
C GLU D 95 25.99 25.34 -16.99
N ASP D 96 26.05 25.63 -18.29
CA ASP D 96 25.26 26.72 -18.86
C ASP D 96 23.77 26.43 -18.77
N SER D 97 23.37 25.16 -18.86
CA SER D 97 21.96 24.81 -18.75
C SER D 97 21.39 25.09 -17.37
N ILE D 98 22.23 25.16 -16.35
CA ILE D 98 21.77 25.49 -15.00
C ILE D 98 21.68 27.02 -14.91
N GLU D 99 20.85 27.61 -15.76
CA GLU D 99 20.52 29.02 -15.68
C GLU D 99 19.07 29.27 -15.27
N ASN D 100 18.24 28.22 -15.23
CA ASN D 100 16.88 28.36 -14.75
C ASN D 100 16.84 28.74 -13.27
N LEU D 101 17.93 28.49 -12.53
CA LEU D 101 18.01 28.96 -11.16
C LEU D 101 18.09 30.48 -11.11
N MET D 102 18.95 31.07 -11.94
CA MET D 102 19.14 32.52 -11.95
C MET D 102 17.94 33.22 -12.57
N ASN D 103 17.81 33.14 -13.89
CA ASN D 103 16.69 33.74 -14.59
C ASN D 103 15.67 32.65 -14.91
N ASP D 104 14.74 32.97 -15.81
CA ASP D 104 13.67 32.06 -16.22
C ASP D 104 12.90 31.54 -15.00
N ASP D 105 12.11 32.46 -14.43
CA ASP D 105 11.31 32.13 -13.27
C ASP D 105 10.08 31.31 -13.62
N SER D 106 9.81 31.10 -14.90
CA SER D 106 8.70 30.25 -15.33
C SER D 106 9.00 28.77 -15.15
N ILE D 107 10.20 28.42 -14.72
CA ILE D 107 10.57 27.04 -14.42
C ILE D 107 10.55 26.87 -12.91
N GLU D 108 9.84 25.84 -12.43
CA GLU D 108 9.69 25.59 -11.00
C GLU D 108 10.71 24.57 -10.50
N ASN D 109 10.72 23.37 -11.09
CA ASN D 109 11.63 22.32 -10.69
C ASN D 109 12.43 21.85 -11.90
N ILE D 110 13.61 21.28 -11.64
CA ILE D 110 14.49 20.79 -12.68
C ILE D 110 14.72 19.30 -12.45
N PHE D 111 14.61 18.51 -13.51
CA PHE D 111 14.78 17.07 -13.44
C PHE D 111 15.91 16.66 -14.37
N VAL D 112 16.96 16.06 -13.81
CA VAL D 112 18.04 15.46 -14.58
C VAL D 112 17.62 14.03 -14.89
N CYS D 113 17.42 13.74 -16.18
CA CYS D 113 16.99 12.41 -16.58
C CYS D 113 17.75 11.92 -17.81
N GLY D 114 18.95 12.44 -18.04
CA GLY D 114 19.74 12.10 -19.22
C GLY D 114 20.41 10.76 -19.09
N GLY D 115 21.53 10.60 -19.81
CA GLY D 115 22.28 9.36 -19.81
C GLY D 115 23.34 9.32 -18.73
N GLU D 116 24.21 8.32 -18.84
CA GLU D 116 25.34 8.19 -17.92
C GLU D 116 26.22 9.43 -17.96
N SER D 117 26.52 9.93 -19.16
CA SER D 117 27.37 11.10 -19.30
C SER D 117 26.74 12.36 -18.70
N ILE D 118 25.42 12.38 -18.52
CA ILE D 118 24.75 13.51 -17.89
C ILE D 118 24.66 13.34 -16.38
N TYR D 119 24.27 12.14 -15.94
CA TYR D 119 24.20 11.87 -14.50
C TYR D 119 25.57 12.04 -13.86
N ARG D 120 26.63 11.56 -14.51
CA ARG D 120 27.95 11.54 -13.90
C ARG D 120 28.45 12.94 -13.58
N ASP D 121 28.37 13.86 -14.54
CA ASP D 121 28.82 15.22 -14.29
C ASP D 121 27.71 16.13 -13.81
N ALA D 122 26.51 15.61 -13.57
CA ALA D 122 25.52 16.33 -12.76
C ALA D 122 25.71 16.06 -11.28
N LEU D 123 26.16 14.85 -10.93
CA LEU D 123 26.53 14.56 -9.55
C LEU D 123 27.93 15.08 -9.23
N LYS D 124 28.84 15.01 -10.21
CA LYS D 124 30.20 15.50 -9.99
C LYS D 124 30.22 17.00 -9.73
N ASP D 125 29.47 17.76 -10.53
CA ASP D 125 29.35 19.20 -10.32
C ASP D 125 28.45 19.55 -9.15
N ASN D 126 27.85 18.55 -8.49
CA ASN D 126 27.05 18.75 -7.28
C ASN D 126 25.89 19.71 -7.54
N PHE D 127 25.10 19.41 -8.57
CA PHE D 127 23.89 20.16 -8.88
C PHE D 127 22.62 19.48 -8.38
N VAL D 128 22.73 18.28 -7.84
CA VAL D 128 21.58 17.41 -7.58
C VAL D 128 21.17 17.52 -6.12
N ASP D 129 19.88 17.77 -5.89
CA ASP D 129 19.30 17.81 -4.55
C ASP D 129 18.60 16.52 -4.16
N ARG D 130 17.87 15.89 -5.08
CA ARG D 130 17.12 14.68 -4.76
C ARG D 130 17.37 13.63 -5.84
N ILE D 131 17.05 12.38 -5.51
CA ILE D 131 17.21 11.25 -6.43
C ILE D 131 15.99 10.35 -6.35
N TYR D 132 15.24 10.25 -7.45
CA TYR D 132 14.14 9.28 -7.58
C TYR D 132 14.67 8.10 -8.39
N LEU D 133 15.01 7.01 -7.69
CA LEU D 133 15.61 5.83 -8.30
C LEU D 133 14.59 4.70 -8.35
N THR D 134 14.49 4.06 -9.51
CA THR D 134 13.65 2.88 -9.70
C THR D 134 14.57 1.68 -9.88
N ARG D 135 14.67 0.84 -8.85
CA ARG D 135 15.51 -0.35 -8.91
C ARG D 135 14.77 -1.50 -9.59
N VAL D 136 15.42 -2.11 -10.58
CA VAL D 136 14.83 -3.21 -11.34
C VAL D 136 15.64 -4.48 -11.08
N ALA D 137 14.94 -5.59 -10.92
CA ALA D 137 15.56 -6.87 -10.56
C ALA D 137 15.93 -7.70 -11.78
N LEU D 138 16.71 -7.09 -12.69
CA LEU D 138 17.25 -7.79 -13.85
C LEU D 138 18.76 -7.65 -13.85
N GLU D 139 19.46 -8.77 -13.94
CA GLU D 139 20.92 -8.75 -13.89
C GLU D 139 21.61 -9.73 -14.83
N ASP D 140 20.92 -10.74 -15.35
CA ASP D 140 21.54 -11.71 -16.25
C ASP D 140 21.47 -11.27 -17.71
N ILE D 141 21.36 -9.96 -17.97
CA ILE D 141 21.30 -9.44 -19.32
C ILE D 141 22.52 -8.59 -19.60
N GLU D 142 22.61 -8.03 -20.81
CA GLU D 142 23.76 -7.25 -21.24
C GLU D 142 23.44 -5.77 -21.14
N PHE D 143 24.40 -5.01 -20.61
CA PHE D 143 24.31 -3.56 -20.53
C PHE D 143 25.49 -2.92 -21.25
N ASP D 144 25.31 -1.66 -21.63
CA ASP D 144 26.41 -0.83 -22.13
C ASP D 144 26.39 0.58 -21.55
N THR D 145 25.37 0.95 -20.79
CA THR D 145 25.27 2.26 -20.15
C THR D 145 24.83 2.05 -18.71
N TYR D 146 25.60 2.56 -17.76
CA TYR D 146 25.36 2.33 -16.35
C TYR D 146 25.13 3.66 -15.63
N PHE D 147 24.45 3.59 -14.47
CA PHE D 147 24.23 4.74 -13.60
C PHE D 147 25.36 4.84 -12.58
N PRO D 148 25.99 5.99 -12.43
CA PRO D 148 27.15 6.10 -11.52
C PRO D 148 26.75 5.81 -10.09
N GLU D 149 27.73 5.32 -9.32
CA GLU D 149 27.49 5.01 -7.92
C GLU D 149 27.05 6.27 -7.16
N ILE D 150 25.97 6.14 -6.40
CA ILE D 150 25.42 7.29 -5.68
C ILE D 150 26.43 7.76 -4.64
N PRO D 151 26.82 9.03 -4.62
CA PRO D 151 27.84 9.48 -3.68
C PRO D 151 27.37 9.39 -2.24
N GLU D 152 28.35 9.38 -1.33
CA GLU D 152 28.07 9.24 0.09
C GLU D 152 27.33 10.44 0.67
N THR D 153 27.28 11.56 -0.04
CA THR D 153 26.55 12.73 0.45
C THR D 153 25.04 12.51 0.49
N PHE D 154 24.54 11.53 -0.26
CA PHE D 154 23.12 11.19 -0.28
C PHE D 154 22.81 10.05 0.68
N LEU D 155 21.60 10.09 1.24
CA LEU D 155 21.06 9.05 2.10
C LEU D 155 19.64 8.73 1.68
N PRO D 156 19.25 7.46 1.70
CA PRO D 156 17.88 7.10 1.32
C PRO D 156 16.88 7.49 2.41
N VAL D 157 15.78 8.08 1.97
CA VAL D 157 14.71 8.50 2.88
C VAL D 157 13.40 7.76 2.63
N TYR D 158 13.31 6.96 1.56
CA TYR D 158 12.08 6.25 1.25
C TYR D 158 12.42 5.04 0.39
N MET D 159 11.73 3.92 0.66
CA MET D 159 11.85 2.70 -0.15
C MET D 159 10.48 2.06 -0.21
N SER D 160 9.88 2.05 -1.40
CA SER D 160 8.53 1.55 -1.59
C SER D 160 8.50 0.03 -1.49
N GLN D 161 7.29 -0.52 -1.54
CA GLN D 161 7.12 -1.95 -1.61
C GLN D 161 7.52 -2.46 -3.00
N THR D 162 7.68 -3.77 -3.10
CA THR D 162 8.06 -4.39 -4.36
C THR D 162 6.82 -4.56 -5.25
N PHE D 163 6.95 -4.15 -6.51
CA PHE D 163 5.88 -4.30 -7.50
C PHE D 163 6.34 -5.26 -8.60
N CYS D 164 5.36 -5.81 -9.31
CA CYS D 164 5.59 -6.80 -10.36
C CYS D 164 4.98 -6.33 -11.67
N THR D 165 5.73 -6.52 -12.75
CA THR D 165 5.24 -6.28 -14.11
C THR D 165 5.95 -7.21 -15.06
N LYS D 166 5.19 -8.03 -15.76
CA LYS D 166 5.74 -9.05 -16.67
C LYS D 166 6.76 -9.91 -15.94
N ASN D 167 6.40 -10.34 -14.73
CA ASN D 167 7.23 -11.18 -13.86
C ASN D 167 8.53 -10.51 -13.48
N ILE D 168 8.62 -9.19 -13.58
CA ILE D 168 9.80 -8.44 -13.20
C ILE D 168 9.48 -7.65 -11.94
N SER D 169 10.33 -7.80 -10.93
CA SER D 169 10.16 -7.10 -9.66
C SER D 169 10.92 -5.78 -9.67
N TYR D 170 10.34 -4.76 -9.06
CA TYR D 170 10.99 -3.46 -9.01
C TYR D 170 10.52 -2.66 -7.82
N ASP D 171 11.38 -1.73 -7.37
CA ASP D 171 11.17 -0.88 -6.22
C ASP D 171 11.21 0.59 -6.63
N PHE D 172 10.87 1.46 -5.68
CA PHE D 172 11.01 2.90 -5.84
C PHE D 172 11.65 3.47 -4.58
N MET D 173 12.69 4.28 -4.76
CA MET D 173 13.44 4.85 -3.64
C MET D 173 13.70 6.32 -3.88
N ILE D 174 13.80 7.08 -2.80
CA ILE D 174 14.16 8.49 -2.81
C ILE D 174 15.42 8.67 -2.00
N PHE D 175 16.37 9.43 -2.54
CA PHE D 175 17.61 9.78 -1.87
C PHE D 175 17.67 11.30 -1.71
N GLU D 176 18.08 11.75 -0.52
CA GLU D 176 18.21 13.16 -0.21
C GLU D 176 19.64 13.47 0.17
N LYS D 177 20.12 14.64 -0.23
CA LYS D 177 21.47 15.05 0.13
C LYS D 177 21.40 15.58 1.55
N GLN D 178 21.83 14.78 2.51
CA GLN D 178 21.67 15.10 3.92
C GLN D 178 22.71 16.12 4.38
N GLU D 179 22.24 17.10 5.16
CA GLU D 179 23.10 18.14 5.70
C GLU D 179 23.21 18.02 7.22
N LEU D 193 6.27 18.98 16.57
CA LEU D 193 5.94 19.60 17.85
C LEU D 193 6.65 18.89 19.00
N LYS D 194 7.63 19.58 19.59
CA LYS D 194 8.49 18.98 20.61
C LYS D 194 7.79 18.85 21.96
N SER D 195 6.70 19.57 22.20
CA SER D 195 6.07 19.55 23.52
C SER D 195 5.55 18.15 23.87
N ILE D 196 4.95 17.47 22.90
CA ILE D 196 4.44 16.12 23.14
C ILE D 196 5.59 15.18 23.48
N ASP D 197 6.69 15.27 22.73
CA ASP D 197 7.85 14.41 22.98
C ASP D 197 8.42 14.66 24.38
N ASP D 198 8.53 15.94 24.77
CA ASP D 198 9.08 16.25 26.08
C ASP D 198 8.16 15.75 27.20
N THR D 199 6.85 15.90 27.02
CA THR D 199 5.92 15.42 28.05
C THR D 199 5.98 13.90 28.19
N VAL D 200 6.07 13.18 27.07
CA VAL D 200 6.19 11.73 27.13
C VAL D 200 7.51 11.32 27.78
N ASP D 201 8.59 12.04 27.47
CA ASP D 201 9.88 11.73 28.10
C ASP D 201 9.82 11.95 29.60
N LEU D 202 9.16 13.01 30.05
CA LEU D 202 9.03 13.24 31.48
C LEU D 202 8.18 12.17 32.15
N LEU D 203 7.04 11.82 31.54
CA LEU D 203 6.21 10.76 32.09
C LEU D 203 6.94 9.43 32.13
N GLY D 204 7.84 9.19 31.18
CA GLY D 204 8.68 8.00 31.24
C GLY D 204 9.74 8.07 32.31
N GLU D 205 10.26 9.27 32.57
CA GLU D 205 11.20 9.45 33.68
C GLU D 205 10.54 9.17 35.02
N ILE D 206 9.26 9.55 35.16
CA ILE D 206 8.53 9.33 36.41
C ILE D 206 8.26 7.84 36.60
N PHE D 207 7.37 7.29 35.78
CA PHE D 207 7.04 5.87 35.86
C PHE D 207 8.10 5.06 35.14
N GLY D 208 8.79 4.20 35.86
CA GLY D 208 9.94 3.54 35.28
C GLY D 208 9.59 2.54 34.20
N ILE D 209 8.88 1.47 34.58
CA ILE D 209 8.40 0.50 33.60
C ILE D 209 6.90 0.40 33.81
N ARG D 210 6.35 1.38 34.53
CA ARG D 210 4.91 1.43 34.70
C ARG D 210 4.23 2.00 33.47
N LYS D 211 4.88 2.94 32.78
CA LYS D 211 4.41 3.39 31.48
C LYS D 211 4.72 2.33 30.44
N MET D 212 3.68 1.81 29.78
CA MET D 212 3.85 0.71 28.85
C MET D 212 4.81 1.06 27.72
N GLY D 213 4.93 2.35 27.39
CA GLY D 213 5.85 2.77 26.35
C GLY D 213 7.29 2.38 26.62
N ASN D 214 7.70 2.37 27.89
CA ASN D 214 9.08 2.02 28.23
C ASN D 214 9.38 0.55 27.96
N ARG D 215 8.37 -0.31 28.02
CA ARG D 215 8.57 -1.72 27.69
C ARG D 215 8.72 -1.96 26.20
N HIS D 216 8.29 -1.02 25.37
CA HIS D 216 8.46 -1.11 23.93
C HIS D 216 9.21 0.10 23.40
N LYS D 217 10.45 0.28 23.85
CA LYS D 217 11.25 1.43 23.44
C LYS D 217 11.58 1.38 21.96
N PHE D 218 11.67 2.55 21.35
CA PHE D 218 12.09 2.63 19.96
C PHE D 218 13.55 2.18 19.85
N PRO D 219 13.88 1.36 18.86
CA PRO D 219 15.26 0.86 18.75
C PRO D 219 16.24 1.99 18.49
N LYS D 220 17.42 1.86 19.09
CA LYS D 220 18.48 2.83 18.87
C LYS D 220 18.95 2.78 17.41
N GLU D 221 19.51 3.89 16.94
CA GLU D 221 19.94 3.97 15.55
C GLU D 221 21.00 2.94 15.22
N GLU D 222 21.78 2.50 16.21
CA GLU D 222 22.85 1.56 15.99
C GLU D 222 22.37 0.14 15.69
N ILE D 223 21.07 -0.13 15.84
CA ILE D 223 20.54 -1.46 15.56
C ILE D 223 19.31 -1.33 14.66
N TYR D 224 19.17 -0.20 13.99
CA TYR D 224 18.04 0.08 13.10
C TYR D 224 18.53 -0.01 11.66
N ASN D 225 17.97 -0.96 10.91
CA ASN D 225 18.43 -1.20 9.54
C ASN D 225 18.11 0.00 8.66
N THR D 226 19.15 0.55 8.00
CA THR D 226 19.07 1.74 7.17
C THR D 226 18.35 2.85 7.94
N PRO D 227 18.99 3.42 8.95
CA PRO D 227 18.29 4.36 9.85
C PRO D 227 17.82 5.62 9.16
N SER D 228 18.40 5.96 8.01
CA SER D 228 18.02 7.19 7.32
C SER D 228 16.58 7.14 6.81
N ILE D 229 16.07 5.95 6.50
CA ILE D 229 14.68 5.81 6.08
C ILE D 229 13.79 5.76 7.30
N ARG D 230 13.26 6.92 7.72
CA ARG D 230 12.45 6.99 8.93
C ARG D 230 10.96 6.83 8.60
N PHE D 231 10.42 7.69 7.75
CA PHE D 231 8.99 7.70 7.47
C PHE D 231 8.64 6.96 6.20
N GLY D 232 9.61 6.34 5.53
CA GLY D 232 9.35 5.66 4.29
C GLY D 232 9.71 4.19 4.31
N ARG D 233 9.41 3.51 5.40
CA ARG D 233 9.71 2.08 5.52
C ARG D 233 8.57 1.23 4.96
N GLU D 234 8.25 1.50 3.70
CA GLU D 234 7.13 0.81 3.07
C GLU D 234 7.49 -0.61 2.66
N HIS D 235 8.73 -0.84 2.24
CA HIS D 235 9.14 -2.18 1.82
C HIS D 235 8.93 -3.17 2.96
N TYR D 236 8.21 -4.25 2.67
CA TYR D 236 7.73 -5.14 3.72
C TYR D 236 8.77 -6.09 4.25
N GLU D 237 10.01 -6.05 3.74
CA GLU D 237 11.08 -6.74 4.45
C GLU D 237 11.44 -6.01 5.74
N PHE D 238 11.09 -4.72 5.84
CA PHE D 238 11.26 -3.99 7.09
C PHE D 238 10.36 -4.54 8.19
N GLN D 239 9.26 -5.21 7.84
CA GLN D 239 8.42 -5.83 8.86
C GLN D 239 9.19 -6.89 9.65
N TYR D 240 10.26 -7.44 9.08
CA TYR D 240 11.12 -8.40 9.74
C TYR D 240 12.35 -7.75 10.38
N LEU D 241 13.00 -6.82 9.67
CA LEU D 241 14.21 -6.20 10.21
C LEU D 241 13.88 -5.30 11.41
N ASP D 242 12.76 -4.59 11.35
CA ASP D 242 12.35 -3.77 12.49
C ASP D 242 11.94 -4.62 13.68
N LEU D 243 11.35 -5.79 13.44
CA LEU D 243 11.10 -6.72 14.54
C LEU D 243 12.40 -7.24 15.15
N LEU D 244 13.38 -7.54 14.30
CA LEU D 244 14.71 -7.90 14.78
C LEU D 244 15.27 -6.80 15.68
N SER D 245 15.14 -5.55 15.23
CA SER D 245 15.65 -4.43 16.01
C SER D 245 14.90 -4.29 17.34
N ARG D 246 13.57 -4.45 17.31
CA ARG D 246 12.79 -4.35 18.54
C ARG D 246 13.16 -5.44 19.53
N VAL D 247 13.46 -6.65 19.04
CA VAL D 247 13.90 -7.71 19.93
C VAL D 247 15.27 -7.40 20.50
N LEU D 248 16.18 -6.88 19.68
CA LEU D 248 17.49 -6.49 20.19
C LEU D 248 17.38 -5.37 21.21
N GLU D 249 16.35 -4.54 21.10
CA GLU D 249 16.22 -3.40 21.99
C GLU D 249 15.58 -3.78 23.32
N ASN D 250 14.45 -4.49 23.27
CA ASN D 250 13.66 -4.78 24.46
C ASN D 250 13.71 -6.24 24.89
N GLY D 251 14.54 -7.06 24.25
CA GLY D 251 14.53 -8.49 24.50
C GLY D 251 15.05 -8.82 25.88
N ALA D 252 14.25 -9.50 26.69
CA ALA D 252 14.70 -9.95 28.00
C ALA D 252 15.52 -11.24 27.86
N TYR D 253 16.65 -11.29 28.56
CA TYR D 253 17.52 -12.46 28.52
C TYR D 253 16.90 -13.58 29.35
N ARG D 254 16.49 -14.65 28.69
CA ARG D 254 15.79 -15.76 29.32
C ARG D 254 16.39 -17.08 28.88
N GLU D 255 16.29 -18.08 29.75
CA GLU D 255 16.65 -19.44 29.41
C GLU D 255 15.46 -20.17 28.81
N ASN D 256 15.71 -21.35 28.26
CA ASN D 256 14.66 -22.11 27.59
C ASN D 256 15.01 -23.59 27.62
N ARG D 257 14.28 -24.38 26.83
CA ARG D 257 14.49 -25.82 26.79
C ARG D 257 15.90 -26.18 26.32
N THR D 258 16.52 -25.32 25.51
CA THR D 258 17.87 -25.55 25.02
C THR D 258 18.87 -24.83 25.92
N GLY D 259 20.12 -25.31 25.89
CA GLY D 259 21.18 -24.67 26.64
C GLY D 259 21.53 -23.28 26.17
N ILE D 260 21.12 -22.91 24.96
CA ILE D 260 21.39 -21.60 24.40
C ILE D 260 20.28 -20.66 24.84
N SER D 261 20.63 -19.69 25.68
CA SER D 261 19.64 -18.71 26.13
C SER D 261 19.30 -17.75 24.99
N THR D 262 18.18 -17.05 25.15
CA THR D 262 17.67 -16.15 24.13
C THR D 262 17.37 -14.79 24.71
N TYR D 263 17.11 -13.84 23.81
CA TYR D 263 16.49 -12.56 24.14
C TYR D 263 15.08 -12.58 23.56
N SER D 264 14.09 -12.45 24.42
CA SER D 264 12.70 -12.72 24.05
C SER D 264 11.81 -11.52 24.34
N ILE D 265 10.84 -11.29 23.45
CA ILE D 265 9.72 -10.38 23.69
C ILE D 265 8.44 -11.11 23.31
N PHE D 266 7.32 -10.50 23.69
CA PHE D 266 6.02 -11.16 23.56
C PHE D 266 5.03 -10.27 22.83
N GLY D 267 4.28 -10.87 21.90
CA GLY D 267 3.24 -10.17 21.18
C GLY D 267 3.74 -9.24 20.10
N GLN D 268 3.96 -9.78 18.89
CA GLN D 268 4.42 -9.00 17.76
C GLN D 268 3.68 -9.45 16.50
N MET D 269 3.82 -8.69 15.43
CA MET D 269 3.16 -9.03 14.17
C MET D 269 3.98 -8.52 13.00
N MET D 270 3.74 -9.13 11.84
CA MET D 270 4.39 -8.78 10.58
C MET D 270 3.38 -8.89 9.45
N ARG D 271 3.43 -7.96 8.51
CA ARG D 271 2.56 -7.99 7.33
C ARG D 271 3.41 -8.11 6.07
N PHE D 272 2.89 -8.83 5.09
CA PHE D 272 3.59 -9.05 3.84
C PHE D 272 2.61 -9.04 2.68
N ASP D 273 3.05 -8.45 1.57
CA ASP D 273 2.26 -8.45 0.35
C ASP D 273 2.66 -9.63 -0.53
N MET D 274 1.67 -10.28 -1.13
CA MET D 274 1.91 -11.38 -2.06
C MET D 274 1.26 -11.17 -3.42
N ARG D 275 0.56 -10.05 -3.63
CA ARG D 275 -0.03 -9.79 -4.94
C ARG D 275 1.03 -9.38 -5.95
N GLU D 276 1.99 -8.56 -5.53
CA GLU D 276 2.98 -7.99 -6.42
C GLU D 276 4.40 -8.47 -6.15
N SER D 277 4.60 -9.38 -5.19
CA SER D 277 5.93 -9.83 -4.84
C SER D 277 5.83 -11.18 -4.15
N PHE D 278 6.96 -11.61 -3.55
CA PHE D 278 7.02 -12.85 -2.78
C PHE D 278 7.91 -12.61 -1.57
N PRO D 279 7.38 -12.69 -0.35
CA PRO D 279 8.15 -12.33 0.84
C PRO D 279 9.29 -13.29 1.14
N LEU D 280 10.32 -13.29 0.30
CA LEU D 280 11.55 -14.02 0.56
C LEU D 280 12.65 -13.02 0.86
N LEU D 281 13.28 -13.16 2.03
CA LEU D 281 14.24 -12.15 2.48
C LEU D 281 15.40 -12.03 1.49
N THR D 282 15.83 -10.79 1.26
CA THR D 282 16.96 -10.52 0.38
C THR D 282 18.24 -10.18 1.15
N THR D 283 18.13 -9.82 2.43
CA THR D 283 19.32 -9.53 3.23
C THR D 283 20.10 -10.77 3.59
N LYS D 284 19.66 -11.95 3.15
CA LYS D 284 20.31 -13.21 3.43
C LYS D 284 19.77 -14.25 2.46
N LYS D 285 20.65 -15.02 1.83
CA LYS D 285 20.21 -16.06 0.91
C LYS D 285 19.51 -17.17 1.70
N VAL D 286 18.24 -17.41 1.37
CA VAL D 286 17.41 -18.37 2.09
C VAL D 286 17.28 -19.64 1.26
N ALA D 287 17.54 -20.79 1.87
CA ALA D 287 17.41 -22.07 1.20
C ALA D 287 15.95 -22.37 0.92
N ILE D 288 15.45 -21.91 -0.23
CA ILE D 288 14.03 -22.01 -0.52
C ILE D 288 13.61 -23.45 -0.80
N ARG D 289 14.52 -24.26 -1.38
CA ARG D 289 14.15 -25.63 -1.73
C ARG D 289 13.82 -26.45 -0.49
N SER D 290 14.61 -26.29 0.58
CA SER D 290 14.32 -27.02 1.81
C SER D 290 12.97 -26.60 2.38
N ILE D 291 12.65 -25.31 2.29
CA ILE D 291 11.36 -24.82 2.74
C ILE D 291 10.23 -25.49 1.97
N PHE D 292 10.35 -25.51 0.63
CA PHE D 292 9.32 -26.12 -0.18
C PHE D 292 9.17 -27.61 0.11
N GLU D 293 10.31 -28.31 0.30
CA GLU D 293 10.23 -29.75 0.57
C GLU D 293 9.57 -30.01 1.91
N GLU D 294 9.89 -29.21 2.93
CA GLU D 294 9.20 -29.32 4.22
C GLU D 294 7.71 -29.08 4.07
N LEU D 295 7.33 -28.07 3.28
CA LEU D 295 5.92 -27.74 3.13
C LEU D 295 5.16 -28.85 2.42
N ILE D 296 5.71 -29.36 1.32
CA ILE D 296 5.02 -30.43 0.59
C ILE D 296 5.04 -31.71 1.40
N TRP D 297 6.04 -31.88 2.28
CA TRP D 297 6.03 -32.99 3.21
C TRP D 297 4.87 -32.87 4.19
N PHE D 298 4.62 -31.65 4.68
CA PHE D 298 3.44 -31.42 5.52
C PHE D 298 2.16 -31.73 4.75
N ILE D 299 2.05 -31.20 3.53
CA ILE D 299 0.79 -31.32 2.78
C ILE D 299 0.45 -32.76 2.51
N LYS D 300 1.46 -33.57 2.15
CA LYS D 300 1.22 -34.99 1.87
C LYS D 300 0.78 -35.76 3.10
N GLY D 301 0.85 -35.18 4.29
CA GLY D 301 0.47 -35.88 5.50
C GLY D 301 1.53 -36.78 6.08
N ASP D 302 2.79 -36.58 5.70
CA ASP D 302 3.86 -37.48 6.06
C ASP D 302 4.49 -37.05 7.39
N THR D 303 4.96 -38.05 8.15
CA THR D 303 5.70 -37.81 9.38
C THR D 303 7.05 -38.52 9.39
N ASN D 304 7.49 -39.05 8.24
CA ASN D 304 8.76 -39.76 8.13
C ASN D 304 9.86 -38.75 7.78
N GLY D 305 10.75 -38.48 8.73
CA GLY D 305 11.86 -37.56 8.49
C GLY D 305 12.88 -38.07 7.50
N ASN D 306 12.97 -39.38 7.32
CA ASN D 306 13.90 -39.92 6.34
C ASN D 306 13.49 -39.56 4.92
N HIS D 307 12.20 -39.34 4.68
CA HIS D 307 11.77 -38.88 3.36
C HIS D 307 12.28 -37.48 3.06
N LEU D 308 12.40 -36.63 4.10
CA LEU D 308 13.00 -35.31 3.91
C LEU D 308 14.52 -35.43 3.77
N ILE D 309 15.14 -36.33 4.54
CA ILE D 309 16.59 -36.47 4.44
C ILE D 309 17.00 -37.03 3.08
N GLU D 310 16.16 -37.89 2.48
CA GLU D 310 16.48 -38.43 1.17
C GLU D 310 16.52 -37.35 0.10
N LYS D 311 15.72 -36.29 0.27
CA LYS D 311 15.73 -35.17 -0.64
C LYS D 311 16.75 -34.10 -0.25
N LYS D 312 17.76 -34.49 0.52
CA LYS D 312 18.83 -33.59 0.96
C LYS D 312 18.28 -32.40 1.75
N VAL D 313 17.35 -32.68 2.65
CA VAL D 313 16.79 -31.67 3.55
C VAL D 313 16.98 -32.18 4.98
N TYR D 314 17.79 -31.46 5.77
CA TYR D 314 18.21 -31.93 7.08
C TYR D 314 17.75 -30.99 8.20
N ILE D 315 16.63 -30.31 8.01
CA ILE D 315 16.15 -29.40 9.04
C ILE D 315 15.49 -30.14 10.20
N TRP D 316 14.98 -31.35 9.98
CA TRP D 316 14.38 -32.15 11.03
C TRP D 316 15.30 -33.27 11.50
N SER D 317 16.60 -33.14 11.27
CA SER D 317 17.55 -34.14 11.75
C SER D 317 17.92 -33.89 13.20
N GLY D 318 18.07 -32.62 13.59
CA GLY D 318 18.39 -32.31 14.97
C GLY D 318 17.32 -32.77 15.93
N ASN D 319 16.05 -32.57 15.59
CA ASN D 319 14.93 -33.03 16.39
C ASN D 319 14.52 -34.46 16.08
N GLY D 320 15.26 -35.15 15.22
CA GLY D 320 14.91 -36.50 14.83
C GLY D 320 16.04 -37.49 15.04
N SER D 321 17.04 -37.12 15.83
CA SER D 321 18.14 -38.02 16.15
C SER D 321 17.72 -39.00 17.24
N LYS D 322 18.40 -40.14 17.28
CA LYS D 322 18.10 -41.15 18.30
C LYS D 322 18.39 -40.61 19.70
N GLU D 323 19.45 -39.81 19.84
CA GLU D 323 19.78 -39.25 21.15
C GLU D 323 18.72 -38.26 21.60
N TYR D 324 18.25 -37.40 20.70
CA TYR D 324 17.21 -36.44 21.08
C TYR D 324 15.89 -37.13 21.37
N LEU D 325 15.58 -38.22 20.65
CA LEU D 325 14.33 -38.94 20.89
C LEU D 325 14.38 -39.68 22.22
N GLU D 326 15.50 -40.34 22.52
CA GLU D 326 15.64 -40.99 23.82
C GLU D 326 15.71 -39.97 24.96
N ARG D 327 16.15 -38.74 24.68
CA ARG D 327 16.26 -37.72 25.71
C ARG D 327 14.91 -37.11 26.08
N ILE D 328 13.99 -36.98 25.12
CA ILE D 328 12.69 -36.38 25.39
C ILE D 328 11.71 -37.47 25.81
N GLY D 329 12.20 -38.70 25.96
CA GLY D 329 11.35 -39.79 26.40
C GLY D 329 10.63 -40.52 25.29
N LEU D 330 11.19 -40.55 24.09
CA LEU D 330 10.62 -41.28 22.96
C LEU D 330 11.63 -42.26 22.39
N GLY D 331 12.39 -42.94 23.27
CA GLY D 331 13.35 -43.92 22.82
C GLY D 331 12.73 -45.13 22.15
N HIS D 332 11.45 -45.40 22.42
CA HIS D 332 10.76 -46.49 21.75
C HIS D 332 10.56 -46.21 20.26
N ARG D 333 10.52 -44.95 19.88
CA ARG D 333 10.23 -44.58 18.50
C ARG D 333 11.41 -44.89 17.58
N GLU D 334 11.12 -45.03 16.29
CA GLU D 334 12.15 -45.29 15.30
C GLU D 334 13.03 -44.06 15.11
N GLU D 335 14.08 -44.22 14.30
CA GLU D 335 15.11 -43.19 14.11
C GLU D 335 14.53 -41.81 13.84
N ASN D 336 13.89 -41.62 12.69
CA ASN D 336 13.36 -40.31 12.31
C ASN D 336 11.82 -40.29 12.33
N ASP D 337 11.20 -41.13 13.15
CA ASP D 337 9.75 -41.13 13.30
C ASP D 337 9.37 -40.01 14.24
N LEU D 338 9.08 -38.83 13.67
CA LEU D 338 8.85 -37.64 14.49
C LEU D 338 7.52 -37.66 15.21
N GLY D 339 6.60 -38.54 14.84
CA GLY D 339 5.32 -38.62 15.52
C GLY D 339 4.27 -37.69 14.92
N PRO D 340 3.11 -37.62 15.56
CA PRO D 340 2.02 -36.79 15.02
C PRO D 340 2.31 -35.30 15.13
N ILE D 341 2.80 -34.72 14.04
CA ILE D 341 3.23 -33.32 14.05
C ILE D 341 2.51 -32.58 12.94
N TYR D 342 3.13 -31.52 12.42
CA TYR D 342 2.62 -30.86 11.23
C TYR D 342 2.36 -31.89 10.14
N GLY D 343 1.25 -31.71 9.44
CA GLY D 343 0.86 -32.61 8.37
C GLY D 343 0.18 -33.88 8.82
N PHE D 344 0.37 -34.29 10.07
CA PHE D 344 -0.47 -35.37 10.58
C PHE D 344 -1.72 -34.79 11.21
N GLN D 345 -1.59 -33.67 11.92
CA GLN D 345 -2.77 -32.96 12.36
C GLN D 345 -3.48 -32.24 11.23
N TRP D 346 -2.78 -31.93 10.14
CA TRP D 346 -3.41 -31.33 8.98
C TRP D 346 -4.31 -32.31 8.25
N ARG D 347 -3.88 -33.56 8.12
CA ARG D 347 -4.59 -34.56 7.32
C ARG D 347 -5.30 -35.63 8.14
N HIS D 348 -4.82 -35.92 9.36
CA HIS D 348 -5.41 -36.95 10.19
C HIS D 348 -5.47 -36.47 11.64
N TYR D 349 -6.21 -35.40 11.88
CA TYR D 349 -6.32 -34.84 13.22
C TYR D 349 -7.09 -35.79 14.14
N ASN D 350 -6.59 -35.93 15.37
CA ASN D 350 -7.15 -36.85 16.37
C ASN D 350 -7.05 -38.31 15.94
N GLY D 351 -6.13 -38.63 15.03
CA GLY D 351 -5.94 -40.00 14.59
C GLY D 351 -4.96 -40.72 15.49
N GLU D 352 -5.34 -41.92 15.92
CA GLU D 352 -4.47 -42.73 16.77
C GLU D 352 -3.16 -43.01 16.06
N TYR D 353 -2.09 -42.36 16.49
CA TYR D 353 -0.80 -42.51 15.82
C TYR D 353 -0.09 -43.77 16.33
N LYS D 354 0.44 -44.55 15.39
CA LYS D 354 1.22 -45.74 15.74
C LYS D 354 2.69 -45.53 15.37
N THR D 355 3.02 -45.71 14.10
CA THR D 355 4.36 -45.44 13.60
C THR D 355 4.27 -44.70 12.28
N MET D 356 5.42 -44.31 11.74
CA MET D 356 5.48 -43.59 10.48
C MET D 356 5.32 -44.50 9.26
N HIS D 357 5.13 -45.80 9.47
CA HIS D 357 4.99 -46.75 8.36
C HIS D 357 3.56 -47.20 8.14
N ASP D 358 2.65 -46.91 9.07
CA ASP D 358 1.27 -47.34 8.94
C ASP D 358 0.51 -46.48 7.94
N ASP D 359 -0.64 -46.98 7.51
CA ASP D 359 -1.50 -46.30 6.53
C ASP D 359 -2.66 -45.67 7.27
N TYR D 360 -2.60 -44.35 7.47
CA TYR D 360 -3.62 -43.62 8.19
C TYR D 360 -4.70 -43.04 7.29
N THR D 361 -4.75 -43.46 6.02
CA THR D 361 -5.73 -42.92 5.08
C THR D 361 -7.13 -43.33 5.52
N GLY D 362 -7.91 -42.36 5.98
CA GLY D 362 -9.26 -42.62 6.45
C GLY D 362 -9.47 -42.18 7.88
N VAL D 363 -8.47 -42.38 8.73
CA VAL D 363 -8.58 -42.01 10.14
C VAL D 363 -8.24 -40.53 10.29
N GLY D 364 -8.80 -39.92 11.32
CA GLY D 364 -8.54 -38.52 11.60
C GLY D 364 -9.34 -37.58 10.71
N VAL D 365 -9.43 -36.33 11.15
CA VAL D 365 -10.16 -35.29 10.43
C VAL D 365 -9.20 -34.64 9.44
N ASP D 366 -9.51 -34.74 8.15
CA ASP D 366 -8.67 -34.14 7.12
C ASP D 366 -8.97 -32.65 7.13
N GLN D 367 -8.14 -31.89 7.85
CA GLN D 367 -8.34 -30.45 7.95
C GLN D 367 -8.08 -29.76 6.62
N LEU D 368 -7.07 -30.23 5.88
CA LEU D 368 -6.70 -29.57 4.62
C LEU D 368 -7.79 -29.74 3.57
N ALA D 369 -8.34 -30.94 3.45
CA ALA D 369 -9.39 -31.19 2.46
C ALA D 369 -10.62 -30.36 2.75
N LYS D 370 -11.08 -30.37 4.01
CA LYS D 370 -12.22 -29.55 4.38
C LYS D 370 -11.91 -28.07 4.21
N LEU D 371 -10.66 -27.67 4.44
CA LEU D 371 -10.27 -26.28 4.23
C LEU D 371 -10.43 -25.87 2.78
N ILE D 372 -9.91 -26.69 1.86
CA ILE D 372 -10.03 -26.38 0.44
C ILE D 372 -11.50 -26.37 0.01
N GLU D 373 -12.26 -27.38 0.46
CA GLU D 373 -13.66 -27.45 0.11
C GLU D 373 -14.42 -26.21 0.59
N THR D 374 -14.14 -25.76 1.81
CA THR D 374 -14.80 -24.57 2.33
C THR D 374 -14.33 -23.30 1.63
N LEU D 375 -13.05 -23.24 1.24
CA LEU D 375 -12.54 -22.06 0.57
C LEU D 375 -13.21 -21.86 -0.78
N LYS D 376 -13.43 -22.94 -1.52
CA LYS D 376 -14.01 -22.77 -2.85
C LYS D 376 -15.53 -22.96 -2.91
N ASN D 377 -16.15 -23.49 -1.85
CA ASN D 377 -17.61 -23.62 -1.83
C ASN D 377 -18.30 -22.55 -0.99
N ASN D 378 -17.65 -22.03 0.04
CA ASN D 378 -18.24 -21.00 0.91
C ASN D 378 -17.14 -19.99 1.23
N PRO D 379 -16.83 -19.10 0.28
CA PRO D 379 -15.67 -18.21 0.48
C PRO D 379 -15.90 -17.17 1.56
N LYS D 380 -17.09 -16.57 1.62
CA LYS D 380 -17.35 -15.52 2.59
C LYS D 380 -17.45 -16.05 4.03
N ASP D 381 -17.15 -17.33 4.24
CA ASP D 381 -17.15 -17.93 5.56
C ASP D 381 -16.06 -17.30 6.43
N ARG D 382 -16.20 -17.47 7.74
CA ARG D 382 -15.26 -16.93 8.71
C ARG D 382 -14.63 -18.03 9.55
N ARG D 383 -14.53 -19.24 9.00
CA ARG D 383 -14.05 -20.40 9.74
C ARG D 383 -12.95 -21.16 9.00
N HIS D 384 -12.33 -20.56 7.98
CA HIS D 384 -11.24 -21.20 7.25
C HIS D 384 -10.02 -21.26 8.17
N ILE D 385 -9.99 -22.29 9.01
CA ILE D 385 -9.00 -22.39 10.08
C ILE D 385 -8.32 -23.75 10.01
N LEU D 386 -6.99 -23.73 10.07
CA LEU D 386 -6.16 -24.93 10.12
C LEU D 386 -5.31 -24.88 11.39
N THR D 387 -5.55 -25.83 12.30
CA THR D 387 -4.85 -25.89 13.57
C THR D 387 -3.92 -27.09 13.63
N ALA D 388 -2.81 -26.93 14.36
CA ALA D 388 -1.90 -28.02 14.62
C ALA D 388 -1.73 -28.31 16.11
N TRP D 389 -2.30 -27.49 16.99
CA TRP D 389 -2.19 -27.69 18.42
C TRP D 389 -3.24 -28.70 18.87
N ASN D 390 -2.79 -29.89 19.24
CA ASN D 390 -3.68 -30.95 19.74
C ASN D 390 -3.19 -31.36 21.11
N PRO D 391 -3.85 -30.90 22.18
CA PRO D 391 -3.37 -31.25 23.53
C PRO D 391 -3.28 -32.74 23.80
N SER D 392 -4.12 -33.56 23.15
CA SER D 392 -4.10 -34.99 23.42
C SER D 392 -2.83 -35.65 22.87
N ALA D 393 -2.40 -35.24 21.68
CA ALA D 393 -1.26 -35.85 21.02
C ALA D 393 0.06 -35.13 21.27
N LEU D 394 0.07 -34.11 22.14
CA LEU D 394 1.28 -33.32 22.33
C LEU D 394 2.43 -34.16 22.87
N SER D 395 2.14 -35.09 23.78
CA SER D 395 3.20 -35.90 24.37
C SER D 395 3.85 -36.82 23.35
N GLN D 396 3.12 -37.20 22.31
CA GLN D 396 3.65 -38.10 21.29
C GLN D 396 4.52 -37.37 20.27
N MET D 397 4.50 -36.04 20.27
CA MET D 397 5.23 -35.26 19.27
C MET D 397 6.70 -35.14 19.66
N ALA D 398 7.57 -35.25 18.65
CA ALA D 398 8.99 -34.99 18.89
C ALA D 398 9.27 -33.54 19.19
N LEU D 399 8.38 -32.64 18.78
CA LEU D 399 8.48 -31.22 19.02
C LEU D 399 7.12 -30.59 18.79
N PRO D 400 6.52 -29.96 19.80
CA PRO D 400 5.19 -29.37 19.64
C PRO D 400 5.16 -28.34 18.53
N PRO D 401 3.99 -28.07 17.95
CA PRO D 401 3.92 -27.17 16.80
C PRO D 401 4.29 -25.74 17.20
N CYS D 402 5.16 -25.12 16.39
CA CYS D 402 5.52 -23.72 16.59
C CYS D 402 4.56 -22.79 15.86
N HIS D 403 4.45 -22.94 14.54
CA HIS D 403 3.37 -22.25 13.83
C HIS D 403 2.07 -22.97 14.14
N VAL D 404 1.36 -22.47 15.15
CA VAL D 404 0.25 -23.22 15.74
C VAL D 404 -1.01 -23.13 14.87
N LEU D 405 -1.46 -21.91 14.59
CA LEU D 405 -2.77 -21.73 13.98
C LEU D 405 -2.66 -20.91 12.70
N SER D 406 -3.56 -21.19 11.74
CA SER D 406 -3.65 -20.39 10.54
C SER D 406 -5.10 -20.18 10.17
N GLN D 407 -5.44 -18.95 9.80
CA GLN D 407 -6.77 -18.61 9.32
C GLN D 407 -6.66 -18.04 7.91
N TYR D 408 -7.67 -18.30 7.10
CA TYR D 408 -7.64 -17.90 5.70
C TYR D 408 -8.89 -17.12 5.35
N TYR D 409 -8.73 -16.18 4.42
CA TYR D 409 -9.75 -15.18 4.16
C TYR D 409 -9.81 -14.90 2.67
N VAL D 410 -11.01 -14.82 2.13
CA VAL D 410 -11.23 -14.54 0.72
C VAL D 410 -11.81 -13.14 0.60
N THR D 411 -11.12 -12.28 -0.14
CA THR D 411 -11.54 -10.90 -0.30
C THR D 411 -12.59 -10.79 -1.41
N ASN D 412 -13.21 -9.61 -1.50
CA ASN D 412 -14.24 -9.41 -2.50
C ASN D 412 -13.71 -9.44 -3.92
N ASP D 413 -12.39 -9.29 -4.10
CA ASP D 413 -11.78 -9.40 -5.42
C ASP D 413 -11.06 -10.74 -5.61
N ASN D 414 -11.50 -11.77 -4.89
CA ASN D 414 -11.06 -13.16 -5.11
C ASN D 414 -9.55 -13.32 -4.89
N CYS D 415 -9.06 -12.74 -3.79
CA CYS D 415 -7.70 -12.96 -3.33
C CYS D 415 -7.73 -13.71 -2.00
N LEU D 416 -6.65 -14.45 -1.74
CA LEU D 416 -6.54 -15.32 -0.58
C LEU D 416 -5.50 -14.75 0.38
N SER D 417 -5.97 -14.21 1.50
CA SER D 417 -5.08 -13.72 2.55
C SER D 417 -5.02 -14.75 3.69
N CYS D 418 -3.91 -14.70 4.42
CA CYS D 418 -3.62 -15.70 5.44
C CYS D 418 -3.07 -15.04 6.70
N ASN D 419 -3.66 -15.37 7.83
CA ASN D 419 -3.13 -15.02 9.14
C ASN D 419 -2.51 -16.26 9.78
N LEU D 420 -1.38 -16.07 10.45
CA LEU D 420 -0.67 -17.14 11.13
C LEU D 420 -0.36 -16.73 12.55
N TYR D 421 -0.76 -17.55 13.52
CA TYR D 421 -0.33 -17.37 14.90
C TYR D 421 0.70 -18.44 15.23
N GLN D 422 1.88 -17.97 15.65
CA GLN D 422 3.03 -18.79 15.96
C GLN D 422 3.39 -18.58 17.43
N ARG D 423 3.42 -19.68 18.19
CA ARG D 423 3.67 -19.56 19.63
C ARG D 423 5.11 -19.19 19.94
N SER D 424 6.05 -19.63 19.11
CA SER D 424 7.47 -19.41 19.37
C SER D 424 8.19 -19.20 18.05
N CYS D 425 8.94 -18.10 17.96
CA CYS D 425 9.60 -17.74 16.72
C CYS D 425 11.09 -17.51 16.96
N ASP D 426 11.91 -18.25 16.22
CA ASP D 426 13.36 -18.09 16.21
C ASP D 426 13.68 -17.16 15.04
N LEU D 427 13.88 -15.88 15.33
CA LEU D 427 14.04 -14.89 14.28
C LEU D 427 15.31 -15.09 13.44
N GLY D 428 16.24 -15.92 13.90
CA GLY D 428 17.43 -16.21 13.14
C GLY D 428 17.20 -17.23 12.04
N LEU D 429 16.50 -18.31 12.36
CA LEU D 429 16.27 -19.40 11.44
C LEU D 429 14.79 -19.64 11.17
N GLY D 430 13.95 -19.67 12.21
CA GLY D 430 12.56 -20.05 12.03
C GLY D 430 11.73 -19.02 11.29
N SER D 431 12.02 -17.73 11.47
CA SER D 431 11.14 -16.70 10.92
C SER D 431 11.16 -16.66 9.40
N PRO D 432 12.32 -16.58 8.72
CA PRO D 432 12.27 -16.56 7.25
C PRO D 432 11.67 -17.83 6.67
N PHE D 433 11.98 -18.98 7.27
CA PHE D 433 11.38 -20.23 6.81
C PHE D 433 9.87 -20.20 6.95
N ASN D 434 9.37 -19.69 8.08
CA ASN D 434 7.92 -19.62 8.27
C ASN D 434 7.28 -18.68 7.26
N ILE D 435 7.91 -17.52 7.03
CA ILE D 435 7.37 -16.57 6.06
C ILE D 435 7.26 -17.22 4.69
N ALA D 436 8.37 -17.74 4.17
CA ALA D 436 8.37 -18.34 2.85
C ALA D 436 7.43 -19.54 2.76
N SER D 437 7.40 -20.36 3.82
CA SER D 437 6.59 -21.58 3.78
C SER D 437 5.11 -21.25 3.74
N TYR D 438 4.65 -20.34 4.59
CA TYR D 438 3.23 -20.02 4.59
C TYR D 438 2.84 -19.17 3.38
N ALA D 439 3.79 -18.41 2.82
CA ALA D 439 3.51 -17.73 1.55
C ALA D 439 3.29 -18.75 0.43
N ILE D 440 4.18 -19.73 0.33
CA ILE D 440 4.03 -20.76 -0.69
C ILE D 440 2.75 -21.56 -0.47
N LEU D 441 2.42 -21.84 0.78
CA LEU D 441 1.18 -22.57 1.07
C LEU D 441 -0.04 -21.76 0.66
N THR D 442 -0.03 -20.45 0.93
CA THR D 442 -1.14 -19.61 0.50
C THR D 442 -1.26 -19.59 -1.01
N MET D 443 -0.13 -19.55 -1.71
CA MET D 443 -0.16 -19.56 -3.17
C MET D 443 -0.71 -20.87 -3.70
N MET D 444 -0.31 -21.99 -3.09
CA MET D 444 -0.83 -23.30 -3.50
C MET D 444 -2.34 -23.37 -3.28
N LEU D 445 -2.79 -22.95 -2.10
CA LEU D 445 -4.23 -22.95 -1.84
C LEU D 445 -4.97 -22.06 -2.82
N ALA D 446 -4.38 -20.90 -3.15
CA ALA D 446 -5.04 -19.97 -4.07
C ALA D 446 -5.15 -20.55 -5.48
N GLN D 447 -4.11 -21.25 -5.94
CA GLN D 447 -4.19 -21.85 -7.27
C GLN D 447 -5.17 -23.02 -7.28
N VAL D 448 -5.16 -23.85 -6.22
CA VAL D 448 -6.05 -25.00 -6.19
C VAL D 448 -7.51 -24.56 -6.08
N CYS D 449 -7.78 -23.46 -5.39
CA CYS D 449 -9.14 -22.96 -5.24
C CYS D 449 -9.52 -21.97 -6.32
N GLY D 450 -8.57 -21.46 -7.09
CA GLY D 450 -8.88 -20.54 -8.18
C GLY D 450 -8.90 -19.09 -7.75
N TYR D 451 -7.99 -18.72 -6.86
CA TYR D 451 -7.83 -17.34 -6.41
C TYR D 451 -6.42 -16.86 -6.68
N GLU D 452 -6.21 -15.57 -6.49
CA GLU D 452 -4.91 -14.94 -6.53
C GLU D 452 -4.36 -14.78 -5.11
N PRO D 453 -3.03 -14.80 -4.94
CA PRO D 453 -2.48 -14.61 -3.59
C PRO D 453 -2.78 -13.21 -3.07
N GLY D 454 -3.03 -13.12 -1.76
CA GLY D 454 -3.39 -11.85 -1.16
C GLY D 454 -2.33 -11.29 -0.22
N GLU D 455 -2.62 -11.29 1.07
CA GLU D 455 -1.70 -10.78 2.08
C GLU D 455 -1.32 -11.90 3.04
N LEU D 456 -0.22 -11.69 3.76
CA LEU D 456 0.26 -12.65 4.74
C LEU D 456 0.54 -11.91 6.05
N ALA D 457 -0.26 -12.20 7.06
CA ALA D 457 -0.06 -11.62 8.39
C ALA D 457 0.41 -12.71 9.34
N ILE D 458 1.53 -12.46 10.02
CA ILE D 458 2.11 -13.41 10.96
C ILE D 458 2.07 -12.79 12.35
N PHE D 459 1.37 -13.46 13.27
CA PHE D 459 1.26 -13.04 14.66
C PHE D 459 2.14 -13.95 15.51
N ILE D 460 3.07 -13.35 16.26
CA ILE D 460 4.08 -14.07 17.01
C ILE D 460 3.86 -13.84 18.49
N GLY D 461 3.85 -14.93 19.25
CA GLY D 461 3.84 -14.82 20.71
C GLY D 461 5.24 -14.54 21.23
N ASP D 462 6.03 -15.58 21.46
CA ASP D 462 7.39 -15.44 21.99
C ASP D 462 8.36 -15.30 20.82
N ALA D 463 8.67 -14.05 20.47
CA ALA D 463 9.67 -13.78 19.44
C ALA D 463 11.03 -13.63 20.11
N HIS D 464 11.95 -14.53 19.79
CA HIS D 464 13.23 -14.55 20.50
C HIS D 464 14.39 -14.68 19.52
N ILE D 465 15.56 -14.28 20.00
CA ILE D 465 16.82 -14.36 19.26
C ILE D 465 17.82 -15.13 20.11
N TYR D 466 18.34 -16.22 19.57
CA TYR D 466 19.33 -17.01 20.30
C TYR D 466 20.65 -16.25 20.36
N GLU D 467 21.37 -16.40 21.49
CA GLU D 467 22.54 -15.58 21.74
C GLU D 467 23.72 -15.91 20.83
N ASN D 468 23.72 -17.08 20.19
CA ASN D 468 24.77 -17.42 19.24
C ASN D 468 24.53 -16.83 17.85
N HIS D 469 23.45 -16.07 17.68
CA HIS D 469 23.15 -15.42 16.40
C HIS D 469 23.41 -13.92 16.42
N LEU D 470 23.77 -13.36 17.58
CA LEU D 470 23.88 -11.92 17.72
C LEU D 470 24.87 -11.32 16.74
N THR D 471 26.02 -11.98 16.56
CA THR D 471 27.00 -11.48 15.59
C THR D 471 26.46 -11.53 14.18
N GLN D 472 25.68 -12.57 13.86
CA GLN D 472 25.18 -12.72 12.50
C GLN D 472 24.07 -11.74 12.19
N LEU D 473 23.05 -11.68 13.04
CA LEU D 473 21.88 -10.84 12.75
C LEU D 473 22.26 -9.38 12.63
N LYS D 474 23.16 -8.90 13.48
CA LYS D 474 23.66 -7.53 13.33
C LYS D 474 24.22 -7.30 11.93
N GLU D 475 25.02 -8.25 11.44
CA GLU D 475 25.51 -8.18 10.06
C GLU D 475 24.34 -8.08 9.08
N GLN D 476 23.29 -8.90 9.29
CA GLN D 476 22.14 -8.86 8.41
C GLN D 476 21.45 -7.49 8.47
N LEU D 477 21.54 -6.80 9.59
CA LEU D 477 20.94 -5.47 9.71
C LEU D 477 21.78 -4.39 9.05
N SER D 478 22.97 -4.71 8.57
CA SER D 478 23.84 -3.74 7.91
C SER D 478 23.68 -3.75 6.40
N ARG D 479 22.73 -4.52 5.88
CA ARG D 479 22.53 -4.69 4.45
C ARG D 479 21.22 -4.03 4.04
N THR D 480 21.30 -3.04 3.15
CA THR D 480 20.11 -2.34 2.69
C THR D 480 19.26 -3.30 1.87
N PRO D 481 17.96 -3.43 2.17
CA PRO D 481 17.14 -4.45 1.50
C PRO D 481 17.00 -4.21 0.01
N ARG D 482 16.92 -5.30 -0.73
CA ARG D 482 16.65 -5.31 -2.16
C ARG D 482 15.22 -5.79 -2.41
N PRO D 483 14.66 -5.47 -3.57
CA PRO D 483 13.25 -5.83 -3.82
C PRO D 483 12.99 -7.31 -3.74
N PHE D 484 11.78 -7.66 -3.32
CA PHE D 484 11.38 -9.06 -3.24
C PHE D 484 11.38 -9.70 -4.63
N PRO D 485 11.60 -11.01 -4.71
CA PRO D 485 11.47 -11.69 -6.00
C PRO D 485 10.02 -12.04 -6.34
N GLN D 486 9.84 -12.81 -7.40
CA GLN D 486 8.54 -13.34 -7.78
C GLN D 486 8.59 -14.86 -7.77
N LEU D 487 7.45 -15.49 -7.47
CA LEU D 487 7.36 -16.94 -7.47
C LEU D 487 6.20 -17.35 -8.36
N LYS D 488 6.49 -18.16 -9.37
CA LYS D 488 5.46 -18.59 -10.31
C LYS D 488 5.44 -20.11 -10.38
N PHE D 489 4.26 -20.65 -10.70
CA PHE D 489 4.08 -22.08 -10.88
C PHE D 489 4.05 -22.41 -12.37
N LYS D 490 4.76 -23.47 -12.75
CA LYS D 490 4.89 -23.82 -14.16
C LYS D 490 3.68 -24.60 -14.67
N ARG D 491 2.85 -25.14 -13.79
CA ARG D 491 1.67 -25.89 -14.21
C ARG D 491 0.62 -25.81 -13.12
N LYS D 492 -0.64 -25.86 -13.54
CA LYS D 492 -1.77 -25.91 -12.61
C LYS D 492 -2.05 -27.37 -12.26
N VAL D 493 -2.02 -27.68 -10.96
CA VAL D 493 -2.20 -29.05 -10.51
C VAL D 493 -3.67 -29.28 -10.17
N GLU D 494 -4.07 -30.56 -10.22
CA GLU D 494 -5.45 -30.90 -9.93
C GLU D 494 -5.70 -31.08 -8.43
N ASN D 495 -4.74 -31.66 -7.73
CA ASN D 495 -4.79 -31.76 -6.28
C ASN D 495 -3.55 -31.12 -5.68
N ILE D 496 -3.71 -30.54 -4.49
CA ILE D 496 -2.65 -29.75 -3.88
C ILE D 496 -1.41 -30.60 -3.60
N GLU D 497 -1.55 -31.92 -3.53
CA GLU D 497 -0.42 -32.79 -3.26
C GLU D 497 0.45 -33.03 -4.49
N ASP D 498 0.03 -32.59 -5.67
CA ASP D 498 0.74 -32.87 -6.91
C ASP D 498 1.87 -31.90 -7.21
N PHE D 499 2.14 -30.94 -6.31
CA PHE D 499 3.19 -29.97 -6.57
C PHE D 499 4.56 -30.63 -6.49
N LYS D 500 5.46 -30.21 -7.38
CA LYS D 500 6.83 -30.68 -7.38
C LYS D 500 7.78 -29.49 -7.45
N TRP D 501 9.04 -29.74 -7.06
CA TRP D 501 10.03 -28.66 -7.00
C TRP D 501 10.34 -28.10 -8.37
N GLU D 502 10.25 -28.93 -9.41
CA GLU D 502 10.51 -28.45 -10.77
C GLU D 502 9.41 -27.51 -11.27
N ASP D 503 8.27 -27.44 -10.57
CA ASP D 503 7.15 -26.60 -10.97
C ASP D 503 7.30 -25.17 -10.49
N ILE D 504 8.31 -24.86 -9.68
CA ILE D 504 8.46 -23.54 -9.08
C ILE D 504 9.54 -22.78 -9.81
N GLU D 505 9.23 -21.54 -10.20
CA GLU D 505 10.18 -20.64 -10.83
C GLU D 505 10.34 -19.42 -9.93
N LEU D 506 11.57 -19.18 -9.48
CA LEU D 506 11.89 -18.03 -8.65
C LEU D 506 12.59 -16.99 -9.52
N ILE D 507 11.96 -15.84 -9.67
CA ILE D 507 12.34 -14.85 -10.67
C ILE D 507 12.85 -13.60 -9.97
N GLY D 508 14.04 -13.16 -10.35
CA GLY D 508 14.57 -11.89 -9.86
C GLY D 508 14.93 -11.90 -8.39
N TYR D 509 15.54 -12.98 -7.91
CA TYR D 509 15.99 -13.09 -6.53
C TYR D 509 17.51 -12.87 -6.51
N TYR D 510 17.93 -11.70 -6.05
CA TYR D 510 19.34 -11.33 -5.97
C TYR D 510 19.68 -10.94 -4.53
N PRO D 511 19.77 -11.89 -3.62
CA PRO D 511 19.97 -11.57 -2.20
C PRO D 511 21.45 -11.33 -1.90
N TYR D 512 21.68 -10.81 -0.70
CA TYR D 512 23.02 -10.73 -0.15
C TYR D 512 23.52 -12.14 0.18
N PRO D 513 24.84 -12.34 0.27
CA PRO D 513 25.36 -13.69 0.51
C PRO D 513 24.81 -14.31 1.79
N THR D 514 24.75 -15.64 1.79
CA THR D 514 24.14 -16.38 2.89
C THR D 514 24.93 -16.16 4.18
N ILE D 515 24.22 -16.27 5.31
CA ILE D 515 24.79 -16.03 6.64
C ILE D 515 24.58 -17.29 7.47
N LYS D 516 25.66 -18.02 7.73
CA LYS D 516 25.56 -19.29 8.45
C LYS D 516 25.17 -19.05 9.91
N MET D 517 24.20 -19.83 10.39
CA MET D 517 23.73 -19.75 11.78
C MET D 517 23.40 -21.16 12.26
N ASP D 518 23.86 -21.49 13.46
CA ASP D 518 23.71 -22.83 14.00
C ASP D 518 22.35 -22.99 14.68
N MET D 519 21.71 -24.13 14.40
CA MET D 519 20.41 -24.44 14.99
C MET D 519 20.57 -24.91 16.43
N ALA D 520 19.73 -24.39 17.32
CA ALA D 520 19.70 -24.82 18.71
C ALA D 520 18.70 -25.96 18.85
N VAL D 521 19.21 -27.18 19.08
CA VAL D 521 18.35 -28.36 19.17
C VAL D 521 17.67 -28.40 20.54
N GLU E 3 45.15 2.87 44.73
CA GLU E 3 44.44 2.46 45.94
C GLU E 3 43.21 3.34 46.17
N LYS E 4 42.07 2.86 45.71
CA LYS E 4 40.79 3.55 45.83
C LYS E 4 39.82 2.68 46.63
N ASN E 5 38.60 3.16 46.78
CA ASN E 5 37.64 2.57 47.71
C ASN E 5 36.90 1.41 47.07
N VAL E 6 36.62 0.39 47.87
CA VAL E 6 35.91 -0.82 47.45
C VAL E 6 34.78 -1.09 48.42
N SER E 7 33.57 -1.28 47.89
CA SER E 7 32.38 -1.47 48.72
C SER E 7 31.55 -2.63 48.18
N ILE E 8 31.18 -3.54 49.07
CA ILE E 8 30.25 -4.62 48.73
C ILE E 8 28.83 -4.10 48.92
N VAL E 9 28.06 -4.07 47.84
CA VAL E 9 26.66 -3.67 47.90
C VAL E 9 25.81 -4.94 47.81
N VAL E 10 24.99 -5.19 48.82
CA VAL E 10 24.23 -6.43 48.87
C VAL E 10 22.89 -6.18 49.56
N ALA E 11 21.89 -6.95 49.18
CA ALA E 11 20.59 -6.99 49.84
C ALA E 11 20.32 -8.42 50.27
N ALA E 12 20.30 -8.66 51.57
CA ALA E 12 20.16 -10.02 52.11
C ALA E 12 19.03 -10.06 53.11
N SER E 13 18.59 -11.29 53.42
CA SER E 13 17.55 -11.47 54.41
C SER E 13 18.08 -11.20 55.81
N VAL E 14 17.16 -10.99 56.75
CA VAL E 14 17.53 -10.51 58.07
C VAL E 14 18.26 -11.59 58.86
N LEU E 15 17.82 -12.85 58.73
CA LEU E 15 18.36 -13.91 59.56
C LEU E 15 19.33 -14.80 58.79
N SER E 16 18.83 -15.54 57.81
CA SER E 16 19.66 -16.49 57.06
C SER E 16 20.55 -15.81 56.02
N SER E 17 20.37 -14.51 55.77
CA SER E 17 21.21 -13.75 54.85
C SER E 17 21.10 -14.27 53.41
N GLY E 18 19.90 -14.71 53.03
CA GLY E 18 19.68 -15.14 51.66
C GLY E 18 19.54 -13.96 50.72
N ILE E 19 20.01 -14.15 49.49
CA ILE E 19 20.06 -13.06 48.52
C ILE E 19 19.38 -13.44 47.21
N GLY E 20 19.13 -14.73 46.99
CA GLY E 20 18.56 -15.15 45.72
C GLY E 20 17.87 -16.49 45.81
N ILE E 21 17.12 -16.80 44.75
CA ILE E 21 16.42 -18.07 44.63
C ILE E 21 16.16 -18.35 43.16
N ASN E 22 16.67 -19.48 42.67
CA ASN E 22 16.46 -19.92 41.29
C ASN E 22 16.88 -18.85 40.29
N GLY E 23 17.99 -18.18 40.57
CA GLY E 23 18.56 -17.21 39.66
C GLY E 23 17.86 -15.87 39.61
N GLN E 24 16.98 -15.57 40.56
CA GLN E 24 16.31 -14.27 40.61
C GLN E 24 16.21 -13.83 42.06
N LEU E 25 15.73 -12.59 42.25
CA LEU E 25 15.59 -12.03 43.58
C LEU E 25 14.36 -12.62 44.27
N PRO E 26 14.45 -12.91 45.57
CA PRO E 26 13.29 -13.40 46.33
C PRO E 26 12.32 -12.32 46.79
N TRP E 27 12.40 -11.12 46.25
CA TRP E 27 11.51 -10.03 46.62
C TRP E 27 11.57 -8.96 45.55
N SER E 28 10.55 -8.09 45.53
CA SER E 28 10.47 -6.99 44.56
C SER E 28 10.30 -5.69 45.34
N ILE E 29 11.42 -5.04 45.64
CA ILE E 29 11.43 -3.78 46.36
C ILE E 29 12.07 -2.73 45.45
N SER E 30 11.24 -1.85 44.87
CA SER E 30 11.74 -0.86 43.92
C SER E 30 12.70 0.12 44.59
N GLU E 31 12.41 0.51 45.84
CA GLU E 31 13.26 1.45 46.54
C GLU E 31 14.67 0.91 46.73
N ASP E 32 14.82 -0.42 46.88
CA ASP E 32 16.15 -0.99 47.01
C ASP E 32 16.92 -0.92 45.70
N LEU E 33 16.23 -1.15 44.57
CA LEU E 33 16.88 -0.97 43.28
C LEU E 33 17.30 0.48 43.07
N LYS E 34 16.45 1.42 43.51
CA LYS E 34 16.82 2.83 43.44
C LYS E 34 18.03 3.14 44.32
N PHE E 35 18.09 2.52 45.50
CA PHE E 35 19.24 2.70 46.38
C PHE E 35 20.51 2.17 45.74
N PHE E 36 20.44 0.98 45.15
CA PHE E 36 21.58 0.42 44.44
C PHE E 36 22.03 1.36 43.32
N SER E 37 21.08 1.85 42.52
CA SER E 37 21.43 2.72 41.41
C SER E 37 22.08 4.02 41.90
N LYS E 38 21.57 4.58 42.99
CA LYS E 38 22.11 5.84 43.48
C LYS E 38 23.46 5.66 44.14
N ILE E 39 23.68 4.52 44.80
CA ILE E 39 24.94 4.33 45.50
C ILE E 39 26.04 3.91 44.51
N THR E 40 25.69 3.25 43.41
CA THR E 40 26.70 2.86 42.44
C THR E 40 27.05 3.99 41.47
N ASN E 41 26.19 5.00 41.34
CA ASN E 41 26.50 6.17 40.55
C ASN E 41 27.10 7.32 41.37
N ASN E 42 27.26 7.13 42.67
CA ASN E 42 27.85 8.16 43.53
C ASN E 42 29.32 8.33 43.17
N LYS E 43 29.69 9.56 42.79
CA LYS E 43 31.05 9.82 42.35
C LYS E 43 31.40 11.28 42.61
N CYS E 44 32.68 11.52 42.92
CA CYS E 44 33.18 12.86 43.17
C CYS E 44 33.72 13.53 41.92
N ASP E 45 34.05 12.76 40.88
CA ASP E 45 34.58 13.27 39.63
C ASP E 45 33.58 12.96 38.51
N SER E 46 33.22 13.99 37.75
CA SER E 46 32.30 13.79 36.64
C SER E 46 32.96 13.13 35.44
N ASN E 47 34.29 13.20 35.34
CA ASN E 47 35.03 12.58 34.26
C ASN E 47 35.48 11.16 34.59
N LYS E 48 34.87 10.54 35.60
CA LYS E 48 35.22 9.18 36.01
C LYS E 48 33.95 8.36 36.19
N LYS E 49 34.07 7.06 35.90
CA LYS E 49 32.98 6.12 36.07
C LYS E 49 33.30 5.15 37.20
N ASN E 50 32.26 4.49 37.69
CA ASN E 50 32.39 3.50 38.76
C ASN E 50 32.33 2.09 38.19
N ALA E 51 33.13 1.19 38.76
CA ALA E 51 33.20 -0.20 38.33
C ALA E 51 32.35 -1.07 39.25
N LEU E 52 31.50 -1.90 38.64
CA LEU E 52 30.63 -2.84 39.35
C LEU E 52 31.05 -4.25 38.98
N ILE E 53 31.67 -4.95 39.93
CA ILE E 53 32.12 -6.32 39.70
C ILE E 53 31.00 -7.28 40.06
N MET E 54 30.75 -8.27 39.20
CA MET E 54 29.69 -9.24 39.43
C MET E 54 30.04 -10.56 38.76
N GLY E 55 29.44 -11.64 39.29
CA GLY E 55 29.60 -12.95 38.70
C GLY E 55 28.78 -13.12 37.44
N ARG E 56 28.97 -14.27 36.79
CA ARG E 56 28.31 -14.52 35.51
C ARG E 56 26.80 -14.68 35.68
N LYS E 57 26.37 -15.38 36.73
CA LYS E 57 24.93 -15.59 36.93
C LYS E 57 24.24 -14.28 37.31
N THR E 58 24.92 -13.42 38.07
CA THR E 58 24.40 -12.09 38.32
C THR E 58 24.31 -11.29 37.03
N TRP E 59 25.32 -11.44 36.16
CA TRP E 59 25.28 -10.80 34.85
C TRP E 59 24.09 -11.28 34.04
N ASP E 60 23.71 -12.55 34.20
CA ASP E 60 22.49 -13.04 33.56
C ASP E 60 21.25 -12.46 34.21
N SER E 61 21.28 -12.23 35.53
CA SER E 61 20.10 -11.73 36.23
C SER E 61 19.72 -10.33 35.78
N ILE E 62 20.68 -9.53 35.31
CA ILE E 62 20.40 -8.18 34.86
C ILE E 62 20.16 -8.13 33.35
N GLY E 63 19.94 -9.28 32.71
CA GLY E 63 19.64 -9.32 31.30
C GLY E 63 20.83 -9.14 30.38
N ARG E 64 22.06 -9.24 30.90
CA ARG E 64 23.27 -9.09 30.11
C ARG E 64 23.30 -7.76 29.37
N ARG E 65 22.83 -6.70 30.03
CA ARG E 65 22.86 -5.37 29.47
C ARG E 65 23.58 -4.41 30.41
N PRO E 66 24.31 -3.44 29.87
CA PRO E 66 25.08 -2.53 30.73
C PRO E 66 24.18 -1.60 31.52
N LEU E 67 24.74 -1.09 32.62
CA LEU E 67 24.09 -0.10 33.46
C LEU E 67 24.63 1.28 33.15
N LYS E 68 23.74 2.27 33.12
CA LYS E 68 24.12 3.61 32.66
C LYS E 68 25.17 4.23 33.56
N ASN E 69 26.15 4.88 32.94
CA ASN E 69 27.21 5.64 33.62
C ASN E 69 28.08 4.75 34.51
N ARG E 70 28.14 3.46 34.25
CA ARG E 70 28.92 2.53 35.07
C ARG E 70 29.54 1.47 34.18
N ILE E 71 30.69 0.96 34.61
CA ILE E 71 31.42 -0.08 33.88
C ILE E 71 31.25 -1.39 34.62
N ILE E 72 30.62 -2.37 33.97
CA ILE E 72 30.37 -3.66 34.58
C ILE E 72 31.52 -4.60 34.28
N VAL E 73 32.02 -5.26 35.31
CA VAL E 73 33.13 -6.21 35.21
C VAL E 73 32.59 -7.58 35.57
N VAL E 74 32.51 -8.47 34.58
CA VAL E 74 31.97 -9.80 34.76
C VAL E 74 33.13 -10.76 35.02
N ILE E 75 33.08 -11.45 36.16
CA ILE E 75 34.04 -12.50 36.49
C ILE E 75 33.50 -13.81 35.93
N SER E 76 34.19 -14.36 34.94
CA SER E 76 33.75 -15.60 34.31
C SER E 76 34.94 -16.23 33.60
N SER E 77 35.04 -17.56 33.69
CA SER E 77 36.07 -18.31 33.01
C SER E 77 35.61 -18.84 31.65
N SER E 78 34.39 -18.55 31.25
CA SER E 78 33.84 -19.01 29.98
C SER E 78 33.35 -17.89 29.08
N LEU E 79 32.92 -16.77 29.62
CA LEU E 79 32.41 -15.68 28.79
C LEU E 79 33.53 -15.12 27.93
N PRO E 80 33.32 -14.96 26.62
CA PRO E 80 34.38 -14.40 25.77
C PRO E 80 34.64 -12.94 26.10
N GLN E 81 35.92 -12.59 26.23
CA GLN E 81 36.32 -11.22 26.57
C GLN E 81 35.97 -10.32 25.38
N ASP E 82 34.71 -9.92 25.33
CA ASP E 82 34.21 -9.13 24.22
C ASP E 82 34.67 -7.68 24.35
N GLU E 83 35.14 -7.11 23.25
CA GLU E 83 35.56 -5.72 23.19
C GLU E 83 34.55 -4.85 22.46
N ALA E 84 33.45 -5.42 21.98
CA ALA E 84 32.42 -4.64 21.30
C ALA E 84 31.76 -3.65 22.27
N ASP E 85 31.27 -4.15 23.40
CA ASP E 85 30.66 -3.29 24.40
C ASP E 85 31.73 -2.66 25.27
N PRO E 86 31.89 -1.33 25.22
CA PRO E 86 32.91 -0.67 26.05
C PRO E 86 32.50 -0.52 27.51
N ASN E 87 31.22 -0.70 27.84
CA ASN E 87 30.75 -0.57 29.21
C ASN E 87 30.79 -1.88 29.98
N VAL E 88 31.21 -2.97 29.36
CA VAL E 88 31.27 -4.28 29.99
C VAL E 88 32.60 -4.93 29.62
N VAL E 89 33.30 -5.46 30.62
CA VAL E 89 34.57 -6.13 30.42
C VAL E 89 34.58 -7.42 31.23
N VAL E 90 35.22 -8.44 30.68
CA VAL E 90 35.23 -9.78 31.28
C VAL E 90 36.63 -10.09 31.78
N PHE E 91 36.71 -10.65 32.98
CA PHE E 91 37.97 -11.07 33.58
C PHE E 91 37.88 -12.53 34.01
N ARG E 92 39.04 -13.21 33.97
CA ARG E 92 39.07 -14.64 34.22
C ARG E 92 38.99 -14.98 35.70
N ASN E 93 39.55 -14.14 36.57
CA ASN E 93 39.50 -14.36 38.01
C ASN E 93 39.30 -13.02 38.71
N LEU E 94 39.02 -13.11 40.01
CA LEU E 94 38.70 -11.90 40.77
C LEU E 94 39.95 -11.07 41.04
N GLU E 95 41.09 -11.72 41.27
CA GLU E 95 42.31 -11.00 41.61
C GLU E 95 42.80 -10.14 40.44
N ASP E 96 42.76 -10.67 39.21
CA ASP E 96 43.19 -9.90 38.06
C ASP E 96 42.28 -8.69 37.83
N SER E 97 41.00 -8.82 38.16
CA SER E 97 40.07 -7.70 37.98
C SER E 97 40.41 -6.54 38.90
N ILE E 98 41.11 -6.78 40.00
CA ILE E 98 41.54 -5.69 40.87
C ILE E 98 42.82 -5.10 40.30
N GLU E 99 42.72 -4.58 39.07
CA GLU E 99 43.79 -3.81 38.47
C GLU E 99 43.45 -2.34 38.32
N ASN E 100 42.20 -1.96 38.58
CA ASN E 100 41.80 -0.57 38.56
C ASN E 100 42.52 0.23 39.63
N LEU E 101 43.03 -0.44 40.68
CA LEU E 101 43.85 0.23 41.67
C LEU E 101 45.17 0.69 41.05
N MET E 102 45.83 -0.20 40.30
CA MET E 102 47.12 0.09 39.70
C MET E 102 46.95 1.07 38.53
N ASN E 103 46.44 0.59 37.41
CA ASN E 103 46.22 1.42 36.24
C ASN E 103 44.74 1.81 36.17
N ASP E 104 44.32 2.33 35.01
CA ASP E 104 42.95 2.76 34.76
C ASP E 104 42.49 3.77 35.81
N ASP E 105 43.06 4.96 35.69
CA ASP E 105 42.78 6.05 36.63
C ASP E 105 41.42 6.70 36.39
N SER E 106 40.71 6.32 35.33
CA SER E 106 39.38 6.84 35.06
C SER E 106 38.31 6.19 35.93
N ILE E 107 38.68 5.22 36.76
CA ILE E 107 37.77 4.56 37.69
C ILE E 107 37.99 5.15 39.07
N GLU E 108 36.91 5.60 39.71
CA GLU E 108 36.99 6.25 41.01
C GLU E 108 36.72 5.27 42.16
N ASN E 109 35.58 4.59 42.15
CA ASN E 109 35.22 3.65 43.19
C ASN E 109 34.92 2.29 42.58
N ILE E 110 35.06 1.25 43.38
CA ILE E 110 34.79 -0.12 42.95
C ILE E 110 33.70 -0.69 43.85
N PHE E 111 32.70 -1.31 43.23
CA PHE E 111 31.58 -1.90 43.95
C PHE E 111 31.49 -3.38 43.61
N VAL E 112 31.64 -4.22 44.62
CA VAL E 112 31.40 -5.65 44.48
C VAL E 112 29.92 -5.92 44.74
N CYS E 113 29.22 -6.40 43.70
CA CYS E 113 27.79 -6.64 43.79
C CYS E 113 27.42 -7.97 43.16
N GLY E 114 28.37 -8.91 43.10
CA GLY E 114 28.15 -10.19 42.48
C GLY E 114 27.36 -11.15 43.34
N GLY E 115 27.56 -12.45 43.09
CA GLY E 115 26.86 -13.48 43.83
C GLY E 115 27.60 -13.92 45.08
N GLU E 116 27.11 -15.01 45.66
CA GLU E 116 27.76 -15.59 46.83
C GLU E 116 29.19 -16.01 46.50
N SER E 117 29.41 -16.62 45.34
CA SER E 117 30.75 -17.04 44.96
C SER E 117 31.69 -15.87 44.75
N ILE E 118 31.16 -14.66 44.53
CA ILE E 118 32.00 -13.47 44.41
C ILE E 118 32.19 -12.80 45.76
N TYR E 119 31.12 -12.64 46.54
CA TYR E 119 31.23 -12.06 47.86
C TYR E 119 32.18 -12.85 48.75
N ARG E 120 32.09 -14.18 48.70
CA ARG E 120 32.84 -15.02 49.62
C ARG E 120 34.35 -14.85 49.42
N ASP E 121 34.81 -14.91 48.18
CA ASP E 121 36.24 -14.74 47.91
C ASP E 121 36.63 -13.28 47.64
N ALA E 122 35.69 -12.35 47.76
CA ALA E 122 36.05 -10.94 47.87
C ALA E 122 36.31 -10.54 49.32
N LEU E 123 35.58 -11.16 50.26
CA LEU E 123 35.88 -10.96 51.67
C LEU E 123 37.05 -11.82 52.12
N LYS E 124 37.17 -13.04 51.57
CA LYS E 124 38.28 -13.91 51.95
C LYS E 124 39.62 -13.32 51.53
N ASP E 125 39.70 -12.79 50.31
CA ASP E 125 40.92 -12.14 49.83
C ASP E 125 41.13 -10.75 50.43
N ASN E 126 40.20 -10.27 51.25
CA ASN E 126 40.33 -9.00 51.97
C ASN E 126 40.57 -7.84 51.00
N PHE E 127 39.68 -7.72 50.02
CA PHE E 127 39.68 -6.61 49.09
C PHE E 127 38.64 -5.56 49.43
N VAL E 128 37.81 -5.81 50.43
CA VAL E 128 36.60 -5.03 50.69
C VAL E 128 36.88 -4.03 51.78
N ASP E 129 36.54 -2.76 51.53
CA ASP E 129 36.66 -1.69 52.50
C ASP E 129 35.36 -1.38 53.22
N ARG E 130 34.24 -1.35 52.50
CA ARG E 130 32.96 -1.02 53.08
C ARG E 130 31.90 -2.02 52.65
N ILE E 131 30.78 -2.05 53.37
CA ILE E 131 29.65 -2.94 53.07
C ILE E 131 28.36 -2.16 53.23
N TYR E 132 27.63 -2.00 52.12
CA TYR E 132 26.27 -1.44 52.12
C TYR E 132 25.30 -2.61 52.07
N LEU E 133 24.75 -2.97 53.24
CA LEU E 133 23.86 -4.11 53.38
C LEU E 133 22.43 -3.65 53.55
N THR E 134 21.52 -4.23 52.79
CA THR E 134 20.09 -3.97 52.91
C THR E 134 19.44 -5.21 53.51
N ARG E 135 19.03 -5.12 54.77
CA ARG E 135 18.38 -6.23 55.44
C ARG E 135 16.90 -6.25 55.11
N VAL E 136 16.41 -7.41 54.69
CA VAL E 136 15.00 -7.60 54.34
C VAL E 136 14.39 -8.59 55.32
N ALA E 137 13.17 -8.29 55.77
CA ALA E 137 12.51 -9.08 56.81
C ALA E 137 11.65 -10.20 56.20
N LEU E 138 12.27 -11.04 55.37
CA LEU E 138 11.63 -12.21 54.79
C LEU E 138 12.46 -13.44 55.14
N GLU E 139 11.80 -14.45 55.73
CA GLU E 139 12.49 -15.65 56.16
C GLU E 139 11.71 -16.94 55.95
N ASP E 140 10.39 -16.87 55.73
CA ASP E 140 9.59 -18.06 55.50
C ASP E 140 9.52 -18.45 54.03
N ILE E 141 10.51 -18.04 53.23
CA ILE E 141 10.56 -18.37 51.82
C ILE E 141 11.77 -19.28 51.56
N GLU E 142 11.98 -19.65 50.30
CA GLU E 142 13.05 -20.57 49.93
C GLU E 142 14.23 -19.79 49.36
N PHE E 143 15.43 -20.15 49.81
CA PHE E 143 16.67 -19.59 49.30
C PHE E 143 17.56 -20.69 48.76
N ASP E 144 18.48 -20.31 47.86
CA ASP E 144 19.55 -21.17 47.41
C ASP E 144 20.89 -20.48 47.31
N THR E 145 20.95 -19.16 47.50
CA THR E 145 22.19 -18.39 47.46
C THR E 145 22.17 -17.44 48.65
N TYR E 146 23.21 -17.51 49.47
CA TYR E 146 23.25 -16.77 50.73
C TYR E 146 24.43 -15.81 50.74
N PHE E 147 24.34 -14.80 51.58
CA PHE E 147 25.44 -13.85 51.76
C PHE E 147 26.36 -14.35 52.87
N PRO E 148 27.67 -14.41 52.63
CA PRO E 148 28.58 -14.98 53.63
C PRO E 148 28.56 -14.17 54.92
N GLU E 149 28.86 -14.85 56.02
CA GLU E 149 28.88 -14.20 57.33
C GLU E 149 29.90 -13.08 57.35
N ILE E 150 29.48 -11.90 57.81
CA ILE E 150 30.37 -10.74 57.82
C ILE E 150 31.51 -11.00 58.79
N PRO E 151 32.77 -10.88 58.36
CA PRO E 151 33.88 -11.19 59.25
C PRO E 151 33.97 -10.19 60.40
N GLU E 152 34.67 -10.60 61.45
CA GLU E 152 34.80 -9.78 62.65
C GLU E 152 35.61 -8.51 62.40
N THR E 153 36.35 -8.43 61.28
CA THR E 153 37.11 -7.23 60.97
C THR E 153 36.22 -6.04 60.64
N PHE E 154 34.96 -6.28 60.29
CA PHE E 154 34.01 -5.21 59.99
C PHE E 154 33.18 -4.88 61.23
N LEU E 155 32.81 -3.60 61.34
CA LEU E 155 31.95 -3.11 62.40
C LEU E 155 30.86 -2.23 61.80
N PRO E 156 29.63 -2.32 62.31
CA PRO E 156 28.55 -1.47 61.80
C PRO E 156 28.71 -0.04 62.27
N VAL E 157 28.55 0.90 61.34
CA VAL E 157 28.63 2.32 61.64
C VAL E 157 27.33 3.06 61.39
N TYR E 158 26.32 2.43 60.79
CA TYR E 158 25.08 3.10 60.45
C TYR E 158 23.96 2.07 60.34
N MET E 159 22.78 2.43 60.84
CA MET E 159 21.58 1.62 60.70
C MET E 159 20.39 2.53 60.52
N SER E 160 19.79 2.52 59.33
CA SER E 160 18.71 3.42 59.00
C SER E 160 17.43 3.02 59.74
N GLN E 161 16.39 3.84 59.57
CA GLN E 161 15.08 3.50 60.08
C GLN E 161 14.46 2.38 59.26
N THR E 162 13.37 1.81 59.78
CA THR E 162 12.68 0.74 59.08
C THR E 162 11.75 1.33 58.02
N PHE E 163 11.82 0.79 56.80
CA PHE E 163 10.97 1.20 55.70
C PHE E 163 10.05 0.05 55.29
N CYS E 164 8.94 0.42 54.63
CA CYS E 164 7.93 -0.53 54.21
C CYS E 164 7.69 -0.42 52.71
N THR E 165 7.57 -1.59 52.06
CA THR E 165 7.20 -1.66 50.65
C THR E 165 6.46 -2.96 50.43
N LYS E 166 5.21 -2.86 49.96
CA LYS E 166 4.34 -4.02 49.75
C LYS E 166 4.28 -4.88 51.02
N ASN E 167 4.09 -4.21 52.15
CA ASN E 167 4.01 -4.83 53.48
C ASN E 167 5.29 -5.56 53.87
N ILE E 168 6.41 -5.23 53.26
CA ILE E 168 7.70 -5.83 53.58
C ILE E 168 8.57 -4.77 54.27
N SER E 169 9.13 -5.13 55.42
CA SER E 169 9.99 -4.23 56.18
C SER E 169 11.45 -4.44 55.77
N TYR E 170 12.20 -3.34 55.71
CA TYR E 170 13.61 -3.45 55.34
C TYR E 170 14.40 -2.28 55.93
N ASP E 171 15.70 -2.52 56.14
CA ASP E 171 16.64 -1.59 56.73
C ASP E 171 17.80 -1.32 55.78
N PHE E 172 18.64 -0.36 56.15
CA PHE E 172 19.89 -0.07 55.46
C PHE E 172 21.00 0.08 56.50
N MET E 173 22.11 -0.62 56.27
CA MET E 173 23.22 -0.61 57.22
C MET E 173 24.54 -0.45 56.46
N ILE E 174 25.51 0.18 57.13
CA ILE E 174 26.85 0.36 56.60
C ILE E 174 27.82 -0.31 57.56
N PHE E 175 28.76 -1.07 57.01
CA PHE E 175 29.83 -1.71 57.77
C PHE E 175 31.16 -1.22 57.26
N GLU E 176 32.07 -0.88 58.17
CA GLU E 176 33.40 -0.41 57.82
C GLU E 176 34.43 -1.32 58.46
N LYS E 177 35.53 -1.55 57.75
CA LYS E 177 36.61 -2.40 58.25
C LYS E 177 37.46 -1.56 59.20
N GLN E 178 37.29 -1.80 60.51
CA GLN E 178 37.99 -1.01 61.51
C GLN E 178 39.45 -1.42 61.57
N GLU E 179 40.35 -0.44 61.59
CA GLU E 179 41.78 -0.71 61.64
C GLU E 179 42.39 -0.26 62.97
N LEU E 193 37.18 18.73 66.36
CA LEU E 193 37.87 19.78 67.09
C LEU E 193 37.99 19.41 68.56
N LYS E 194 39.22 19.13 69.00
CA LYS E 194 39.48 18.65 70.34
C LYS E 194 39.39 19.73 71.40
N SER E 195 39.54 21.00 71.03
CA SER E 195 39.56 22.08 72.02
C SER E 195 38.26 22.18 72.78
N ILE E 196 37.13 22.05 72.07
CA ILE E 196 35.83 22.13 72.73
C ILE E 196 35.66 20.98 73.72
N ASP E 197 36.05 19.77 73.32
CA ASP E 197 35.94 18.62 74.21
C ASP E 197 36.80 18.81 75.45
N ASP E 198 38.03 19.29 75.30
CA ASP E 198 38.90 19.50 76.45
C ASP E 198 38.35 20.58 77.37
N THR E 199 37.80 21.66 76.80
CA THR E 199 37.23 22.71 77.64
C THR E 199 36.03 22.21 78.42
N VAL E 200 35.17 21.41 77.77
CA VAL E 200 34.01 20.86 78.48
C VAL E 200 34.46 19.89 79.57
N ASP E 201 35.49 19.09 79.30
CA ASP E 201 36.00 18.18 80.31
C ASP E 201 36.56 18.93 81.51
N LEU E 202 37.27 20.04 81.26
CA LEU E 202 37.81 20.83 82.37
C LEU E 202 36.68 21.48 83.17
N LEU E 203 35.69 22.06 82.49
CA LEU E 203 34.56 22.66 83.20
C LEU E 203 33.79 21.61 84.01
N GLY E 204 33.75 20.36 83.52
CA GLY E 204 33.15 19.30 84.30
C GLY E 204 34.00 18.88 85.48
N GLU E 205 35.32 18.94 85.34
CA GLU E 205 36.20 18.68 86.48
C GLU E 205 36.02 19.73 87.56
N ILE E 206 35.79 20.99 87.16
CA ILE E 206 35.61 22.07 88.12
C ILE E 206 34.28 21.90 88.86
N PHE E 207 33.17 22.12 88.15
CA PHE E 207 31.84 21.96 88.74
C PHE E 207 31.45 20.49 88.70
N GLY E 208 31.26 19.88 89.87
CA GLY E 208 31.06 18.46 89.92
C GLY E 208 29.73 18.00 89.38
N ILE E 209 28.65 18.39 90.06
CA ILE E 209 27.31 18.08 89.59
C ILE E 209 26.57 19.39 89.50
N ARG E 210 27.32 20.50 89.52
CA ARG E 210 26.73 21.80 89.32
C ARG E 210 26.49 22.08 87.85
N LYS E 211 27.38 21.58 86.98
CA LYS E 211 27.18 21.60 85.54
C LYS E 211 26.17 20.52 85.15
N MET E 212 25.05 20.95 84.55
CA MET E 212 23.99 20.01 84.20
C MET E 212 24.48 18.91 83.28
N GLY E 213 25.51 19.18 82.48
CA GLY E 213 26.05 18.15 81.61
C GLY E 213 26.54 16.92 82.36
N ASN E 214 27.08 17.12 83.57
CA ASN E 214 27.54 15.97 84.36
C ASN E 214 26.37 15.14 84.88
N ARG E 215 25.21 15.75 85.06
CA ARG E 215 24.04 14.98 85.48
C ARG E 215 23.48 14.12 84.35
N HIS E 216 23.83 14.43 83.11
CA HIS E 216 23.40 13.61 81.98
C HIS E 216 24.62 13.16 81.18
N LYS E 217 25.51 12.41 81.83
CA LYS E 217 26.71 11.93 81.16
C LYS E 217 26.35 10.90 80.08
N PHE E 218 27.13 10.90 79.01
CA PHE E 218 26.93 9.91 77.97
C PHE E 218 27.25 8.52 78.51
N PRO E 219 26.42 7.51 78.18
CA PRO E 219 26.66 6.18 78.73
C PRO E 219 27.99 5.61 78.28
N LYS E 220 28.63 4.87 79.18
CA LYS E 220 29.90 4.23 78.86
C LYS E 220 29.72 3.19 77.77
N GLU E 221 30.81 2.90 77.06
CA GLU E 221 30.76 1.96 75.94
C GLU E 221 30.32 0.57 76.39
N GLU E 222 30.58 0.21 77.65
CA GLU E 222 30.25 -1.12 78.14
C GLU E 222 28.75 -1.33 78.33
N ILE E 223 27.93 -0.27 78.23
CA ILE E 223 26.49 -0.41 78.39
C ILE E 223 25.77 0.26 77.22
N TYR E 224 26.49 0.47 76.12
CA TYR E 224 25.93 1.13 74.94
C TYR E 224 25.70 0.09 73.85
N ASN E 225 24.44 -0.08 73.46
CA ASN E 225 24.09 -1.10 72.48
C ASN E 225 24.70 -0.77 71.12
N THR E 226 25.46 -1.72 70.57
CA THR E 226 26.19 -1.58 69.31
C THR E 226 27.02 -0.30 69.34
N PRO E 227 28.10 -0.26 70.12
CA PRO E 227 28.82 0.99 70.32
C PRO E 227 29.49 1.52 69.07
N SER E 228 29.76 0.67 68.08
CA SER E 228 30.44 1.12 66.88
C SER E 228 29.58 2.08 66.05
N ILE E 229 28.25 1.97 66.15
CA ILE E 229 27.34 2.87 65.47
C ILE E 229 27.21 4.14 66.29
N ARG E 230 28.04 5.15 65.98
CA ARG E 230 28.04 6.39 66.75
C ARG E 230 27.10 7.44 66.16
N PHE E 231 27.32 7.82 64.91
CA PHE E 231 26.58 8.91 64.29
C PHE E 231 25.42 8.43 63.41
N GLY E 232 25.19 7.12 63.35
CA GLY E 232 24.14 6.61 62.48
C GLY E 232 23.08 5.85 63.23
N ARG E 233 22.69 6.35 64.40
CA ARG E 233 21.66 5.71 65.21
C ARG E 233 20.27 6.18 64.77
N GLU E 234 20.00 5.97 63.48
CA GLU E 234 18.75 6.44 62.89
C GLU E 234 17.58 5.54 63.25
N HIS E 235 17.81 4.24 63.34
CA HIS E 235 16.73 3.31 63.67
C HIS E 235 16.11 3.67 65.01
N TYR E 236 14.79 3.85 65.02
CA TYR E 236 14.10 4.42 66.17
C TYR E 236 13.90 3.43 67.31
N GLU E 237 14.37 2.19 67.18
CA GLU E 237 14.49 1.33 68.35
C GLU E 237 15.62 1.80 69.26
N PHE E 238 16.58 2.54 68.73
CA PHE E 238 17.61 3.15 69.56
C PHE E 238 17.04 4.20 70.51
N GLN E 239 15.88 4.77 70.20
CA GLN E 239 15.24 5.69 71.12
C GLN E 239 14.90 5.04 72.45
N TYR E 240 14.79 3.71 72.48
CA TYR E 240 14.55 2.96 73.70
C TYR E 240 15.84 2.40 74.30
N LEU E 241 16.74 1.86 73.47
CA LEU E 241 17.98 1.28 73.98
C LEU E 241 18.91 2.35 74.54
N ASP E 242 18.98 3.52 73.89
CA ASP E 242 19.79 4.60 74.41
C ASP E 242 19.20 5.17 75.70
N LEU E 243 17.87 5.19 75.82
CA LEU E 243 17.27 5.56 77.09
C LEU E 243 17.61 4.56 78.19
N LEU E 244 17.59 3.28 77.85
CA LEU E 244 18.04 2.24 78.78
C LEU E 244 19.46 2.51 79.24
N SER E 245 20.35 2.82 78.30
CA SER E 245 21.75 3.08 78.63
C SER E 245 21.89 4.32 79.51
N ARG E 246 21.14 5.38 79.21
CA ARG E 246 21.20 6.59 80.02
C ARG E 246 20.68 6.34 81.43
N VAL E 247 19.67 5.49 81.59
CA VAL E 247 19.19 5.16 82.92
C VAL E 247 20.25 4.36 83.67
N LEU E 248 20.90 3.41 82.98
CA LEU E 248 21.96 2.65 83.63
C LEU E 248 23.15 3.54 84.00
N GLU E 249 23.36 4.63 83.27
CA GLU E 249 24.50 5.49 83.51
C GLU E 249 24.22 6.50 84.63
N ASN E 250 23.08 7.19 84.57
CA ASN E 250 22.78 8.29 85.47
C ASN E 250 21.69 7.95 86.48
N GLY E 251 21.24 6.71 86.55
CA GLY E 251 20.11 6.35 87.39
C GLY E 251 20.46 6.42 88.86
N ALA E 252 19.73 7.23 89.63
CA ALA E 252 19.91 7.28 91.07
C ALA E 252 19.18 6.11 91.71
N TYR E 253 19.85 5.46 92.66
CA TYR E 253 19.28 4.32 93.37
C TYR E 253 18.25 4.83 94.38
N ARG E 254 16.98 4.52 94.14
CA ARG E 254 15.89 5.02 94.96
C ARG E 254 14.94 3.88 95.33
N GLU E 255 14.28 4.04 96.47
CA GLU E 255 13.22 3.14 96.89
C GLU E 255 11.88 3.63 96.35
N ASN E 256 10.85 2.80 96.47
CA ASN E 256 9.55 3.14 95.91
C ASN E 256 8.47 2.41 96.70
N ARG E 257 7.25 2.41 96.15
CA ARG E 257 6.11 1.79 96.82
C ARG E 257 6.32 0.28 97.00
N THR E 258 7.09 -0.34 96.11
CA THR E 258 7.39 -1.76 96.19
C THR E 258 8.73 -1.97 96.91
N GLY E 259 8.91 -3.17 97.46
CA GLY E 259 10.16 -3.52 98.11
C GLY E 259 11.35 -3.57 97.19
N ILE E 260 11.12 -3.63 95.88
CA ILE E 260 12.19 -3.68 94.90
C ILE E 260 12.59 -2.26 94.54
N SER E 261 13.79 -1.85 94.94
CA SER E 261 14.28 -0.53 94.62
C SER E 261 14.64 -0.45 93.13
N THR E 262 14.75 0.79 92.64
CA THR E 262 14.99 1.04 91.22
C THR E 262 16.16 1.99 91.05
N TYR E 263 16.58 2.13 89.80
CA TYR E 263 17.47 3.20 89.36
C TYR E 263 16.65 4.13 88.48
N SER E 264 16.54 5.39 88.89
CA SER E 264 15.57 6.32 88.31
C SER E 264 16.25 7.58 87.79
N ILE E 265 15.75 8.09 86.67
CA ILE E 265 16.06 9.43 86.18
C ILE E 265 14.76 10.13 85.82
N PHE E 266 14.85 11.43 85.57
CA PHE E 266 13.68 12.28 85.39
C PHE E 266 13.79 13.09 84.11
N GLY E 267 12.68 13.15 83.37
CA GLY E 267 12.58 13.95 82.17
C GLY E 267 13.27 13.38 80.95
N GLN E 268 12.57 12.51 80.21
CA GLN E 268 13.13 11.92 79.00
C GLN E 268 12.04 11.86 77.93
N MET E 269 12.45 11.56 76.69
CA MET E 269 11.51 11.48 75.59
C MET E 269 12.00 10.45 74.57
N MET E 270 11.06 9.95 73.77
CA MET E 270 11.32 9.00 72.71
C MET E 270 10.44 9.32 71.51
N ARG E 271 10.99 9.17 70.30
CA ARG E 271 10.25 9.36 69.07
C ARG E 271 10.22 8.05 68.30
N PHE E 272 9.11 7.80 67.61
CA PHE E 272 8.94 6.59 66.83
C PHE E 272 8.17 6.91 65.55
N ASP E 273 8.58 6.28 64.46
CA ASP E 273 7.89 6.42 63.19
C ASP E 273 6.86 5.31 63.03
N MET E 274 5.68 5.68 62.53
CA MET E 274 4.62 4.71 62.26
C MET E 274 4.11 4.78 60.82
N ARG E 275 4.66 5.65 59.98
CA ARG E 275 4.25 5.70 58.58
C ARG E 275 4.78 4.50 57.81
N GLU E 276 6.02 4.11 58.09
CA GLU E 276 6.69 3.06 57.34
C GLU E 276 7.00 1.83 58.18
N SER E 277 6.58 1.79 59.45
CA SER E 277 6.91 0.66 60.32
C SER E 277 5.92 0.61 61.47
N PHE E 278 6.23 -0.20 62.48
CA PHE E 278 5.46 -0.33 63.71
C PHE E 278 6.44 -0.51 64.87
N PRO E 279 6.45 0.43 65.81
CA PRO E 279 7.47 0.38 66.88
C PRO E 279 7.28 -0.76 67.87
N LEU E 280 7.54 -1.99 67.42
CA LEU E 280 7.57 -3.16 68.29
C LEU E 280 9.02 -3.63 68.40
N LEU E 281 9.53 -3.71 69.63
CA LEU E 281 10.93 -4.00 69.85
C LEU E 281 11.32 -5.35 69.26
N THR E 282 12.50 -5.40 68.66
CA THR E 282 13.03 -6.64 68.09
C THR E 282 14.12 -7.28 68.96
N THR E 283 14.71 -6.53 69.89
CA THR E 283 15.70 -7.10 70.78
C THR E 283 15.10 -8.01 71.84
N LYS E 284 13.77 -8.19 71.83
CA LYS E 284 13.08 -9.03 72.81
C LYS E 284 11.69 -9.33 72.28
N LYS E 285 11.28 -10.58 72.35
CA LYS E 285 9.95 -10.96 71.89
C LYS E 285 8.89 -10.39 72.84
N VAL E 286 8.01 -9.55 72.30
CA VAL E 286 6.99 -8.85 73.08
C VAL E 286 5.65 -9.52 72.85
N ALA E 287 4.94 -9.84 73.94
CA ALA E 287 3.62 -10.45 73.85
C ALA E 287 2.59 -9.45 73.32
N ILE E 288 2.43 -9.41 72.00
CA ILE E 288 1.57 -8.40 71.37
C ILE E 288 0.09 -8.68 71.66
N ARG E 289 -0.28 -9.95 71.79
CA ARG E 289 -1.69 -10.29 71.99
C ARG E 289 -2.21 -9.73 73.31
N SER E 290 -1.41 -9.86 74.37
CA SER E 290 -1.82 -9.30 75.67
C SER E 290 -1.95 -7.79 75.60
N ILE E 291 -1.04 -7.14 74.86
CA ILE E 291 -1.11 -5.69 74.68
C ILE E 291 -2.43 -5.31 74.01
N PHE E 292 -2.77 -6.00 72.92
CA PHE E 292 -4.02 -5.69 72.22
C PHE E 292 -5.23 -5.94 73.11
N GLU E 293 -5.21 -7.03 73.88
CA GLU E 293 -6.35 -7.34 74.74
C GLU E 293 -6.51 -6.27 75.81
N GLU E 294 -5.40 -5.82 76.40
CA GLU E 294 -5.46 -4.71 77.37
C GLU E 294 -6.00 -3.44 76.71
N LEU E 295 -5.54 -3.13 75.50
CA LEU E 295 -5.97 -1.89 74.85
C LEU E 295 -7.45 -1.93 74.51
N ILE E 296 -7.93 -3.03 73.93
CA ILE E 296 -9.35 -3.12 73.60
C ILE E 296 -10.19 -3.21 74.86
N TRP E 297 -9.62 -3.73 75.95
CA TRP E 297 -10.30 -3.68 77.24
C TRP E 297 -10.46 -2.25 77.72
N PHE E 298 -9.43 -1.42 77.52
CA PHE E 298 -9.54 0.00 77.82
C PHE E 298 -10.62 0.66 76.96
N ILE E 299 -10.57 0.42 75.65
CA ILE E 299 -11.46 1.13 74.73
C ILE E 299 -12.92 0.81 75.02
N LYS E 300 -13.22 -0.46 75.31
CA LYS E 300 -14.59 -0.87 75.60
C LYS E 300 -15.14 -0.26 76.88
N GLY E 301 -14.30 0.40 77.69
CA GLY E 301 -14.76 1.00 78.92
C GLY E 301 -14.87 0.07 80.11
N ASP E 302 -14.23 -1.09 80.04
CA ASP E 302 -14.38 -2.11 81.07
C ASP E 302 -13.33 -1.92 82.16
N THR E 303 -13.71 -2.27 83.40
CA THR E 303 -12.78 -2.25 84.53
C THR E 303 -12.75 -3.59 85.27
N ASN E 304 -13.35 -4.63 84.70
CA ASN E 304 -13.38 -5.95 85.33
C ASN E 304 -12.16 -6.74 84.84
N GLY E 305 -11.20 -6.98 85.74
CA GLY E 305 -10.00 -7.73 85.39
C GLY E 305 -10.23 -9.18 85.03
N ASN E 306 -11.34 -9.77 85.49
CA ASN E 306 -11.65 -11.15 85.15
C ASN E 306 -11.92 -11.31 83.65
N HIS E 307 -12.37 -10.24 82.99
CA HIS E 307 -12.54 -10.30 81.54
C HIS E 307 -11.21 -10.43 80.82
N LEU E 308 -10.15 -9.82 81.37
CA LEU E 308 -8.81 -10.00 80.83
C LEU E 308 -8.24 -11.36 81.19
N ILE E 309 -8.49 -11.83 82.42
CA ILE E 309 -7.96 -13.13 82.83
C ILE E 309 -8.63 -14.25 82.02
N GLU E 310 -9.89 -14.07 81.65
CA GLU E 310 -10.59 -15.08 80.85
C GLU E 310 -9.96 -15.22 79.47
N LYS E 311 -9.39 -14.14 78.94
CA LYS E 311 -8.71 -14.16 77.65
C LYS E 311 -7.24 -14.54 77.77
N LYS E 312 -6.85 -15.20 78.87
CA LYS E 312 -5.47 -15.64 79.09
C LYS E 312 -4.50 -14.46 79.09
N VAL E 313 -4.88 -13.38 79.77
CA VAL E 313 -4.04 -12.21 79.96
C VAL E 313 -3.93 -11.94 81.45
N TYR E 314 -2.71 -12.05 81.99
CA TYR E 314 -2.49 -12.01 83.43
C TYR E 314 -1.59 -10.85 83.85
N ILE E 315 -1.61 -9.75 83.08
CA ILE E 315 -0.77 -8.60 83.43
C ILE E 315 -1.37 -7.80 84.58
N TRP E 316 -2.68 -7.90 84.79
CA TRP E 316 -3.35 -7.22 85.90
C TRP E 316 -3.69 -8.17 87.04
N SER E 317 -2.97 -9.29 87.15
CA SER E 317 -3.21 -10.22 88.25
C SER E 317 -2.48 -9.77 89.51
N GLY E 318 -1.27 -9.23 89.37
CA GLY E 318 -0.54 -8.76 90.53
C GLY E 318 -1.25 -7.61 91.24
N ASN E 319 -1.77 -6.66 90.47
CA ASN E 319 -2.53 -5.53 91.01
C ASN E 319 -4.02 -5.85 91.18
N GLY E 320 -4.42 -7.09 90.94
CA GLY E 320 -5.82 -7.47 91.06
C GLY E 320 -6.04 -8.64 91.99
N SER E 321 -5.04 -8.95 92.81
CA SER E 321 -5.15 -10.01 93.79
C SER E 321 -5.88 -9.51 95.03
N LYS E 322 -6.47 -10.46 95.77
CA LYS E 322 -7.19 -10.12 96.99
C LYS E 322 -6.24 -9.54 98.04
N GLU E 323 -5.01 -10.07 98.12
CA GLU E 323 -4.05 -9.56 99.10
C GLU E 323 -3.61 -8.15 98.76
N TYR E 324 -3.34 -7.87 97.48
CA TYR E 324 -2.95 -6.52 97.09
C TYR E 324 -4.11 -5.54 97.23
N LEU E 325 -5.34 -5.99 96.99
CA LEU E 325 -6.49 -5.10 97.13
C LEU E 325 -6.77 -4.78 98.59
N GLU E 326 -6.70 -5.78 99.46
CA GLU E 326 -6.85 -5.54 100.89
C GLU E 326 -5.67 -4.77 101.48
N ARG E 327 -4.49 -4.84 100.86
CA ARG E 327 -3.32 -4.15 101.37
C ARG E 327 -3.34 -2.65 101.09
N ILE E 328 -3.93 -2.24 99.96
CA ILE E 328 -3.98 -0.82 99.60
C ILE E 328 -5.26 -0.19 100.16
N GLY E 329 -6.00 -0.96 100.96
CA GLY E 329 -7.20 -0.43 101.59
C GLY E 329 -8.47 -0.52 100.76
N LEU E 330 -8.57 -1.50 99.88
CA LEU E 330 -9.76 -1.72 99.06
C LEU E 330 -10.31 -3.13 99.25
N GLY E 331 -10.33 -3.60 100.50
CA GLY E 331 -10.84 -4.93 100.80
C GLY E 331 -12.33 -5.08 100.52
N HIS E 332 -13.07 -3.97 100.45
CA HIS E 332 -14.49 -4.05 100.11
C HIS E 332 -14.70 -4.46 98.66
N ARG E 333 -13.74 -4.18 97.79
CA ARG E 333 -13.91 -4.44 96.37
C ARG E 333 -13.83 -5.94 96.09
N GLU E 334 -14.39 -6.34 94.95
CA GLU E 334 -14.38 -7.73 94.54
C GLU E 334 -12.95 -8.12 94.13
N GLU E 335 -12.78 -9.42 93.82
CA GLU E 335 -11.48 -10.01 93.55
C GLU E 335 -10.63 -9.17 92.61
N ASN E 336 -11.04 -9.06 91.34
CA ASN E 336 -10.29 -8.32 90.34
C ASN E 336 -11.00 -7.04 89.92
N ASP E 337 -11.81 -6.47 90.81
CA ASP E 337 -12.49 -5.19 90.54
C ASP E 337 -11.47 -4.08 90.78
N LEU E 338 -10.80 -3.67 89.70
CA LEU E 338 -9.70 -2.72 89.80
C LEU E 338 -10.15 -1.29 90.09
N GLY E 339 -11.43 -0.98 89.93
CA GLY E 339 -11.93 0.34 90.19
C GLY E 339 -11.84 1.24 88.97
N PRO E 340 -12.17 2.53 89.15
CA PRO E 340 -12.17 3.46 88.01
C PRO E 340 -10.76 3.76 87.50
N ILE E 341 -10.35 3.07 86.43
CA ILE E 341 -8.99 3.20 85.94
C ILE E 341 -9.01 3.59 84.47
N TYR E 342 -7.96 3.22 83.74
CA TYR E 342 -7.94 3.39 82.29
C TYR E 342 -9.20 2.81 81.68
N GLY E 343 -9.74 3.52 80.70
CA GLY E 343 -10.95 3.12 80.02
C GLY E 343 -12.23 3.47 80.75
N PHE E 344 -12.17 3.70 82.06
CA PHE E 344 -13.33 4.25 82.75
C PHE E 344 -13.29 5.77 82.72
N GLN E 345 -12.09 6.36 82.86
CA GLN E 345 -11.94 7.78 82.64
C GLN E 345 -12.01 8.14 81.16
N TRP E 346 -11.72 7.17 80.28
CA TRP E 346 -11.82 7.41 78.84
C TRP E 346 -13.27 7.54 78.39
N ARG E 347 -14.16 6.71 78.93
CA ARG E 347 -15.54 6.64 78.48
C ARG E 347 -16.55 7.22 79.47
N HIS E 348 -16.23 7.25 80.76
CA HIS E 348 -17.14 7.76 81.78
C HIS E 348 -16.35 8.58 82.80
N TYR E 349 -15.76 9.68 82.33
CA TYR E 349 -14.95 10.53 83.20
C TYR E 349 -15.85 11.24 84.21
N ASN E 350 -15.38 11.30 85.45
CA ASN E 350 -16.12 11.88 86.58
C ASN E 350 -17.41 11.12 86.87
N GLY E 351 -17.49 9.85 86.46
CA GLY E 351 -18.66 9.04 86.72
C GLY E 351 -18.54 8.34 88.06
N GLU E 352 -19.60 8.42 88.85
CA GLU E 352 -19.63 7.79 90.16
C GLU E 352 -19.47 6.28 90.06
N TYR E 353 -18.30 5.77 90.44
CA TYR E 353 -18.02 4.34 90.33
C TYR E 353 -18.60 3.59 91.51
N LYS E 354 -19.27 2.48 91.23
CA LYS E 354 -19.80 1.59 92.27
C LYS E 354 -19.05 0.27 92.28
N THR E 355 -19.40 -0.64 91.36
CA THR E 355 -18.70 -1.90 91.20
C THR E 355 -18.47 -2.14 89.70
N MET E 356 -17.77 -3.24 89.41
CA MET E 356 -17.45 -3.60 88.02
C MET E 356 -18.62 -4.23 87.29
N HIS E 357 -19.77 -4.40 87.94
CA HIS E 357 -20.93 -5.04 87.34
C HIS E 357 -22.03 -4.06 86.91
N ASP E 358 -21.95 -2.81 87.33
CA ASP E 358 -23.00 -1.85 87.00
C ASP E 358 -22.89 -1.39 85.55
N ASP E 359 -23.97 -0.80 85.06
CA ASP E 359 -24.06 -0.30 83.69
C ASP E 359 -23.90 1.21 83.73
N TYR E 360 -22.70 1.69 83.38
CA TYR E 360 -22.39 3.11 83.41
C TYR E 360 -22.63 3.80 82.08
N THR E 361 -23.34 3.14 81.17
CA THR E 361 -23.63 3.71 79.86
C THR E 361 -24.53 4.93 80.03
N GLY E 362 -23.99 6.12 79.77
CA GLY E 362 -24.73 7.35 79.91
C GLY E 362 -24.09 8.33 80.87
N VAL E 363 -23.52 7.81 81.96
CA VAL E 363 -22.89 8.66 82.97
C VAL E 363 -21.45 8.96 82.56
N GLY E 364 -20.94 10.09 83.03
CA GLY E 364 -19.58 10.49 82.75
C GLY E 364 -19.40 11.09 81.37
N VAL E 365 -18.28 11.79 81.22
CA VAL E 365 -17.93 12.43 79.95
C VAL E 365 -17.17 11.44 79.09
N ASP E 366 -17.73 11.08 77.94
CA ASP E 366 -17.10 10.15 77.01
C ASP E 366 -16.00 10.91 76.26
N GLN E 367 -14.78 10.83 76.80
CA GLN E 367 -13.66 11.54 76.18
C GLN E 367 -13.29 10.94 74.83
N LEU E 368 -13.40 9.62 74.69
CA LEU E 368 -12.98 8.96 73.45
C LEU E 368 -13.90 9.34 72.29
N ALA E 369 -15.22 9.34 72.53
CA ALA E 369 -16.16 9.71 71.49
C ALA E 369 -15.97 11.14 71.05
N LYS E 370 -15.85 12.07 72.00
CA LYS E 370 -15.60 13.46 71.67
C LYS E 370 -14.26 13.64 70.97
N LEU E 371 -13.27 12.83 71.34
CA LEU E 371 -11.96 12.87 70.68
C LEU E 371 -12.10 12.50 69.21
N ILE E 372 -12.79 11.40 68.92
CA ILE E 372 -12.98 10.98 67.54
C ILE E 372 -13.78 12.04 66.77
N GLU E 373 -14.84 12.56 67.39
CA GLU E 373 -15.66 13.57 66.75
C GLU E 373 -14.84 14.81 66.38
N THR E 374 -13.99 15.27 67.29
CA THR E 374 -13.17 16.43 67.00
C THR E 374 -12.07 16.11 65.99
N LEU E 375 -11.54 14.89 66.02
CA LEU E 375 -10.49 14.51 65.08
C LEU E 375 -11.00 14.48 63.65
N LYS E 376 -12.22 14.00 63.43
CA LYS E 376 -12.72 13.91 62.06
C LYS E 376 -13.60 15.08 61.66
N ASN E 377 -14.04 15.92 62.60
CA ASN E 377 -14.81 17.11 62.27
C ASN E 377 -14.00 18.39 62.28
N ASN E 378 -12.95 18.46 63.11
CA ASN E 378 -12.11 19.65 63.21
C ASN E 378 -10.66 19.21 63.34
N PRO E 379 -10.02 18.85 62.23
CA PRO E 379 -8.67 18.27 62.33
C PRO E 379 -7.62 19.24 62.79
N LYS E 380 -7.66 20.50 62.30
CA LYS E 380 -6.64 21.48 62.68
C LYS E 380 -6.79 21.98 64.13
N ASP E 381 -7.67 21.39 64.93
CA ASP E 381 -7.81 21.78 66.33
C ASP E 381 -6.54 21.43 67.12
N ARG E 382 -6.39 22.08 68.27
CA ARG E 382 -5.25 21.88 69.15
C ARG E 382 -5.68 21.38 70.53
N ARG E 383 -6.81 20.67 70.59
CA ARG E 383 -7.36 20.21 71.86
C ARG E 383 -7.70 18.72 71.85
N HIS E 384 -7.17 17.97 70.88
CA HIS E 384 -7.41 16.53 70.81
C HIS E 384 -6.64 15.87 71.96
N ILE E 385 -7.28 15.87 73.14
CA ILE E 385 -6.62 15.47 74.38
C ILE E 385 -7.45 14.41 75.08
N LEU E 386 -6.80 13.33 75.51
CA LEU E 386 -7.41 12.27 76.30
C LEU E 386 -6.61 12.15 77.59
N THR E 387 -7.26 12.43 78.72
CA THR E 387 -6.63 12.39 80.03
C THR E 387 -7.18 11.24 80.85
N ALA E 388 -6.33 10.70 81.73
CA ALA E 388 -6.73 9.67 82.67
C ALA E 388 -6.54 10.07 84.13
N TRP E 389 -5.92 11.22 84.40
CA TRP E 389 -5.66 11.66 85.76
C TRP E 389 -6.89 12.36 86.32
N ASN E 390 -7.56 11.73 87.28
CA ASN E 390 -8.74 12.30 87.93
C ASN E 390 -8.48 12.35 89.44
N PRO E 391 -8.14 13.51 90.00
CA PRO E 391 -7.84 13.59 91.44
C PRO E 391 -8.97 13.12 92.34
N SER E 392 -10.23 13.29 91.92
CA SER E 392 -11.34 12.90 92.78
C SER E 392 -11.45 11.39 92.89
N ALA E 393 -11.24 10.67 91.80
CA ALA E 393 -11.38 9.22 91.77
C ALA E 393 -10.07 8.49 92.05
N LEU E 394 -8.99 9.20 92.38
CA LEU E 394 -7.70 8.56 92.58
C LEU E 394 -7.73 7.57 93.74
N SER E 395 -8.43 7.93 94.83
CA SER E 395 -8.46 7.08 96.01
C SER E 395 -9.15 5.74 95.74
N GLN E 396 -10.08 5.71 94.78
CA GLN E 396 -10.79 4.47 94.45
C GLN E 396 -10.00 3.53 93.55
N MET E 397 -8.90 4.01 92.96
CA MET E 397 -8.15 3.23 91.99
C MET E 397 -7.24 2.22 92.67
N ALA E 398 -7.16 1.02 92.09
CA ALA E 398 -6.20 0.02 92.56
C ALA E 398 -4.76 0.41 92.22
N LEU E 399 -4.57 1.29 91.24
CA LEU E 399 -3.27 1.77 90.82
C LEU E 399 -3.46 3.05 90.01
N PRO E 400 -2.88 4.17 90.45
CA PRO E 400 -3.07 5.45 89.73
C PRO E 400 -2.60 5.37 88.30
N PRO E 401 -3.11 6.23 87.42
CA PRO E 401 -2.76 6.12 86.00
C PRO E 401 -1.28 6.42 85.78
N CYS E 402 -0.61 5.54 85.03
CA CYS E 402 0.79 5.76 84.67
C CYS E 402 0.90 6.54 83.36
N HIS E 403 0.35 6.00 82.27
CA HIS E 403 0.23 6.80 81.06
C HIS E 403 -0.89 7.80 81.25
N VAL E 404 -0.52 9.00 81.69
CA VAL E 404 -1.49 9.97 82.21
C VAL E 404 -2.21 10.67 81.06
N LEU E 405 -1.45 11.30 80.16
CA LEU E 405 -2.06 12.18 79.17
C LEU E 405 -1.68 11.77 77.77
N SER E 406 -2.58 12.01 76.82
CA SER E 406 -2.27 11.80 75.41
C SER E 406 -2.88 12.93 74.59
N GLN E 407 -2.10 13.44 73.64
CA GLN E 407 -2.55 14.47 72.71
C GLN E 407 -2.37 13.96 71.29
N TYR E 408 -3.26 14.40 70.40
CA TYR E 408 -3.27 13.92 69.02
C TYR E 408 -3.27 15.09 68.05
N TYR E 409 -2.66 14.86 66.89
CA TYR E 409 -2.34 15.92 65.96
C TYR E 409 -2.55 15.42 64.53
N VAL E 410 -3.18 16.25 63.71
CA VAL E 410 -3.45 15.93 62.31
C VAL E 410 -2.56 16.79 61.44
N THR E 411 -1.73 16.14 60.61
CA THR E 411 -0.81 16.86 59.76
C THR E 411 -1.51 17.35 58.50
N ASN E 412 -0.81 18.19 57.74
CA ASN E 412 -1.38 18.74 56.51
C ASN E 412 -1.62 17.68 55.44
N ASP E 413 -0.98 16.51 55.56
CA ASP E 413 -1.20 15.40 54.65
C ASP E 413 -2.04 14.29 55.29
N ASN E 414 -2.89 14.65 56.26
CA ASN E 414 -3.88 13.73 56.84
C ASN E 414 -3.23 12.52 57.51
N CYS E 415 -2.21 12.79 58.32
CA CYS E 415 -1.62 11.78 59.18
C CYS E 415 -1.91 12.12 60.64
N LEU E 416 -1.95 11.08 61.48
CA LEU E 416 -2.31 11.21 62.88
C LEU E 416 -1.10 10.89 63.73
N SER E 417 -0.52 11.93 64.35
CA SER E 417 0.58 11.78 65.28
C SER E 417 0.06 11.86 66.72
N CYS E 418 0.83 11.27 67.63
CA CYS E 418 0.41 11.10 69.01
C CYS E 418 1.55 11.42 69.96
N ASN E 419 1.26 12.27 70.94
CA ASN E 419 2.14 12.52 72.07
C ASN E 419 1.54 11.83 73.30
N LEU E 420 2.39 11.22 74.11
CA LEU E 420 1.98 10.55 75.34
C LEU E 420 2.88 11.00 76.47
N TYR E 421 2.29 11.50 77.55
CA TYR E 421 3.02 11.78 78.77
C TYR E 421 2.66 10.73 79.82
N GLN E 422 3.68 10.03 80.31
CA GLN E 422 3.57 8.98 81.30
C GLN E 422 4.39 9.37 82.52
N ARG E 423 3.74 9.38 83.69
CA ARG E 423 4.40 9.86 84.91
C ARG E 423 5.50 8.91 85.38
N SER E 424 5.34 7.61 85.18
CA SER E 424 6.28 6.62 85.69
C SER E 424 6.39 5.48 84.70
N CYS E 425 7.62 5.15 84.30
CA CYS E 425 7.87 4.16 83.27
C CYS E 425 8.83 3.10 83.77
N ASP E 426 8.39 1.84 83.74
CA ASP E 426 9.22 0.69 84.05
C ASP E 426 9.78 0.18 82.72
N LEU E 427 11.03 0.56 82.42
CA LEU E 427 11.62 0.28 81.12
C LEU E 427 11.78 -1.21 80.84
N GLY E 428 11.66 -2.07 81.86
CA GLY E 428 11.77 -3.49 81.66
C GLY E 428 10.49 -4.11 81.12
N LEU E 429 9.35 -3.73 81.68
CA LEU E 429 8.06 -4.30 81.30
C LEU E 429 7.09 -3.28 80.76
N GLY E 430 6.95 -2.13 81.42
CA GLY E 430 5.93 -1.17 81.03
C GLY E 430 6.20 -0.45 79.73
N SER E 431 7.48 -0.18 79.43
CA SER E 431 7.79 0.68 78.29
C SER E 431 7.45 0.04 76.95
N PRO E 432 7.89 -1.19 76.64
CA PRO E 432 7.49 -1.78 75.34
C PRO E 432 5.99 -1.93 75.20
N PHE E 433 5.33 -2.34 76.28
CA PHE E 433 3.88 -2.46 76.26
C PHE E 433 3.22 -1.12 75.95
N ASN E 434 3.69 -0.05 76.58
CA ASN E 434 3.11 1.27 76.33
C ASN E 434 3.35 1.72 74.90
N ILE E 435 4.57 1.51 74.39
CA ILE E 435 4.88 1.89 73.00
C ILE E 435 3.94 1.18 72.04
N ALA E 436 3.89 -0.15 72.12
CA ALA E 436 3.05 -0.92 71.20
C ALA E 436 1.58 -0.55 71.37
N SER E 437 1.13 -0.37 72.61
CA SER E 437 -0.28 -0.11 72.87
C SER E 437 -0.71 1.24 72.28
N TYR E 438 0.08 2.29 72.51
CA TYR E 438 -0.32 3.58 71.98
C TYR E 438 -0.10 3.65 70.47
N ALA E 439 0.83 2.87 69.91
CA ALA E 439 0.91 2.78 68.45
C ALA E 439 -0.35 2.15 67.88
N ILE E 440 -0.81 1.06 68.48
CA ILE E 440 -2.03 0.40 68.02
C ILE E 440 -3.23 1.33 68.19
N LEU E 441 -3.26 2.08 69.30
CA LEU E 441 -4.36 3.01 69.52
C LEU E 441 -4.37 4.13 68.48
N THR E 442 -3.19 4.66 68.14
CA THR E 442 -3.10 5.68 67.10
C THR E 442 -3.55 5.13 65.75
N MET E 443 -3.17 3.89 65.43
CA MET E 443 -3.60 3.29 64.16
C MET E 443 -5.12 3.09 64.14
N MET E 444 -5.69 2.65 65.26
CA MET E 444 -7.15 2.49 65.32
C MET E 444 -7.84 3.83 65.13
N LEU E 445 -7.37 4.86 65.83
CA LEU E 445 -7.95 6.19 65.67
C LEU E 445 -7.82 6.69 64.23
N ALA E 446 -6.68 6.40 63.59
CA ALA E 446 -6.47 6.84 62.22
C ALA E 446 -7.43 6.15 61.27
N GLN E 447 -7.69 4.86 61.50
CA GLN E 447 -8.65 4.16 60.65
C GLN E 447 -10.07 4.65 60.89
N VAL E 448 -10.45 4.87 62.14
CA VAL E 448 -11.81 5.32 62.44
C VAL E 448 -12.04 6.73 61.92
N CYS E 449 -11.02 7.58 61.97
CA CYS E 449 -11.17 8.96 61.50
C CYS E 449 -10.82 9.13 60.02
N GLY E 450 -10.18 8.14 59.41
CA GLY E 450 -9.86 8.22 57.99
C GLY E 450 -8.53 8.86 57.70
N TYR E 451 -7.55 8.61 58.57
CA TYR E 451 -6.20 9.11 58.38
C TYR E 451 -5.21 7.94 58.36
N GLU E 452 -3.97 8.25 58.01
CA GLU E 452 -2.87 7.31 58.08
C GLU E 452 -2.08 7.52 59.37
N PRO E 453 -1.45 6.48 59.92
CA PRO E 453 -0.65 6.67 61.13
C PRO E 453 0.55 7.57 60.86
N GLY E 454 0.88 8.40 61.85
CA GLY E 454 1.98 9.34 61.72
C GLY E 454 3.18 9.03 62.59
N GLU E 455 3.40 9.85 63.61
CA GLU E 455 4.53 9.69 64.53
C GLU E 455 4.00 9.44 65.94
N LEU E 456 4.87 8.90 66.79
CA LEU E 456 4.54 8.62 68.18
C LEU E 456 5.65 9.18 69.07
N ALA E 457 5.33 10.22 69.84
CA ALA E 457 6.26 10.80 70.79
C ALA E 457 5.80 10.45 72.20
N ILE E 458 6.70 9.85 72.98
CA ILE E 458 6.41 9.43 74.35
C ILE E 458 7.30 10.22 75.29
N PHE E 459 6.68 10.98 76.19
CA PHE E 459 7.37 11.78 77.17
C PHE E 459 7.27 11.10 78.53
N ILE E 460 8.41 10.83 79.16
CA ILE E 460 8.47 10.07 80.40
C ILE E 460 8.99 10.98 81.51
N GLY E 461 8.29 10.97 82.64
CA GLY E 461 8.76 11.63 83.85
C GLY E 461 9.79 10.80 84.57
N ASP E 462 9.34 9.90 85.45
CA ASP E 462 10.23 9.03 86.22
C ASP E 462 10.50 7.77 85.41
N ALA E 463 11.60 7.76 84.67
CA ALA E 463 12.03 6.58 83.93
C ALA E 463 12.94 5.75 84.83
N HIS E 464 12.52 4.55 85.18
CA HIS E 464 13.27 3.75 86.15
C HIS E 464 13.43 2.32 85.68
N ILE E 465 14.44 1.67 86.25
CA ILE E 465 14.77 0.26 85.99
C ILE E 465 14.82 -0.46 87.33
N TYR E 466 14.01 -1.50 87.48
CA TYR E 466 14.01 -2.27 88.71
C TYR E 466 15.29 -3.10 88.82
N GLU E 467 15.81 -3.23 90.04
CA GLU E 467 17.12 -3.84 90.24
C GLU E 467 17.15 -5.34 89.94
N ASN E 468 15.98 -5.99 89.93
CA ASN E 468 15.92 -7.40 89.56
C ASN E 468 15.91 -7.62 88.06
N HIS E 469 15.97 -6.54 87.27
CA HIS E 469 16.01 -6.62 85.82
C HIS E 469 17.39 -6.33 85.25
N LEU E 470 18.35 -5.94 86.10
CA LEU E 470 19.64 -5.49 85.62
C LEU E 470 20.34 -6.58 84.79
N THR E 471 20.28 -7.83 85.27
CA THR E 471 20.88 -8.92 84.52
C THR E 471 20.18 -9.11 83.17
N GLN E 472 18.87 -8.93 83.14
CA GLN E 472 18.12 -9.16 81.91
C GLN E 472 18.34 -8.05 80.90
N LEU E 473 18.12 -6.80 81.32
CA LEU E 473 18.19 -5.67 80.40
C LEU E 473 19.57 -5.55 79.76
N LYS E 474 20.62 -5.79 80.55
CA LYS E 474 21.97 -5.80 79.99
C LYS E 474 22.06 -6.77 78.82
N GLU E 475 21.51 -7.98 79.00
CA GLU E 475 21.44 -8.94 77.89
C GLU E 475 20.73 -8.34 76.69
N GLN E 476 19.61 -7.66 76.92
CA GLN E 476 18.88 -7.05 75.81
C GLN E 476 19.72 -5.99 75.11
N LEU E 477 20.64 -5.36 75.83
CA LEU E 477 21.51 -4.35 75.24
C LEU E 477 22.65 -4.95 74.42
N SER E 478 22.81 -6.28 74.44
CA SER E 478 23.85 -6.95 73.69
C SER E 478 23.35 -7.46 72.34
N ARG E 479 22.11 -7.16 71.97
CA ARG E 479 21.48 -7.67 70.76
C ARG E 479 21.31 -6.53 69.76
N THR E 480 21.95 -6.66 68.60
CA THR E 480 21.85 -5.63 67.57
C THR E 480 20.42 -5.59 67.04
N PRO E 481 19.79 -4.41 67.00
CA PRO E 481 18.37 -4.35 66.62
C PRO E 481 18.14 -4.79 65.19
N ARG E 482 16.99 -5.41 64.98
CA ARG E 482 16.50 -5.81 63.67
C ARG E 482 15.37 -4.89 63.24
N PRO E 483 15.06 -4.82 61.94
CA PRO E 483 14.05 -3.87 61.48
C PRO E 483 12.69 -4.11 62.12
N PHE E 484 11.94 -3.03 62.27
CA PHE E 484 10.61 -3.10 62.85
C PHE E 484 9.69 -3.95 61.97
N PRO E 485 8.67 -4.57 62.56
CA PRO E 485 7.68 -5.28 61.74
C PRO E 485 6.63 -4.32 61.19
N GLN E 486 5.60 -4.87 60.56
CA GLN E 486 4.45 -4.10 60.09
C GLN E 486 3.20 -4.63 60.77
N LEU E 487 2.23 -3.74 60.98
CA LEU E 487 0.95 -4.12 61.58
C LEU E 487 -0.16 -3.64 60.66
N LYS E 488 -1.00 -4.57 60.21
CA LYS E 488 -2.09 -4.26 59.31
C LYS E 488 -3.42 -4.73 59.89
N PHE E 489 -4.49 -4.04 59.51
CA PHE E 489 -5.84 -4.39 59.93
C PHE E 489 -6.56 -5.11 58.80
N LYS E 490 -7.28 -6.19 59.15
CA LYS E 490 -7.92 -7.02 58.15
C LYS E 490 -9.25 -6.47 57.67
N ARG E 491 -9.86 -5.54 58.41
CA ARG E 491 -11.14 -4.98 57.99
C ARG E 491 -11.32 -3.60 58.61
N LYS E 492 -12.04 -2.74 57.90
CA LYS E 492 -12.38 -1.41 58.40
C LYS E 492 -13.65 -1.51 59.22
N VAL E 493 -13.57 -1.08 60.47
CA VAL E 493 -14.70 -1.20 61.40
C VAL E 493 -15.52 0.07 61.38
N GLU E 494 -16.80 -0.07 61.75
CA GLU E 494 -17.70 1.08 61.78
C GLU E 494 -17.57 1.85 63.08
N ASN E 495 -17.38 1.15 64.21
CA ASN E 495 -17.12 1.76 65.49
C ASN E 495 -15.82 1.21 66.07
N ILE E 496 -15.11 2.05 66.81
CA ILE E 496 -13.78 1.71 67.30
C ILE E 496 -13.81 0.51 68.25
N GLU E 497 -14.95 0.20 68.85
CA GLU E 497 -15.04 -0.92 69.77
C GLU E 497 -15.15 -2.27 69.08
N ASP E 498 -15.28 -2.29 67.75
CA ASP E 498 -15.51 -3.53 67.02
C ASP E 498 -14.24 -4.29 66.69
N PHE E 499 -13.07 -3.82 67.15
CA PHE E 499 -11.83 -4.51 66.83
C PHE E 499 -11.76 -5.85 67.54
N LYS E 500 -11.21 -6.85 66.84
CA LYS E 500 -11.00 -8.19 67.38
C LYS E 500 -9.57 -8.62 67.11
N TRP E 501 -9.12 -9.62 67.89
CA TRP E 501 -7.75 -10.08 67.75
C TRP E 501 -7.49 -10.71 66.39
N GLU E 502 -8.50 -11.33 65.79
CA GLU E 502 -8.33 -11.93 64.47
C GLU E 502 -8.17 -10.89 63.37
N ASP E 503 -8.43 -9.61 63.67
CA ASP E 503 -8.36 -8.55 62.67
C ASP E 503 -6.95 -8.00 62.48
N ILE E 504 -5.99 -8.42 63.30
CA ILE E 504 -4.63 -7.86 63.27
C ILE E 504 -3.69 -8.84 62.59
N GLU E 505 -2.90 -8.35 61.64
CA GLU E 505 -1.88 -9.13 60.96
C GLU E 505 -0.53 -8.50 61.25
N LEU E 506 0.36 -9.27 61.87
CA LEU E 506 1.72 -8.83 62.19
C LEU E 506 2.67 -9.44 61.18
N ILE E 507 3.33 -8.59 60.40
CA ILE E 507 4.09 -9.00 59.23
C ILE E 507 5.57 -8.75 59.47
N GLY E 508 6.39 -9.77 59.28
CA GLY E 508 7.83 -9.60 59.33
C GLY E 508 8.40 -9.28 60.70
N TYR E 509 7.89 -9.93 61.74
CA TYR E 509 8.38 -9.74 63.11
C TYR E 509 9.26 -10.93 63.46
N TYR E 510 10.58 -10.71 63.45
CA TYR E 510 11.56 -11.76 63.75
C TYR E 510 12.46 -11.29 64.89
N PRO E 511 11.93 -11.24 66.10
CA PRO E 511 12.69 -10.69 67.23
C PRO E 511 13.64 -11.72 67.84
N TYR E 512 14.51 -11.21 68.71
CA TYR E 512 15.32 -12.08 69.55
C TYR E 512 14.43 -12.77 70.58
N PRO E 513 14.88 -13.91 71.13
CA PRO E 513 14.04 -14.66 72.07
C PRO E 513 13.64 -13.82 73.26
N THR E 514 12.49 -14.17 73.84
CA THR E 514 11.94 -13.42 74.96
C THR E 514 12.85 -13.52 76.18
N ILE E 515 12.80 -12.49 77.02
CA ILE E 515 13.66 -12.36 78.21
C ILE E 515 12.75 -12.22 79.42
N LYS E 516 12.71 -13.26 80.26
CA LYS E 516 11.80 -13.28 81.39
C LYS E 516 12.18 -12.24 82.44
N MET E 517 11.17 -11.48 82.89
CA MET E 517 11.35 -10.45 83.91
C MET E 517 10.11 -10.41 84.81
N ASP E 518 10.34 -10.37 86.11
CA ASP E 518 9.25 -10.41 87.09
C ASP E 518 8.69 -9.02 87.36
N MET E 519 7.35 -8.94 87.40
CA MET E 519 6.68 -7.69 87.70
C MET E 519 6.70 -7.40 89.19
N ALA E 520 7.02 -6.16 89.55
CA ALA E 520 6.98 -5.70 90.93
C ALA E 520 5.59 -5.14 91.22
N VAL E 521 4.82 -5.85 92.02
CA VAL E 521 3.45 -5.43 92.32
C VAL E 521 3.44 -4.31 93.34
#